data_3WKR
#
_entry.id   3WKR
#
_cell.length_a   106.880
_cell.length_b   106.880
_cell.length_c   495.253
_cell.angle_alpha   90.000
_cell.angle_beta   90.000
_cell.angle_gamma   120.000
#
_symmetry.space_group_name_H-M   'P 65'
#
loop_
_entity.id
_entity.type
_entity.pdbx_description
1 polymer 'O-phospho-L-seryl-tRNA:Cys-tRNA synthase'
2 polymer 'Uncharacterized protein MJ1481'
3 water water
#
loop_
_entity_poly.entity_id
_entity_poly.type
_entity_poly.pdbx_seq_one_letter_code
_entity_poly.pdbx_strand_id
1 'polypeptide(L)'
;MGSSHHHHHHSSGLVPRGSHMELEGPYSKKFEVITLDINLDKYKNLTRSLTREFINLNPIQRGGILPKEAKKAVYEYWDG
YSVCDYCHGRLDEVTCPPIKDFLEDIAKFLNMDCARPTHGAREGKFIVMHAICKEGDYVVLDKNAHYTSYVAAERAKLNV
AEVGYEEEYPTYKINLEGYKEVIDNLEDKGKNVGLILLTHVDGEYGNLNDAKKVGKIAKEKGIPFLLNCAYTVGRMPVNG
KEVKADFIVASGH(LLP)SMAASAPCGILAFSEEFSDKITKTSEKFPVKEIEMLGCTSRGLPIVTLMASFPHVVERVKKW
DEELKKTRYVVDELEKIGFKQLGIKPKEHDLIKFETPVLDEIAKKDKRRGFFFYDELKKRGIGGIRAGVTKEIKMSVYGL
EWEQVEYVVNAIKEIVESCK
;
A,B,E,F
2 'polypeptide(L)'
;MNHMRVEYSKDLIRKGISTISQLKKAKIRVEKDDKKISYKDAKPGKIDVNEFKKAIYLLIEADDFLYKKAPKHELNEEEA
KEFCKLIIKCQEHLNKILANFGFEFEEKEIDEGALYIVSNKKLFKKLKNKNPNLKVVCTEGMLDIEDMRAIGVPEKALEG
LKKKVEIARKNVERFIEKYKPEKIFVVVEDDKDELLYLRAKNLYNAEKLDADEILD
;
C,D,G,H
#
# COMPACT_ATOMS: atom_id res chain seq x y z
N ILE A 38 44.97 -7.45 -18.36
CA ILE A 38 44.93 -6.58 -17.19
C ILE A 38 45.44 -5.18 -17.54
N ASN A 39 44.53 -4.34 -18.02
CA ASN A 39 44.88 -2.99 -18.46
C ASN A 39 44.97 -1.99 -17.30
N LEU A 40 43.82 -1.51 -16.85
CA LEU A 40 43.73 -0.55 -15.74
C LEU A 40 44.45 0.77 -16.04
N ASP A 41 44.56 1.11 -17.32
CA ASP A 41 45.26 2.33 -17.71
C ASP A 41 44.31 3.44 -18.16
N LYS A 42 43.18 3.06 -18.75
CA LYS A 42 42.20 4.02 -19.21
C LYS A 42 41.12 4.29 -18.15
N TYR A 43 41.48 4.10 -16.89
CA TYR A 43 40.52 4.32 -15.80
C TYR A 43 41.12 5.21 -14.71
N LYS A 44 42.41 5.46 -14.79
CA LYS A 44 43.09 6.28 -13.80
C LYS A 44 43.16 7.75 -14.23
N ASN A 45 43.42 7.98 -15.52
CA ASN A 45 43.53 9.32 -16.05
C ASN A 45 42.22 9.81 -16.67
N LEU A 46 41.12 9.22 -16.23
CA LEU A 46 39.81 9.53 -16.79
C LEU A 46 39.28 10.88 -16.30
N THR A 47 39.63 11.23 -15.06
CA THR A 47 39.16 12.47 -14.45
C THR A 47 39.72 13.69 -15.17
N ARG A 48 39.20 13.96 -16.37
CA ARG A 48 39.65 15.09 -17.16
C ARG A 48 38.63 15.40 -18.26
N SER A 49 38.14 16.63 -18.28
CA SER A 49 37.16 17.05 -19.27
C SER A 49 37.24 18.54 -19.55
N LEU A 50 36.44 19.00 -20.50
CA LEU A 50 36.41 20.41 -20.88
C LEU A 50 35.04 21.01 -20.60
N THR A 51 34.40 20.52 -19.55
CA THR A 51 33.04 20.93 -19.20
C THR A 51 33.02 22.36 -18.63
N ARG A 52 34.17 22.81 -18.12
CA ARG A 52 34.27 24.13 -17.52
C ARG A 52 35.18 25.05 -18.33
N GLU A 53 36.01 24.45 -19.17
CA GLU A 53 36.98 25.21 -19.95
C GLU A 53 36.44 25.52 -21.35
N PHE A 54 35.28 24.96 -21.67
CA PHE A 54 34.68 25.15 -22.99
C PHE A 54 33.18 25.43 -22.87
N ILE A 55 32.63 26.06 -23.90
CA ILE A 55 31.19 26.30 -23.96
C ILE A 55 30.50 25.20 -24.75
N ASN A 56 29.69 24.41 -24.07
CA ASN A 56 28.98 23.31 -24.71
C ASN A 56 27.70 23.77 -25.38
N LEU A 57 27.62 23.61 -26.69
CA LEU A 57 26.44 24.02 -27.46
C LEU A 57 25.54 22.84 -27.78
N ASN A 58 25.95 21.65 -27.37
CA ASN A 58 25.20 20.43 -27.63
C ASN A 58 23.80 20.48 -27.02
N PRO A 59 22.76 20.43 -27.87
CA PRO A 59 21.35 20.54 -27.48
C PRO A 59 20.92 19.49 -26.47
N ILE A 60 21.52 18.30 -26.53
CA ILE A 60 21.10 17.19 -25.67
C ILE A 60 21.60 17.35 -24.23
N GLN A 61 22.36 18.41 -23.98
CA GLN A 61 22.95 18.61 -22.66
C GLN A 61 22.80 20.04 -22.14
N ARG A 62 22.07 20.87 -22.87
CA ARG A 62 21.88 22.27 -22.46
C ARG A 62 20.95 22.37 -21.25
N GLY A 63 19.82 21.68 -21.31
CA GLY A 63 18.85 21.71 -20.23
C GLY A 63 19.12 20.66 -19.18
N GLY A 64 20.27 20.02 -19.26
CA GLY A 64 20.64 18.98 -18.32
C GLY A 64 21.83 19.34 -17.46
N ILE A 65 22.19 20.62 -17.45
CA ILE A 65 23.31 21.09 -16.66
C ILE A 65 22.92 21.31 -15.19
N LEU A 66 23.63 20.62 -14.30
CA LEU A 66 23.33 20.70 -12.88
C LEU A 66 23.66 22.07 -12.29
N PRO A 67 22.68 22.67 -11.58
CA PRO A 67 22.91 23.93 -10.87
C PRO A 67 23.72 23.68 -9.60
N LYS A 68 24.16 24.74 -8.93
CA LYS A 68 24.94 24.59 -7.71
C LYS A 68 24.11 23.97 -6.58
N GLU A 69 22.79 23.96 -6.76
CA GLU A 69 21.89 23.35 -5.80
C GLU A 69 22.07 21.84 -5.80
N ALA A 70 21.96 21.24 -6.98
CA ALA A 70 22.09 19.80 -7.13
C ALA A 70 23.51 19.33 -6.85
N LYS A 71 24.49 20.17 -7.18
CA LYS A 71 25.90 19.85 -6.96
C LYS A 71 26.18 19.62 -5.48
N LYS A 72 25.49 20.37 -4.62
CA LYS A 72 25.61 20.18 -3.18
C LYS A 72 24.88 18.91 -2.76
N ALA A 73 23.76 18.63 -3.42
CA ALA A 73 22.99 17.41 -3.16
C ALA A 73 23.75 16.19 -3.66
N VAL A 74 24.55 16.39 -4.70
CA VAL A 74 25.42 15.33 -5.21
C VAL A 74 26.44 14.94 -4.16
N TYR A 75 27.05 15.95 -3.54
CA TYR A 75 28.03 15.73 -2.48
C TYR A 75 27.44 14.95 -1.31
N GLU A 76 26.22 15.29 -0.92
CA GLU A 76 25.55 14.65 0.20
C GLU A 76 25.15 13.21 -0.10
N TYR A 77 24.78 12.95 -1.36
CA TYR A 77 24.26 11.63 -1.73
C TYR A 77 24.99 10.98 -2.90
N TRP A 78 26.32 10.97 -2.86
CA TRP A 78 27.09 10.20 -3.83
C TRP A 78 27.45 8.82 -3.28
N ASP A 79 26.70 8.39 -2.28
CA ASP A 79 26.79 7.04 -1.72
C ASP A 79 25.57 6.76 -0.85
N GLY A 80 24.88 5.66 -1.14
CA GLY A 80 23.69 5.30 -0.40
C GLY A 80 22.45 6.04 -0.87
N PRO A 98 11.87 12.93 0.34
CA PRO A 98 10.53 13.40 -0.02
C PRO A 98 10.13 12.95 -1.41
N ILE A 99 10.43 11.70 -1.75
CA ILE A 99 10.09 11.15 -3.06
C ILE A 99 8.59 11.06 -3.25
N LYS A 100 7.88 10.62 -2.21
CA LYS A 100 6.43 10.47 -2.28
C LYS A 100 5.72 11.82 -2.40
N ASP A 101 6.35 12.86 -1.88
CA ASP A 101 5.79 14.21 -1.97
C ASP A 101 6.18 14.86 -3.29
N PHE A 102 7.30 14.41 -3.85
CA PHE A 102 7.78 14.94 -5.12
C PHE A 102 6.92 14.44 -6.28
N LEU A 103 6.44 13.20 -6.16
CA LEU A 103 5.60 12.61 -7.21
C LEU A 103 4.24 13.30 -7.29
N GLU A 104 3.82 13.90 -6.18
CA GLU A 104 2.56 14.62 -6.15
C GLU A 104 2.73 16.02 -6.74
N ASP A 105 3.86 16.65 -6.43
CA ASP A 105 4.15 17.99 -6.92
C ASP A 105 4.49 18.00 -8.41
N ILE A 106 5.14 16.93 -8.88
CA ILE A 106 5.46 16.79 -10.30
C ILE A 106 4.18 16.46 -11.08
N ALA A 107 3.18 15.97 -10.36
CA ALA A 107 1.88 15.69 -10.96
C ALA A 107 1.08 16.97 -11.11
N LYS A 108 1.31 17.91 -10.20
CA LYS A 108 0.69 19.22 -10.27
C LYS A 108 1.45 20.11 -11.24
N PHE A 109 2.73 19.80 -11.42
CA PHE A 109 3.59 20.58 -12.31
C PHE A 109 3.25 20.32 -13.77
N LEU A 110 2.65 19.16 -14.05
CA LEU A 110 2.27 18.80 -15.41
C LEU A 110 0.76 18.67 -15.55
N ASN A 111 0.04 19.04 -14.50
CA ASN A 111 -1.42 18.94 -14.46
C ASN A 111 -1.91 17.54 -14.82
N MET A 112 -1.30 16.54 -14.19
CA MET A 112 -1.63 15.14 -14.45
C MET A 112 -2.13 14.48 -13.17
N ASP A 113 -2.79 13.34 -13.33
CA ASP A 113 -3.33 12.62 -12.19
C ASP A 113 -2.24 11.94 -11.36
N CYS A 114 -1.45 11.09 -12.01
CA CYS A 114 -0.37 10.38 -11.33
C CYS A 114 0.97 10.57 -12.03
N ALA A 115 2.04 10.10 -11.39
CA ALA A 115 3.38 10.22 -11.95
C ALA A 115 4.36 9.23 -11.31
N ARG A 116 5.20 8.61 -12.13
CA ARG A 116 6.19 7.65 -11.65
C ARG A 116 7.58 7.98 -12.17
N PRO A 117 8.62 7.68 -11.37
CA PRO A 117 10.01 7.91 -11.78
C PRO A 117 10.53 6.82 -12.72
N THR A 118 11.27 7.22 -13.75
CA THR A 118 11.86 6.27 -14.68
C THR A 118 13.33 6.60 -14.93
N HIS A 119 13.96 5.82 -15.80
CA HIS A 119 15.36 6.06 -16.17
C HIS A 119 15.43 6.71 -17.55
N GLY A 120 14.77 7.86 -17.69
CA GLY A 120 14.74 8.57 -18.94
C GLY A 120 13.43 8.38 -19.67
N ALA A 121 13.24 9.14 -20.75
CA ALA A 121 12.04 9.00 -21.59
C ALA A 121 12.11 7.69 -22.37
N ARG A 122 13.31 7.10 -22.40
CA ARG A 122 13.55 5.83 -23.05
C ARG A 122 12.77 4.72 -22.36
N GLU A 123 12.85 4.70 -21.04
CA GLU A 123 12.18 3.68 -20.23
C GLU A 123 10.68 3.93 -20.13
N GLY A 124 10.31 5.17 -19.85
CA GLY A 124 8.92 5.54 -19.67
C GLY A 124 8.03 5.22 -20.84
N LYS A 125 8.58 5.33 -22.05
CA LYS A 125 7.82 5.00 -23.26
C LYS A 125 7.67 3.50 -23.44
N PHE A 126 8.54 2.73 -22.79
CA PHE A 126 8.42 1.27 -22.82
C PHE A 126 7.45 0.78 -21.76
N ILE A 127 7.31 1.57 -20.69
CA ILE A 127 6.40 1.23 -19.59
C ILE A 127 4.95 1.24 -20.07
N VAL A 128 4.62 2.19 -20.94
CA VAL A 128 3.26 2.31 -21.46
C VAL A 128 2.99 1.31 -22.59
N MET A 129 4.03 1.01 -23.37
CA MET A 129 3.89 0.10 -24.51
C MET A 129 3.85 -1.38 -24.11
N HIS A 130 4.32 -1.68 -22.90
CA HIS A 130 4.39 -3.06 -22.44
C HIS A 130 3.20 -3.44 -21.57
N ALA A 131 2.51 -2.44 -21.04
CA ALA A 131 1.41 -2.68 -20.12
C ALA A 131 0.03 -2.42 -20.73
N ILE A 132 0.02 -1.76 -21.88
CA ILE A 132 -1.24 -1.39 -22.53
C ILE A 132 -1.47 -2.14 -23.85
N CYS A 133 -0.45 -2.12 -24.70
CA CYS A 133 -0.57 -2.70 -26.05
C CYS A 133 -0.41 -4.22 -26.05
N LYS A 134 -0.87 -4.84 -27.13
CA LYS A 134 -0.73 -6.29 -27.31
C LYS A 134 0.44 -6.57 -28.24
N GLU A 135 0.86 -7.82 -28.28
CA GLU A 135 1.95 -8.22 -29.18
C GLU A 135 1.48 -8.19 -30.64
N GLY A 136 1.62 -7.05 -31.28
CA GLY A 136 1.24 -6.91 -32.67
C GLY A 136 0.48 -5.62 -32.98
N ASP A 137 0.15 -4.87 -31.93
CA ASP A 137 -0.59 -3.62 -32.09
C ASP A 137 0.26 -2.55 -32.78
N TYR A 138 -0.42 -1.67 -33.51
CA TYR A 138 0.25 -0.58 -34.23
C TYR A 138 0.38 0.67 -33.36
N VAL A 139 1.52 1.33 -33.44
CA VAL A 139 1.74 2.59 -32.74
C VAL A 139 2.00 3.70 -33.75
N VAL A 140 1.03 4.59 -33.91
CA VAL A 140 1.13 5.67 -34.88
C VAL A 140 1.85 6.89 -34.32
N LEU A 141 2.98 7.24 -34.93
CA LEU A 141 3.78 8.37 -34.48
C LEU A 141 4.17 9.30 -35.64
N ASP A 142 4.70 10.47 -35.30
CA ASP A 142 5.13 11.44 -36.30
C ASP A 142 6.46 11.01 -36.93
N LYS A 143 6.75 11.55 -38.11
CA LYS A 143 7.93 11.17 -38.87
C LYS A 143 9.21 11.78 -38.29
N ASN A 144 9.05 12.68 -37.34
CA ASN A 144 10.20 13.30 -36.67
C ASN A 144 10.42 12.72 -35.28
N ALA A 145 10.10 11.45 -35.12
CA ALA A 145 10.19 10.79 -33.82
C ALA A 145 11.63 10.43 -33.46
N HIS A 146 11.89 10.31 -32.17
CA HIS A 146 13.21 9.92 -31.68
C HIS A 146 13.42 8.43 -31.93
N TYR A 147 14.67 8.01 -31.99
CA TYR A 147 14.99 6.61 -32.29
C TYR A 147 14.55 5.68 -31.16
N THR A 148 14.40 6.25 -29.97
CA THR A 148 13.99 5.47 -28.80
C THR A 148 12.51 5.07 -28.90
N SER A 149 11.79 5.71 -29.80
CA SER A 149 10.37 5.41 -29.99
C SER A 149 10.17 4.17 -30.87
N TYR A 150 11.13 3.94 -31.76
CA TYR A 150 11.07 2.79 -32.66
C TYR A 150 11.58 1.53 -31.96
N VAL A 151 12.50 1.71 -31.01
CA VAL A 151 13.11 0.59 -30.31
C VAL A 151 12.23 0.10 -29.16
N ALA A 152 11.69 1.04 -28.40
CA ALA A 152 10.82 0.71 -27.26
C ALA A 152 9.56 0.00 -27.73
N ALA A 153 9.15 0.27 -28.97
CA ALA A 153 7.99 -0.38 -29.56
C ALA A 153 8.36 -1.79 -30.04
N GLU A 154 9.58 -1.92 -30.54
CA GLU A 154 10.06 -3.21 -31.03
C GLU A 154 10.43 -4.12 -29.87
N ARG A 155 10.75 -3.53 -28.72
CA ARG A 155 11.03 -4.31 -27.52
C ARG A 155 9.73 -4.85 -26.95
N ALA A 156 8.65 -4.10 -27.12
CA ALA A 156 7.33 -4.57 -26.70
C ALA A 156 6.66 -5.34 -27.84
N LYS A 157 7.43 -5.60 -28.89
CA LYS A 157 6.96 -6.33 -30.06
C LYS A 157 5.75 -5.67 -30.72
N LEU A 158 5.89 -4.38 -31.05
CA LEU A 158 4.80 -3.63 -31.66
C LEU A 158 5.13 -3.27 -33.11
N ASN A 159 4.14 -2.74 -33.82
CA ASN A 159 4.34 -2.26 -35.19
C ASN A 159 4.34 -0.74 -35.23
N VAL A 160 5.01 -0.17 -36.23
CA VAL A 160 5.15 1.27 -36.32
C VAL A 160 4.52 1.86 -37.58
N ALA A 161 3.64 2.84 -37.40
CA ALA A 161 3.04 3.56 -38.51
C ALA A 161 3.40 5.03 -38.42
N GLU A 162 4.03 5.56 -39.48
CA GLU A 162 4.53 6.92 -39.47
C GLU A 162 3.52 7.92 -40.06
N VAL A 163 3.55 9.15 -39.56
CA VAL A 163 2.70 10.21 -40.07
C VAL A 163 3.52 11.17 -40.93
N GLY A 164 3.05 11.41 -42.16
CA GLY A 164 3.77 12.26 -43.10
C GLY A 164 3.86 13.71 -42.67
N TYR A 165 4.70 14.47 -43.37
CA TYR A 165 4.90 15.88 -43.09
C TYR A 165 3.75 16.72 -43.62
N GLU A 166 3.62 17.93 -43.09
CA GLU A 166 2.71 18.92 -43.65
C GLU A 166 3.48 19.66 -44.73
N GLU A 167 4.81 19.61 -44.62
CA GLU A 167 5.72 20.23 -45.58
C GLU A 167 7.13 19.75 -45.25
N GLU A 168 7.92 19.45 -46.28
CA GLU A 168 9.30 19.03 -46.05
C GLU A 168 10.24 20.23 -45.90
N TYR A 169 11.21 20.34 -46.80
CA TYR A 169 12.17 21.45 -46.75
C TYR A 169 11.47 22.79 -46.96
N PRO A 170 11.83 23.79 -46.14
CA PRO A 170 12.79 23.67 -45.04
C PRO A 170 12.10 23.65 -43.67
N THR A 171 10.79 23.42 -43.66
CA THR A 171 10.02 23.48 -42.42
C THR A 171 10.02 22.14 -41.68
N TYR A 172 9.77 21.07 -42.42
CA TYR A 172 9.66 19.72 -41.84
C TYR A 172 8.64 19.66 -40.71
N LYS A 173 7.53 20.34 -40.90
CA LYS A 173 6.44 20.36 -39.92
C LYS A 173 5.55 19.13 -40.08
N ILE A 174 5.22 18.49 -38.97
CA ILE A 174 4.39 17.28 -38.99
C ILE A 174 2.92 17.61 -39.23
N ASN A 175 2.33 16.95 -40.22
CA ASN A 175 0.91 17.09 -40.49
C ASN A 175 0.07 16.43 -39.39
N LEU A 176 -0.31 17.22 -38.40
CA LEU A 176 -1.05 16.70 -37.25
C LEU A 176 -2.43 16.19 -37.63
N GLU A 177 -3.00 16.76 -38.68
CA GLU A 177 -4.29 16.31 -39.19
C GLU A 177 -4.16 14.95 -39.87
N GLY A 178 -2.93 14.60 -40.23
CA GLY A 178 -2.65 13.32 -40.86
C GLY A 178 -2.76 12.15 -39.91
N TYR A 179 -2.76 12.44 -38.62
CA TYR A 179 -2.89 11.41 -37.59
C TYR A 179 -4.19 10.65 -37.73
N LYS A 180 -5.27 11.37 -38.03
CA LYS A 180 -6.58 10.76 -38.19
C LYS A 180 -6.61 9.84 -39.41
N GLU A 181 -5.87 10.22 -40.45
CA GLU A 181 -5.85 9.46 -41.69
C GLU A 181 -5.07 8.15 -41.56
N VAL A 182 -3.94 8.20 -40.87
CA VAL A 182 -3.11 7.02 -40.66
C VAL A 182 -3.86 5.96 -39.84
N ILE A 183 -4.62 6.41 -38.85
CA ILE A 183 -5.42 5.52 -38.02
C ILE A 183 -6.44 4.74 -38.85
N ASP A 184 -7.14 5.44 -39.74
CA ASP A 184 -8.16 4.82 -40.58
C ASP A 184 -7.55 3.81 -41.56
N ASN A 185 -6.34 4.10 -42.04
CA ASN A 185 -5.68 3.23 -43.00
C ASN A 185 -5.21 1.92 -42.38
N LEU A 186 -5.15 1.88 -41.05
CA LEU A 186 -4.75 0.68 -40.34
C LEU A 186 -5.95 -0.08 -39.80
N GLU A 187 -6.98 0.64 -39.38
CA GLU A 187 -8.19 0.02 -38.86
C GLU A 187 -9.00 -0.66 -39.95
N ASP A 188 -8.94 -0.12 -41.16
CA ASP A 188 -9.66 -0.70 -42.30
C ASP A 188 -8.98 -1.99 -42.78
N LYS A 189 -7.69 -2.11 -42.49
CA LYS A 189 -6.94 -3.31 -42.87
C LYS A 189 -6.99 -4.36 -41.76
N GLY A 190 -7.82 -4.12 -40.77
CA GLY A 190 -8.01 -5.06 -39.68
C GLY A 190 -7.02 -4.87 -38.54
N LYS A 191 -5.95 -4.13 -38.80
CA LYS A 191 -4.92 -3.89 -37.80
C LYS A 191 -5.47 -3.09 -36.62
N ASN A 192 -5.04 -3.43 -35.41
CA ASN A 192 -5.54 -2.78 -34.21
C ASN A 192 -4.55 -1.76 -33.66
N VAL A 193 -5.02 -0.53 -33.47
CA VAL A 193 -4.19 0.54 -32.94
C VAL A 193 -4.21 0.52 -31.41
N GLY A 194 -3.03 0.58 -30.80
CA GLY A 194 -2.91 0.49 -29.36
C GLY A 194 -2.44 1.76 -28.68
N LEU A 195 -1.66 2.57 -29.41
CA LEU A 195 -1.10 3.78 -28.82
C LEU A 195 -0.81 4.85 -29.88
N ILE A 196 -1.10 6.10 -29.53
CA ILE A 196 -0.79 7.24 -30.40
C ILE A 196 0.34 8.06 -29.79
N LEU A 197 1.51 8.03 -30.42
CA LEU A 197 2.66 8.77 -29.92
C LEU A 197 2.86 10.07 -30.69
N LEU A 198 3.19 11.13 -29.97
CA LEU A 198 3.48 12.42 -30.58
C LEU A 198 4.65 13.10 -29.89
N THR A 199 5.75 13.28 -30.62
CA THR A 199 6.89 14.01 -30.10
C THR A 199 6.56 15.50 -30.09
N HIS A 200 6.52 16.07 -28.89
CA HIS A 200 6.18 17.48 -28.72
C HIS A 200 7.19 18.37 -29.45
N VAL A 201 8.47 18.14 -29.18
CA VAL A 201 9.55 18.82 -29.89
C VAL A 201 10.57 17.81 -30.37
N ASP A 202 10.70 17.67 -31.69
CA ASP A 202 11.63 16.72 -32.27
C ASP A 202 13.08 17.10 -31.99
N GLY A 203 13.98 16.11 -32.05
CA GLY A 203 15.37 16.34 -31.74
C GLY A 203 16.24 16.53 -32.96
N GLU A 204 15.63 16.93 -34.07
CA GLU A 204 16.37 17.16 -35.31
C GLU A 204 16.33 18.63 -35.72
N TYR A 205 15.13 19.20 -35.71
CA TYR A 205 14.96 20.60 -36.10
C TYR A 205 14.48 21.43 -34.91
N GLY A 206 13.85 20.77 -33.95
CA GLY A 206 13.33 21.46 -32.78
C GLY A 206 12.01 22.15 -33.08
N ASN A 207 11.09 21.42 -33.69
CA ASN A 207 9.79 21.98 -34.05
C ASN A 207 8.70 21.65 -33.03
N LEU A 208 8.15 22.69 -32.42
CA LEU A 208 7.08 22.53 -31.45
C LEU A 208 5.74 22.31 -32.15
N ASN A 209 5.08 21.21 -31.81
CA ASN A 209 3.80 20.87 -32.42
C ASN A 209 2.64 21.06 -31.45
N ASP A 210 1.46 21.35 -31.99
CA ASP A 210 0.27 21.54 -31.18
C ASP A 210 -0.29 20.19 -30.74
N ALA A 211 0.04 19.80 -29.51
CA ALA A 211 -0.38 18.51 -28.97
C ALA A 211 -1.88 18.45 -28.71
N LYS A 212 -2.54 19.60 -28.77
CA LYS A 212 -3.98 19.67 -28.55
C LYS A 212 -4.75 19.13 -29.76
N LYS A 213 -4.14 19.22 -30.93
CA LYS A 213 -4.74 18.71 -32.15
C LYS A 213 -4.79 17.18 -32.15
N VAL A 214 -3.64 16.57 -31.93
CA VAL A 214 -3.55 15.12 -31.87
C VAL A 214 -4.25 14.60 -30.62
N GLY A 215 -4.36 15.47 -29.61
CA GLY A 215 -5.06 15.14 -28.39
C GLY A 215 -6.55 14.94 -28.61
N LYS A 216 -7.14 15.81 -29.43
CA LYS A 216 -8.56 15.70 -29.76
C LYS A 216 -8.84 14.46 -30.60
N ILE A 217 -8.00 14.22 -31.60
CA ILE A 217 -8.14 13.07 -32.48
C ILE A 217 -8.00 11.77 -31.68
N ALA A 218 -7.11 11.77 -30.70
CA ALA A 218 -6.91 10.61 -29.85
C ALA A 218 -8.10 10.38 -28.93
N LYS A 219 -8.82 11.46 -28.63
CA LYS A 219 -9.99 11.38 -27.76
C LYS A 219 -11.23 10.93 -28.53
N GLU A 220 -11.27 11.28 -29.82
CA GLU A 220 -12.39 10.91 -30.68
C GLU A 220 -12.38 9.42 -31.02
N LYS A 221 -11.18 8.90 -31.29
CA LYS A 221 -11.03 7.50 -31.66
C LYS A 221 -10.99 6.60 -30.43
N GLY A 222 -10.70 7.20 -29.27
CA GLY A 222 -10.65 6.46 -28.02
C GLY A 222 -9.34 5.74 -27.80
N ILE A 223 -8.32 6.16 -28.54
CA ILE A 223 -6.99 5.55 -28.44
C ILE A 223 -6.12 6.35 -27.48
N PRO A 224 -5.44 5.66 -26.55
CA PRO A 224 -4.52 6.27 -25.59
C PRO A 224 -3.50 7.20 -26.25
N PHE A 225 -3.26 8.36 -25.64
CA PHE A 225 -2.36 9.34 -26.22
C PHE A 225 -1.11 9.55 -25.37
N LEU A 226 0.04 9.28 -25.97
CA LEU A 226 1.33 9.48 -25.30
C LEU A 226 2.04 10.70 -25.87
N LEU A 227 2.40 11.63 -24.98
CA LEU A 227 3.06 12.85 -25.40
C LEU A 227 4.53 12.85 -24.97
N ASN A 228 5.42 12.81 -25.96
CA ASN A 228 6.85 12.81 -25.71
C ASN A 228 7.38 14.21 -25.40
N CYS A 229 7.65 14.46 -24.12
CA CYS A 229 8.11 15.77 -23.68
C CYS A 229 9.54 15.73 -23.16
N ALA A 230 10.43 15.10 -23.92
CA ALA A 230 11.83 15.02 -23.53
C ALA A 230 12.53 16.37 -23.72
N TYR A 231 12.11 17.10 -24.74
CA TYR A 231 12.65 18.42 -25.03
C TYR A 231 11.67 19.51 -24.63
N THR A 232 10.65 19.13 -23.86
CA THR A 232 9.57 20.06 -23.54
C THR A 232 9.43 20.31 -22.04
N VAL A 233 9.12 19.25 -21.27
CA VAL A 233 8.97 19.40 -19.83
C VAL A 233 10.30 19.78 -19.17
N GLY A 234 10.30 20.92 -18.48
CA GLY A 234 11.49 21.41 -17.82
C GLY A 234 11.99 22.71 -18.42
N ARG A 235 11.72 22.90 -19.71
CA ARG A 235 12.08 24.13 -20.40
C ARG A 235 10.88 25.08 -20.43
N MET A 236 9.74 24.54 -20.81
CA MET A 236 8.51 25.33 -20.96
C MET A 236 7.38 24.70 -20.14
N PRO A 237 6.37 25.51 -19.78
CA PRO A 237 5.23 24.98 -19.02
C PRO A 237 4.40 24.00 -19.83
N VAL A 238 4.01 22.90 -19.20
CA VAL A 238 3.25 21.86 -19.87
C VAL A 238 1.95 21.52 -19.14
N ASN A 239 0.83 21.60 -19.87
CA ASN A 239 -0.46 21.24 -19.32
C ASN A 239 -0.94 19.91 -19.88
N GLY A 240 -1.07 18.90 -19.02
CA GLY A 240 -1.43 17.57 -19.45
C GLY A 240 -2.87 17.40 -19.87
N LYS A 241 -3.79 17.90 -19.07
CA LYS A 241 -5.22 17.73 -19.33
C LYS A 241 -5.72 18.62 -20.46
N GLU A 242 -5.05 19.75 -20.67
CA GLU A 242 -5.47 20.68 -21.71
C GLU A 242 -5.16 20.16 -23.11
N VAL A 243 -4.01 19.52 -23.26
CA VAL A 243 -3.61 18.93 -24.54
C VAL A 243 -4.26 17.56 -24.73
N LYS A 244 -5.14 17.21 -23.80
CA LYS A 244 -5.86 15.93 -23.81
C LYS A 244 -4.91 14.74 -23.90
N ALA A 245 -3.92 14.71 -23.01
CA ALA A 245 -2.96 13.63 -22.98
C ALA A 245 -3.31 12.61 -21.90
N ASP A 246 -2.98 11.35 -22.16
CA ASP A 246 -3.20 10.28 -21.20
C ASP A 246 -1.87 9.81 -20.63
N PHE A 247 -0.80 10.05 -21.38
CA PHE A 247 0.55 9.68 -20.95
C PHE A 247 1.55 10.77 -21.35
N ILE A 248 2.45 11.10 -20.44
CA ILE A 248 3.48 12.11 -20.70
C ILE A 248 4.85 11.65 -20.17
N VAL A 249 5.82 11.56 -21.07
CA VAL A 249 7.17 11.19 -20.68
C VAL A 249 8.11 12.39 -20.74
N ALA A 250 9.08 12.44 -19.83
CA ALA A 250 10.01 13.56 -19.76
C ALA A 250 11.40 13.10 -19.32
N SER A 251 12.43 13.66 -19.93
CA SER A 251 13.80 13.30 -19.58
C SER A 251 14.37 14.28 -18.55
N GLY A 252 15.07 13.73 -17.55
CA GLY A 252 15.64 14.54 -16.50
C GLY A 252 17.04 15.04 -16.83
N HIS A 253 17.76 14.28 -17.65
CA HIS A 253 19.13 14.63 -18.00
C HIS A 253 19.20 15.38 -19.33
N1 LLP A 254 12.93 12.23 -27.48
C2 LLP A 254 13.80 13.17 -27.99
C2' LLP A 254 13.33 14.10 -29.07
C3 LLP A 254 15.10 13.26 -27.51
O3 LLP A 254 15.86 14.10 -27.97
C4 LLP A 254 15.52 12.39 -26.51
C4' LLP A 254 16.94 12.49 -25.99
C5 LLP A 254 14.65 11.44 -25.99
C6 LLP A 254 13.35 11.36 -26.49
C5' LLP A 254 15.08 10.48 -24.92
OP4 LLP A 254 15.85 10.96 -23.79
P LLP A 254 16.52 9.92 -22.76
OP1 LLP A 254 16.33 8.60 -23.42
OP2 LLP A 254 17.93 10.36 -22.67
OP3 LLP A 254 15.72 10.09 -21.53
N LLP A 254 18.05 15.68 -19.90
CA LLP A 254 17.99 16.39 -21.18
CB LLP A 254 17.29 15.52 -22.23
CG LLP A 254 17.06 16.23 -23.56
CD LLP A 254 16.64 15.26 -24.65
CE LLP A 254 17.83 14.46 -25.16
NZ LLP A 254 17.49 13.64 -26.36
C LLP A 254 17.29 17.74 -21.03
O LLP A 254 17.64 18.71 -21.71
N SER A 255 16.30 17.81 -20.15
CA SER A 255 15.52 19.05 -19.99
C SER A 255 15.13 19.38 -18.56
N MET A 256 15.59 18.59 -17.59
CA MET A 256 15.25 18.85 -16.19
C MET A 256 16.46 19.02 -15.29
N ALA A 257 17.59 19.37 -15.89
CA ALA A 257 18.81 19.71 -15.14
C ALA A 257 19.27 18.65 -14.15
N ALA A 258 19.26 17.39 -14.59
CA ALA A 258 19.71 16.28 -13.75
C ALA A 258 20.80 15.48 -14.46
N SER A 259 21.27 14.43 -13.80
CA SER A 259 22.28 13.55 -14.39
C SER A 259 21.64 12.26 -14.89
N ALA A 260 22.16 11.74 -16.00
CA ALA A 260 21.62 10.52 -16.59
C ALA A 260 21.96 9.29 -15.75
N PRO A 261 21.07 8.29 -15.73
CA PRO A 261 19.76 8.28 -16.38
C PRO A 261 18.65 8.81 -15.49
N CYS A 262 17.87 9.75 -16.00
CA CYS A 262 16.79 10.35 -15.23
C CYS A 262 15.59 10.66 -16.12
N GLY A 263 14.39 10.33 -15.62
CA GLY A 263 13.17 10.53 -16.39
C GLY A 263 11.91 10.53 -15.54
N ILE A 264 10.80 10.91 -16.16
CA ILE A 264 9.51 10.99 -15.49
C ILE A 264 8.39 10.46 -16.39
N LEU A 265 7.52 9.63 -15.81
CA LEU A 265 6.35 9.13 -16.54
C LEU A 265 5.06 9.58 -15.88
N ALA A 266 4.27 10.39 -16.59
CA ALA A 266 3.01 10.88 -16.05
C ALA A 266 1.82 10.24 -16.78
N PHE A 267 0.74 10.02 -16.05
CA PHE A 267 -0.45 9.40 -16.63
C PHE A 267 -1.73 9.74 -15.85
N SER A 268 -2.88 9.48 -16.47
CA SER A 268 -4.16 9.79 -15.86
C SER A 268 -4.63 8.66 -14.94
N GLU A 269 -5.72 8.91 -14.22
CA GLU A 269 -6.27 7.93 -13.29
C GLU A 269 -6.97 6.79 -14.02
N GLU A 270 -7.20 6.96 -15.31
CA GLU A 270 -7.85 5.95 -16.12
C GLU A 270 -6.95 4.73 -16.31
N PHE A 271 -5.65 4.98 -16.45
CA PHE A 271 -4.69 3.90 -16.65
C PHE A 271 -3.79 3.71 -15.44
N SER A 272 -4.27 4.15 -14.28
CA SER A 272 -3.49 4.07 -13.05
C SER A 272 -3.32 2.63 -12.57
N ASP A 273 -4.30 1.79 -12.88
CA ASP A 273 -4.27 0.39 -12.45
C ASP A 273 -3.38 -0.47 -13.36
N LYS A 274 -3.31 -0.09 -14.64
CA LYS A 274 -2.50 -0.84 -15.60
C LYS A 274 -1.01 -0.55 -15.42
N ILE A 275 -0.67 0.72 -15.23
CA ILE A 275 0.73 1.12 -15.08
C ILE A 275 1.28 0.70 -13.72
N THR A 276 0.52 0.97 -12.67
CA THR A 276 0.97 0.66 -11.31
C THR A 276 0.46 -0.69 -10.82
N LYS A 277 0.32 -1.64 -11.73
CA LYS A 277 -0.12 -2.98 -11.38
C LYS A 277 0.93 -3.68 -10.52
N THR A 278 0.53 -4.09 -9.32
CA THR A 278 1.45 -4.73 -8.38
C THR A 278 1.61 -6.21 -8.68
N SER A 279 2.65 -6.82 -8.11
CA SER A 279 2.93 -8.23 -8.34
C SER A 279 2.10 -9.13 -7.43
N GLU A 280 2.08 -10.42 -7.74
CA GLU A 280 1.29 -11.38 -6.98
C GLU A 280 2.05 -11.87 -5.75
N LYS A 281 3.32 -12.21 -5.94
CA LYS A 281 4.17 -12.69 -4.85
C LYS A 281 4.39 -11.60 -3.82
N PHE A 282 4.57 -10.36 -4.31
CA PHE A 282 4.77 -9.22 -3.44
C PHE A 282 3.78 -8.11 -3.81
N PRO A 283 2.64 -8.06 -3.10
CA PRO A 283 1.53 -7.13 -3.38
C PRO A 283 1.85 -5.67 -3.05
N VAL A 284 3.13 -5.34 -2.94
CA VAL A 284 3.55 -3.97 -2.68
C VAL A 284 4.43 -3.45 -3.82
N LYS A 285 5.40 -4.27 -4.23
CA LYS A 285 6.31 -3.91 -5.29
C LYS A 285 5.62 -3.87 -6.65
N GLU A 286 5.72 -2.74 -7.34
CA GLU A 286 5.10 -2.57 -8.65
C GLU A 286 5.82 -3.41 -9.71
N ILE A 287 5.04 -4.06 -10.56
CA ILE A 287 5.58 -4.92 -11.61
C ILE A 287 6.43 -4.15 -12.61
N GLU A 288 5.80 -3.19 -13.29
CA GLU A 288 6.44 -2.49 -14.40
C GLU A 288 7.58 -1.58 -13.93
N MET A 289 7.68 -1.37 -12.62
CA MET A 289 8.73 -0.53 -12.05
C MET A 289 9.84 -1.37 -11.44
N LEU A 290 9.59 -2.68 -11.33
CA LEU A 290 10.54 -3.65 -10.76
C LEU A 290 10.87 -3.42 -9.29
N GLY A 291 10.33 -2.36 -8.70
CA GLY A 291 10.59 -2.05 -7.30
C GLY A 291 10.13 -0.66 -6.93
N CYS A 292 9.71 -0.50 -5.68
CA CYS A 292 9.22 0.78 -5.19
C CYS A 292 10.36 1.63 -4.63
N THR A 293 11.56 1.06 -4.61
CA THR A 293 12.73 1.77 -4.10
C THR A 293 13.05 2.98 -4.97
N SER A 294 13.54 2.72 -6.18
CA SER A 294 13.89 3.77 -7.13
C SER A 294 14.85 4.79 -6.53
N ARG A 295 15.96 4.29 -5.99
CA ARG A 295 16.96 5.15 -5.35
C ARG A 295 18.14 5.36 -6.29
N GLY A 296 18.92 6.40 -6.03
CA GLY A 296 20.11 6.65 -6.82
C GLY A 296 20.59 8.09 -6.82
N LEU A 297 21.60 8.35 -7.64
CA LEU A 297 22.17 9.69 -7.77
C LEU A 297 21.39 10.63 -8.70
N PRO A 298 20.90 10.14 -9.85
CA PRO A 298 20.08 11.02 -10.70
C PRO A 298 18.82 11.55 -10.03
N ILE A 299 18.09 10.67 -9.35
CA ILE A 299 16.81 11.05 -8.73
C ILE A 299 17.01 12.14 -7.67
N VAL A 300 18.18 12.15 -7.04
CA VAL A 300 18.52 13.18 -6.06
C VAL A 300 18.67 14.53 -6.75
N THR A 301 19.37 14.54 -7.88
CA THR A 301 19.61 15.76 -8.64
C THR A 301 18.30 16.34 -9.20
N LEU A 302 17.32 15.47 -9.45
CA LEU A 302 16.05 15.91 -9.99
C LEU A 302 15.19 16.61 -8.94
N MET A 303 15.28 16.13 -7.71
CA MET A 303 14.49 16.69 -6.61
C MET A 303 15.11 17.98 -6.07
N ALA A 304 16.40 18.16 -6.32
CA ALA A 304 17.10 19.36 -5.86
C ALA A 304 17.09 20.45 -6.92
N SER A 305 17.08 20.05 -8.19
CA SER A 305 17.04 21.01 -9.29
C SER A 305 15.59 21.37 -9.62
N PHE A 306 14.66 20.75 -8.92
CA PHE A 306 13.23 20.99 -9.16
C PHE A 306 12.81 22.44 -8.88
N PRO A 307 13.25 23.05 -7.76
CA PRO A 307 12.90 24.46 -7.58
C PRO A 307 13.51 25.36 -8.65
N HIS A 308 14.63 24.91 -9.24
CA HIS A 308 15.26 25.67 -10.31
C HIS A 308 14.50 25.52 -11.61
N VAL A 309 14.08 24.29 -11.91
CA VAL A 309 13.36 23.99 -13.13
C VAL A 309 11.98 24.63 -13.15
N VAL A 310 11.25 24.49 -12.05
CA VAL A 310 9.92 25.05 -11.91
C VAL A 310 9.96 26.59 -11.95
N GLU A 311 11.16 27.15 -11.79
CA GLU A 311 11.34 28.59 -11.82
C GLU A 311 11.90 29.05 -13.16
N ARG A 312 12.53 28.12 -13.88
CA ARG A 312 13.15 28.46 -15.16
C ARG A 312 12.18 28.24 -16.34
N VAL A 313 11.07 27.57 -16.06
CA VAL A 313 10.03 27.38 -17.08
C VAL A 313 9.24 28.67 -17.25
N LYS A 314 9.18 29.46 -16.19
CA LYS A 314 8.50 30.75 -16.23
C LYS A 314 9.33 31.75 -17.01
N LYS A 315 10.63 31.52 -17.04
CA LYS A 315 11.55 32.36 -17.80
C LYS A 315 11.99 31.67 -19.09
N TRP A 316 11.01 31.08 -19.78
CA TRP A 316 11.27 30.39 -21.05
C TRP A 316 11.37 31.38 -22.21
N ASP A 317 10.66 32.49 -22.08
CA ASP A 317 10.68 33.54 -23.10
C ASP A 317 12.04 34.24 -23.14
N GLU A 318 12.74 34.21 -22.01
CA GLU A 318 14.09 34.76 -21.93
C GLU A 318 15.07 33.84 -22.64
N GLU A 319 14.70 32.57 -22.78
CA GLU A 319 15.53 31.59 -23.47
C GLU A 319 15.20 31.58 -24.96
N LEU A 320 14.10 32.22 -25.32
CA LEU A 320 13.72 32.37 -26.72
C LEU A 320 14.40 33.61 -27.31
N LYS A 321 14.65 34.59 -26.46
CA LYS A 321 15.33 35.81 -26.87
C LYS A 321 16.76 35.53 -27.27
N LYS A 322 17.41 34.63 -26.54
CA LYS A 322 18.79 34.24 -26.83
C LYS A 322 18.82 33.43 -28.13
N THR A 323 17.83 32.57 -28.30
CA THR A 323 17.73 31.71 -29.48
C THR A 323 17.50 32.52 -30.75
N ARG A 324 16.46 33.35 -30.74
CA ARG A 324 16.10 34.16 -31.91
C ARG A 324 17.17 35.20 -32.24
N TYR A 325 17.93 35.61 -31.23
CA TYR A 325 19.06 36.49 -31.44
C TYR A 325 20.14 35.76 -32.23
N VAL A 326 20.38 34.51 -31.86
CA VAL A 326 21.37 33.68 -32.53
C VAL A 326 20.95 33.41 -33.98
N VAL A 327 19.67 33.11 -34.17
CA VAL A 327 19.14 32.83 -35.50
C VAL A 327 19.26 34.04 -36.43
N ASP A 328 18.76 35.18 -35.99
CA ASP A 328 18.75 36.39 -36.81
C ASP A 328 20.16 36.91 -37.10
N GLU A 329 21.06 36.77 -36.14
CA GLU A 329 22.39 37.33 -36.25
C GLU A 329 23.32 36.43 -37.08
N LEU A 330 22.96 35.15 -37.20
CA LEU A 330 23.76 34.21 -37.97
C LEU A 330 23.27 34.06 -39.41
N GLU A 331 22.03 34.48 -39.67
CA GLU A 331 21.50 34.44 -41.02
C GLU A 331 22.04 35.59 -41.86
N LYS A 332 22.90 36.40 -41.25
CA LYS A 332 23.55 37.50 -41.95
C LYS A 332 24.82 37.03 -42.64
N ILE A 333 25.52 36.09 -42.01
CA ILE A 333 26.79 35.61 -42.53
C ILE A 333 26.61 34.54 -43.61
N GLY A 334 25.39 34.00 -43.73
CA GLY A 334 25.08 33.04 -44.77
C GLY A 334 24.45 31.76 -44.27
N PHE A 335 23.82 31.81 -43.09
CA PHE A 335 23.14 30.65 -42.55
C PHE A 335 21.65 30.73 -42.84
N LYS A 336 21.00 29.56 -42.85
CA LYS A 336 19.55 29.49 -43.06
C LYS A 336 18.92 28.50 -42.08
N GLN A 337 17.97 28.99 -41.30
CA GLN A 337 17.31 28.14 -40.30
C GLN A 337 16.29 27.20 -40.94
N LEU A 338 16.44 25.91 -40.67
CA LEU A 338 15.42 24.94 -41.05
C LEU A 338 14.46 24.77 -39.89
N GLY A 339 13.26 24.30 -40.17
CA GLY A 339 12.25 24.12 -39.15
C GLY A 339 11.25 25.26 -39.14
N ILE A 340 10.29 25.18 -38.22
CA ILE A 340 9.23 26.18 -38.13
C ILE A 340 9.77 27.55 -37.75
N LYS A 341 9.52 28.53 -38.63
CA LYS A 341 9.90 29.91 -38.37
C LYS A 341 8.70 30.70 -37.87
N PRO A 342 8.89 31.48 -36.78
CA PRO A 342 10.15 31.61 -36.04
C PRO A 342 10.32 30.47 -35.02
N LYS A 343 11.51 30.35 -34.45
CA LYS A 343 11.79 29.27 -33.51
C LYS A 343 11.05 29.43 -32.20
N GLU A 344 10.41 28.36 -31.74
CA GLU A 344 9.70 28.36 -30.47
C GLU A 344 10.37 27.39 -29.51
N HIS A 345 11.56 26.92 -29.89
CA HIS A 345 12.34 26.02 -29.04
C HIS A 345 13.82 26.34 -29.19
N ASP A 346 14.60 26.08 -28.14
CA ASP A 346 16.01 26.43 -28.12
C ASP A 346 16.87 25.65 -29.11
N LEU A 347 16.31 24.56 -29.64
CA LEU A 347 17.02 23.74 -30.61
C LEU A 347 16.96 24.34 -32.01
N ILE A 348 18.13 24.70 -32.53
CA ILE A 348 18.22 25.29 -33.87
C ILE A 348 19.06 24.40 -34.78
N LYS A 349 18.62 24.30 -36.04
CA LYS A 349 19.39 23.58 -37.04
C LYS A 349 19.60 24.45 -38.27
N PHE A 350 20.84 24.89 -38.48
CA PHE A 350 21.18 25.77 -39.59
C PHE A 350 21.64 25.03 -40.82
N GLU A 351 21.32 25.58 -41.99
CA GLU A 351 21.91 25.13 -43.24
C GLU A 351 23.10 26.04 -43.54
N THR A 352 24.29 25.44 -43.63
CA THR A 352 25.51 26.22 -43.79
C THR A 352 26.22 25.92 -45.10
N PRO A 353 25.83 26.63 -46.18
CA PRO A 353 26.49 26.47 -47.47
C PRO A 353 27.89 27.05 -47.43
N VAL A 354 28.04 28.15 -46.69
CA VAL A 354 29.34 28.83 -46.58
C VAL A 354 30.38 27.94 -45.90
N LEU A 355 29.96 27.18 -44.88
CA LEU A 355 30.85 26.28 -44.16
C LEU A 355 31.36 25.15 -45.04
N ASP A 356 30.50 24.64 -45.91
CA ASP A 356 30.85 23.52 -46.78
C ASP A 356 31.77 23.96 -47.92
N GLU A 357 31.70 25.24 -48.27
CA GLU A 357 32.54 25.78 -49.34
C GLU A 357 33.98 26.02 -48.87
N ILE A 358 34.11 26.60 -47.68
CA ILE A 358 35.43 26.86 -47.12
C ILE A 358 36.15 25.54 -46.82
N ALA A 359 35.38 24.53 -46.43
CA ALA A 359 35.92 23.22 -46.14
C ALA A 359 36.41 22.52 -47.41
N LYS A 360 35.79 22.86 -48.53
CA LYS A 360 36.16 22.28 -49.83
C LYS A 360 37.59 22.65 -50.20
N LYS A 361 37.88 23.95 -50.22
CA LYS A 361 39.20 24.44 -50.60
C LYS A 361 39.60 25.65 -49.75
N ASP A 362 40.56 25.46 -48.83
CA ASP A 362 41.20 24.16 -48.62
C ASP A 362 41.01 23.73 -47.16
N LYS A 363 41.91 24.21 -46.31
CA LYS A 363 41.92 23.89 -44.88
C LYS A 363 41.98 22.39 -44.60
N ARG A 364 41.45 21.99 -43.45
CA ARG A 364 41.47 20.59 -43.04
C ARG A 364 40.10 19.94 -43.23
N ARG A 365 39.54 20.14 -44.43
CA ARG A 365 38.24 19.57 -44.81
C ARG A 365 37.12 19.98 -43.87
N GLY A 366 36.19 19.05 -43.64
CA GLY A 366 35.04 19.32 -42.79
C GLY A 366 35.37 19.51 -41.33
N PHE A 367 36.61 19.21 -40.96
CA PHE A 367 37.05 19.32 -39.57
C PHE A 367 37.66 20.69 -39.28
N PHE A 368 37.52 21.61 -40.23
CA PHE A 368 38.10 22.94 -40.06
C PHE A 368 37.25 23.81 -39.14
N PHE A 369 35.94 23.56 -39.15
CA PHE A 369 35.00 24.33 -38.34
C PHE A 369 35.11 23.95 -36.87
N TYR A 370 35.17 22.65 -36.61
CA TYR A 370 35.31 22.14 -35.25
C TYR A 370 36.62 22.60 -34.61
N ASP A 371 37.69 22.62 -35.40
CA ASP A 371 39.00 23.02 -34.91
C ASP A 371 39.05 24.51 -34.61
N GLU A 372 38.42 25.31 -35.47
CA GLU A 372 38.38 26.75 -35.30
C GLU A 372 37.58 27.16 -34.07
N LEU A 373 36.65 26.30 -33.66
CA LEU A 373 35.85 26.56 -32.46
C LEU A 373 36.61 26.12 -31.21
N LYS A 374 37.47 25.12 -31.37
CA LYS A 374 38.28 24.63 -30.25
C LYS A 374 39.38 25.63 -29.91
N LYS A 375 39.84 26.37 -30.92
CA LYS A 375 40.85 27.40 -30.73
C LYS A 375 40.26 28.58 -29.98
N ARG A 376 38.94 28.67 -29.94
CA ARG A 376 38.26 29.77 -29.27
C ARG A 376 37.56 29.34 -27.99
N GLY A 377 37.57 28.03 -27.73
CA GLY A 377 36.99 27.50 -26.52
C GLY A 377 35.51 27.16 -26.62
N ILE A 378 35.10 26.68 -27.79
CA ILE A 378 33.71 26.32 -28.03
C ILE A 378 33.59 24.89 -28.54
N GLY A 379 32.64 24.14 -27.99
CA GLY A 379 32.39 22.78 -28.42
C GLY A 379 30.91 22.47 -28.48
N GLY A 380 30.57 21.29 -28.98
CA GLY A 380 29.18 20.87 -29.08
C GLY A 380 28.71 20.63 -30.50
N ILE A 381 29.63 20.77 -31.45
CA ILE A 381 29.32 20.55 -32.85
C ILE A 381 30.09 19.34 -33.38
N ARG A 382 29.39 18.48 -34.11
CA ARG A 382 30.00 17.27 -34.65
C ARG A 382 31.06 17.60 -35.70
N ALA A 383 32.28 17.14 -35.46
CA ALA A 383 33.40 17.41 -36.36
C ALA A 383 33.25 16.69 -37.70
N GLY A 384 33.51 17.40 -38.78
CA GLY A 384 33.43 16.82 -40.12
C GLY A 384 32.17 17.23 -40.85
N VAL A 385 31.15 17.65 -40.11
CA VAL A 385 29.87 18.04 -40.69
C VAL A 385 29.83 19.55 -40.96
N THR A 386 29.80 19.91 -42.24
CA THR A 386 29.78 21.32 -42.63
C THR A 386 28.53 21.67 -43.42
N LYS A 387 27.85 20.66 -43.94
CA LYS A 387 26.63 20.86 -44.72
C LYS A 387 25.52 21.44 -43.86
N GLU A 388 25.61 21.20 -42.55
CA GLU A 388 24.62 21.68 -41.60
C GLU A 388 25.18 21.60 -40.18
N ILE A 389 24.64 22.43 -39.29
CA ILE A 389 25.04 22.40 -37.88
C ILE A 389 23.83 22.45 -36.96
N LYS A 390 23.94 21.79 -35.81
CA LYS A 390 22.86 21.77 -34.82
C LYS A 390 23.36 22.28 -33.48
N MET A 391 22.78 23.37 -33.01
CA MET A 391 23.26 24.03 -31.79
C MET A 391 22.12 24.48 -30.87
N SER A 392 22.49 24.87 -29.66
CA SER A 392 21.54 25.37 -28.67
C SER A 392 22.23 26.29 -27.68
N VAL A 393 21.56 27.38 -27.31
CA VAL A 393 22.14 28.36 -26.40
C VAL A 393 21.35 28.48 -25.10
N TYR A 394 20.62 27.42 -24.76
CA TYR A 394 19.83 27.39 -23.53
C TYR A 394 20.74 27.40 -22.31
N GLY A 395 20.42 28.28 -21.35
CA GLY A 395 21.14 28.32 -20.10
C GLY A 395 22.45 29.10 -20.14
N LEU A 396 22.79 29.59 -21.33
CA LEU A 396 24.02 30.38 -21.48
C LEU A 396 23.76 31.84 -21.12
N GLU A 397 24.72 32.43 -20.39
CA GLU A 397 24.67 33.85 -20.08
C GLU A 397 24.70 34.63 -21.39
N TRP A 398 24.03 35.78 -21.42
CA TRP A 398 23.97 36.60 -22.62
C TRP A 398 25.35 36.99 -23.12
N GLU A 399 26.29 37.17 -22.20
CA GLU A 399 27.67 37.47 -22.55
C GLU A 399 28.30 36.30 -23.29
N GLN A 400 27.89 35.08 -22.94
CA GLN A 400 28.36 33.89 -23.62
C GLN A 400 27.62 33.67 -24.94
N VAL A 401 26.40 34.20 -25.02
CA VAL A 401 25.63 34.13 -26.25
C VAL A 401 26.26 35.04 -27.31
N GLU A 402 26.69 36.22 -26.88
CA GLU A 402 27.37 37.16 -27.76
C GLU A 402 28.73 36.63 -28.19
N TYR A 403 29.37 35.87 -27.30
CA TYR A 403 30.68 35.30 -27.59
C TYR A 403 30.61 34.24 -28.68
N VAL A 404 29.57 33.41 -28.64
CA VAL A 404 29.39 32.36 -29.63
C VAL A 404 29.12 32.95 -31.00
N VAL A 405 28.22 33.93 -31.07
CA VAL A 405 27.87 34.57 -32.32
C VAL A 405 29.06 35.30 -32.94
N ASN A 406 29.71 36.13 -32.15
CA ASN A 406 30.88 36.88 -32.61
C ASN A 406 32.04 35.98 -33.03
N ALA A 407 32.14 34.81 -32.42
CA ALA A 407 33.19 33.86 -32.77
C ALA A 407 32.95 33.25 -34.14
N ILE A 408 31.73 32.75 -34.34
CA ILE A 408 31.34 32.13 -35.61
C ILE A 408 31.44 33.14 -36.77
N LYS A 409 31.08 34.38 -36.48
CA LYS A 409 31.21 35.46 -37.47
C LYS A 409 32.66 35.68 -37.86
N GLU A 410 33.55 35.63 -36.88
CA GLU A 410 34.98 35.83 -37.13
C GLU A 410 35.61 34.60 -37.78
N ILE A 411 35.00 33.43 -37.57
CA ILE A 411 35.51 32.20 -38.19
C ILE A 411 35.29 32.21 -39.70
N VAL A 412 34.05 32.46 -40.11
CA VAL A 412 33.72 32.49 -41.53
C VAL A 412 34.35 33.69 -42.23
N GLU A 413 34.71 34.71 -41.45
CA GLU A 413 35.34 35.91 -41.99
C GLU A 413 36.83 35.69 -42.22
N SER A 414 37.49 35.10 -41.22
CA SER A 414 38.94 34.87 -41.28
C SER A 414 39.30 33.71 -42.21
N CYS A 415 38.31 32.88 -42.52
CA CYS A 415 38.51 31.74 -43.41
C CYS A 415 38.04 32.05 -44.83
N LYS A 416 37.74 33.32 -45.08
CA LYS A 416 37.28 33.84 -46.37
C LYS A 416 36.30 32.92 -47.11
N ILE B 38 2.27 25.11 -5.45
CA ILE B 38 3.32 24.12 -5.27
C ILE B 38 4.36 24.59 -4.25
N ASN B 39 4.50 23.83 -3.16
CA ASN B 39 5.48 24.15 -2.14
C ASN B 39 6.87 23.68 -2.53
N LEU B 40 7.84 24.58 -2.50
CA LEU B 40 9.21 24.27 -2.91
C LEU B 40 10.16 24.28 -1.72
N ASP B 41 9.59 24.36 -0.51
CA ASP B 41 10.39 24.43 0.70
C ASP B 41 10.98 23.07 1.08
N LYS B 42 10.34 22.00 0.62
CA LYS B 42 10.78 20.65 0.94
C LYS B 42 11.97 20.20 0.10
N TYR B 43 12.33 21.00 -0.89
CA TYR B 43 13.46 20.68 -1.75
C TYR B 43 14.68 21.56 -1.45
N LYS B 44 14.44 22.63 -0.70
CA LYS B 44 15.50 23.58 -0.35
C LYS B 44 16.53 22.96 0.59
N ASN B 45 16.10 22.69 1.82
CA ASN B 45 16.98 22.11 2.83
C ASN B 45 17.08 20.59 2.72
N LEU B 46 17.33 20.11 1.50
CA LEU B 46 17.44 18.68 1.25
C LEU B 46 18.84 18.19 1.61
N THR B 47 19.80 19.11 1.65
CA THR B 47 21.18 18.77 1.96
C THR B 47 21.40 18.58 3.46
N ARG B 48 20.67 17.62 4.04
CA ARG B 48 20.83 17.28 5.45
C ARG B 48 20.86 15.77 5.62
N SER B 49 22.02 15.23 5.95
CA SER B 49 22.16 13.79 6.13
C SER B 49 23.28 13.45 7.11
N LEU B 50 23.26 12.21 7.61
CA LEU B 50 24.25 11.75 8.56
C LEU B 50 25.10 10.66 7.92
N THR B 51 25.54 10.91 6.69
CA THR B 51 26.27 9.90 5.92
C THR B 51 27.76 9.87 6.26
N ARG B 52 28.24 10.90 6.95
CA ARG B 52 29.65 10.99 7.30
C ARG B 52 29.84 11.06 8.81
N GLU B 53 28.78 11.50 9.50
CA GLU B 53 28.82 11.64 10.95
C GLU B 53 28.39 10.34 11.62
N PHE B 54 27.91 9.40 10.83
CA PHE B 54 27.46 8.11 11.34
C PHE B 54 28.10 6.96 10.56
N ILE B 55 28.22 5.81 11.20
CA ILE B 55 28.75 4.62 10.55
C ILE B 55 27.61 3.71 10.10
N ASN B 56 27.37 3.68 8.78
CA ASN B 56 26.28 2.88 8.23
C ASN B 56 26.60 1.40 8.19
N LEU B 57 25.69 0.59 8.72
CA LEU B 57 25.87 -0.86 8.74
C LEU B 57 24.87 -1.56 7.82
N ASN B 58 24.28 -0.80 6.89
CA ASN B 58 23.35 -1.36 5.92
C ASN B 58 24.10 -2.19 4.87
N PRO B 59 23.84 -3.50 4.84
CA PRO B 59 24.52 -4.47 3.96
C PRO B 59 24.37 -4.11 2.49
N ILE B 60 23.25 -3.50 2.14
CA ILE B 60 22.97 -3.13 0.76
C ILE B 60 23.89 -2.02 0.28
N GLN B 61 24.25 -1.12 1.20
CA GLN B 61 25.05 0.05 0.85
C GLN B 61 26.53 -0.07 1.21
N ARG B 62 26.96 -1.25 1.64
CA ARG B 62 28.35 -1.43 2.06
C ARG B 62 29.33 -1.53 0.89
N GLY B 63 28.94 -2.26 -0.16
CA GLY B 63 29.79 -2.44 -1.32
C GLY B 63 29.54 -1.40 -2.40
N GLY B 64 28.64 -0.47 -2.12
CA GLY B 64 28.31 0.57 -3.07
C GLY B 64 28.87 1.93 -2.69
N ILE B 65 29.81 1.92 -1.75
CA ILE B 65 30.44 3.17 -1.30
C ILE B 65 31.54 3.59 -2.27
N LEU B 66 31.39 4.78 -2.84
CA LEU B 66 32.34 5.30 -3.81
C LEU B 66 33.63 5.77 -3.16
N PRO B 67 34.78 5.39 -3.74
CA PRO B 67 36.08 5.87 -3.27
C PRO B 67 36.32 7.31 -3.71
N LYS B 68 37.50 7.84 -3.45
CA LYS B 68 37.81 9.22 -3.81
C LYS B 68 38.04 9.40 -5.31
N GLU B 69 38.45 8.33 -5.99
CA GLU B 69 38.71 8.38 -7.42
C GLU B 69 37.44 8.50 -8.22
N ALA B 70 36.33 8.04 -7.65
CA ALA B 70 35.03 8.12 -8.31
C ALA B 70 34.40 9.48 -8.09
N LYS B 71 34.66 10.07 -6.92
CA LYS B 71 34.12 11.38 -6.58
C LYS B 71 34.73 12.46 -7.47
N LYS B 72 35.99 12.28 -7.84
CA LYS B 72 36.65 13.21 -8.74
C LYS B 72 36.04 13.13 -10.13
N ALA B 73 35.67 11.92 -10.54
CA ALA B 73 35.06 11.70 -11.84
C ALA B 73 33.67 12.33 -11.91
N VAL B 74 32.96 12.30 -10.78
CA VAL B 74 31.65 12.93 -10.67
C VAL B 74 31.78 14.42 -10.92
N TYR B 75 32.81 15.02 -10.32
CA TYR B 75 33.09 16.44 -10.49
C TYR B 75 33.38 16.78 -11.95
N GLU B 76 34.16 15.93 -12.62
CA GLU B 76 34.54 16.16 -14.00
C GLU B 76 33.37 16.01 -14.96
N TYR B 77 32.35 15.26 -14.55
CA TYR B 77 31.16 15.05 -15.35
C TYR B 77 29.92 15.52 -14.61
N TRP B 78 30.06 16.62 -13.87
CA TRP B 78 28.96 17.17 -13.07
C TRP B 78 27.78 17.60 -13.95
N ASP B 79 28.07 18.29 -15.04
CA ASP B 79 27.04 18.77 -15.95
C ASP B 79 26.29 17.63 -16.64
N GLY B 80 26.92 16.46 -16.69
CA GLY B 80 26.30 15.30 -17.30
C GLY B 80 26.18 15.42 -18.81
N CYS B 96 33.84 11.65 -22.87
CA CYS B 96 33.80 10.46 -23.71
C CYS B 96 34.77 9.39 -23.19
N PRO B 97 34.33 8.63 -22.17
CA PRO B 97 35.14 7.55 -21.60
C PRO B 97 35.13 6.32 -22.49
N PRO B 98 36.18 5.47 -22.39
CA PRO B 98 36.25 4.24 -23.17
C PRO B 98 35.24 3.20 -22.70
N ILE B 99 34.01 3.28 -23.21
CA ILE B 99 32.95 2.37 -22.82
C ILE B 99 33.16 0.97 -23.41
N LYS B 100 33.50 0.94 -24.70
CA LYS B 100 33.68 -0.32 -25.42
C LYS B 100 34.81 -1.16 -24.82
N ASP B 101 35.87 -0.49 -24.38
CA ASP B 101 37.02 -1.18 -23.80
C ASP B 101 36.71 -1.68 -22.39
N PHE B 102 35.88 -0.93 -21.67
CA PHE B 102 35.49 -1.30 -20.32
C PHE B 102 34.59 -2.53 -20.32
N LEU B 103 33.85 -2.72 -21.41
CA LEU B 103 32.96 -3.86 -21.54
C LEU B 103 33.72 -5.14 -21.90
N GLU B 104 34.91 -4.97 -22.45
CA GLU B 104 35.77 -6.12 -22.76
C GLU B 104 36.53 -6.55 -21.51
N ASP B 105 36.95 -5.56 -20.72
CA ASP B 105 37.71 -5.82 -19.50
C ASP B 105 36.84 -6.44 -18.42
N ILE B 106 35.61 -5.96 -18.31
CA ILE B 106 34.66 -6.49 -17.32
C ILE B 106 34.29 -7.93 -17.66
N ALA B 107 34.37 -8.26 -18.96
CA ALA B 107 34.10 -9.61 -19.41
C ALA B 107 35.24 -10.55 -19.00
N LYS B 108 36.47 -10.09 -19.23
CA LYS B 108 37.65 -10.84 -18.82
C LYS B 108 37.72 -10.95 -17.31
N PHE B 109 37.25 -9.91 -16.62
CA PHE B 109 37.22 -9.88 -15.17
C PHE B 109 36.26 -10.94 -14.62
N LEU B 110 35.22 -11.24 -15.40
CA LEU B 110 34.24 -12.25 -15.01
C LEU B 110 34.47 -13.55 -15.78
N ASN B 111 35.43 -13.53 -16.70
CA ASN B 111 35.72 -14.66 -17.58
C ASN B 111 34.47 -15.10 -18.34
N MET B 112 33.82 -14.13 -18.97
CA MET B 112 32.62 -14.40 -19.76
C MET B 112 32.88 -14.06 -21.22
N ASP B 113 31.92 -14.35 -22.09
CA ASP B 113 32.07 -14.05 -23.51
C ASP B 113 31.78 -12.59 -23.82
N CYS B 114 30.58 -12.13 -23.46
CA CYS B 114 30.17 -10.76 -23.73
C CYS B 114 29.66 -10.07 -22.46
N ALA B 115 29.42 -8.76 -22.55
CA ALA B 115 28.93 -7.98 -21.42
C ALA B 115 28.29 -6.67 -21.87
N ARG B 116 27.27 -6.23 -21.14
CA ARG B 116 26.57 -4.98 -21.45
C ARG B 116 26.13 -4.26 -20.18
N PRO B 117 26.02 -2.92 -20.24
CA PRO B 117 25.61 -2.13 -19.08
C PRO B 117 24.09 -2.07 -18.89
N THR B 118 23.64 -2.15 -17.64
CA THR B 118 22.23 -2.02 -17.31
C THR B 118 22.04 -1.00 -16.19
N HIS B 119 20.80 -0.82 -15.76
CA HIS B 119 20.50 0.10 -14.66
C HIS B 119 20.38 -0.66 -13.34
N GLY B 120 21.08 -1.78 -13.24
CA GLY B 120 21.06 -2.58 -12.03
C GLY B 120 20.82 -4.06 -12.31
N ALA B 121 20.73 -4.84 -11.24
CA ALA B 121 20.46 -6.28 -11.37
C ALA B 121 18.98 -6.52 -11.65
N ARG B 122 18.16 -5.51 -11.40
CA ARG B 122 16.74 -5.58 -11.71
C ARG B 122 16.53 -5.62 -13.21
N GLU B 123 17.28 -4.80 -13.92
CA GLU B 123 17.19 -4.75 -15.38
C GLU B 123 17.79 -6.03 -15.99
N GLY B 124 18.92 -6.45 -15.45
CA GLY B 124 19.62 -7.63 -15.94
C GLY B 124 18.77 -8.89 -15.94
N LYS B 125 17.90 -9.02 -14.95
CA LYS B 125 17.03 -10.19 -14.87
C LYS B 125 15.88 -10.10 -15.87
N PHE B 126 15.42 -8.88 -16.13
CA PHE B 126 14.33 -8.68 -17.08
C PHE B 126 14.78 -8.82 -18.52
N ILE B 127 16.01 -8.41 -18.80
CA ILE B 127 16.57 -8.48 -20.15
C ILE B 127 16.62 -9.92 -20.67
N VAL B 128 17.14 -10.82 -19.85
CA VAL B 128 17.28 -12.22 -20.24
C VAL B 128 15.93 -12.95 -20.33
N MET B 129 15.08 -12.75 -19.33
CA MET B 129 13.77 -13.40 -19.30
C MET B 129 12.88 -12.98 -20.45
N HIS B 130 13.16 -11.81 -21.02
CA HIS B 130 12.34 -11.26 -22.09
C HIS B 130 12.92 -11.58 -23.48
N ALA B 131 14.23 -11.81 -23.53
CA ALA B 131 14.91 -12.06 -24.80
C ALA B 131 15.19 -13.54 -25.02
N ILE B 132 15.25 -14.31 -23.94
CA ILE B 132 15.55 -15.74 -24.03
C ILE B 132 14.31 -16.60 -23.78
N CYS B 133 13.54 -16.26 -22.75
CA CYS B 133 12.38 -17.04 -22.37
C CYS B 133 11.11 -16.60 -23.11
N LYS B 134 10.34 -17.57 -23.57
CA LYS B 134 9.07 -17.31 -24.25
C LYS B 134 7.96 -17.13 -23.22
N GLU B 135 7.00 -16.28 -23.54
CA GLU B 135 5.89 -15.97 -22.63
C GLU B 135 5.14 -17.21 -22.15
N GLY B 136 5.22 -17.48 -20.85
CA GLY B 136 4.55 -18.63 -20.27
C GLY B 136 5.51 -19.66 -19.71
N ASP B 137 6.80 -19.47 -19.99
CA ASP B 137 7.83 -20.39 -19.51
C ASP B 137 7.98 -20.33 -18.00
N TYR B 138 8.57 -21.38 -17.43
CA TYR B 138 8.79 -21.45 -15.99
C TYR B 138 10.20 -21.05 -15.59
N VAL B 139 10.31 -20.37 -14.46
CA VAL B 139 11.61 -19.99 -13.91
C VAL B 139 11.84 -20.68 -12.57
N VAL B 140 12.77 -21.63 -12.55
CA VAL B 140 13.08 -22.34 -11.31
C VAL B 140 14.24 -21.66 -10.57
N LEU B 141 13.95 -21.20 -9.35
CA LEU B 141 14.94 -20.48 -8.56
C LEU B 141 14.93 -20.95 -7.10
N ASP B 142 15.97 -20.57 -6.36
CA ASP B 142 16.07 -20.92 -4.95
C ASP B 142 15.05 -20.15 -4.13
N LYS B 143 14.70 -20.69 -2.96
CA LYS B 143 13.67 -20.10 -2.12
C LYS B 143 14.13 -18.78 -1.49
N ASN B 144 15.43 -18.62 -1.34
CA ASN B 144 16.00 -17.40 -0.78
C ASN B 144 16.26 -16.33 -1.84
N ALA B 145 15.56 -16.44 -2.97
CA ALA B 145 15.74 -15.49 -4.05
C ALA B 145 15.24 -14.10 -3.65
N HIS B 146 15.84 -13.08 -4.24
CA HIS B 146 15.45 -11.69 -3.97
C HIS B 146 14.09 -11.42 -4.60
N TYR B 147 13.37 -10.42 -4.07
CA TYR B 147 12.02 -10.13 -4.53
C TYR B 147 11.97 -9.71 -6.00
N THR B 148 13.08 -9.15 -6.49
CA THR B 148 13.16 -8.66 -7.86
C THR B 148 13.20 -9.79 -8.87
N SER B 149 13.53 -10.99 -8.40
CA SER B 149 13.59 -12.16 -9.27
C SER B 149 12.18 -12.66 -9.60
N TYR B 150 11.22 -12.30 -8.76
CA TYR B 150 9.83 -12.70 -8.95
C TYR B 150 9.06 -11.63 -9.72
N VAL B 151 9.37 -10.37 -9.42
CA VAL B 151 8.70 -9.24 -10.07
C VAL B 151 9.07 -9.17 -11.55
N ALA B 152 10.36 -9.33 -11.85
CA ALA B 152 10.83 -9.31 -13.22
C ALA B 152 10.28 -10.48 -14.03
N ALA B 153 10.17 -11.63 -13.37
CA ALA B 153 9.62 -12.82 -14.02
C ALA B 153 8.14 -12.63 -14.33
N GLU B 154 7.45 -11.89 -13.46
CA GLU B 154 6.04 -11.60 -13.67
C GLU B 154 5.87 -10.51 -14.73
N ARG B 155 6.91 -9.68 -14.88
CA ARG B 155 6.89 -8.62 -15.88
C ARG B 155 7.20 -9.20 -17.26
N ALA B 156 8.04 -10.23 -17.29
CA ALA B 156 8.39 -10.89 -18.54
C ALA B 156 7.37 -11.96 -18.91
N LYS B 157 6.26 -11.97 -18.18
CA LYS B 157 5.16 -12.90 -18.40
C LYS B 157 5.61 -14.36 -18.29
N LEU B 158 6.10 -14.75 -17.12
CA LEU B 158 6.58 -16.10 -16.88
C LEU B 158 6.02 -16.66 -15.58
N ASN B 159 6.35 -17.92 -15.29
CA ASN B 159 5.97 -18.55 -14.04
C ASN B 159 7.19 -18.93 -13.21
N VAL B 160 7.00 -19.08 -11.91
CA VAL B 160 8.12 -19.31 -10.99
C VAL B 160 7.97 -20.58 -10.16
N ALA B 161 9.03 -21.39 -10.14
CA ALA B 161 9.09 -22.57 -9.28
C ALA B 161 10.22 -22.39 -8.27
N GLU B 162 9.94 -22.65 -7.00
CA GLU B 162 10.92 -22.45 -5.95
C GLU B 162 11.58 -23.76 -5.48
N VAL B 163 12.85 -23.67 -5.12
CA VAL B 163 13.59 -24.82 -4.60
C VAL B 163 13.72 -24.74 -3.09
N GLY B 164 13.27 -25.78 -2.40
CA GLY B 164 13.26 -25.79 -0.94
C GLY B 164 14.64 -25.78 -0.30
N TYR B 165 14.65 -25.81 1.03
CA TYR B 165 15.91 -25.78 1.78
C TYR B 165 16.47 -27.18 2.03
N GLU B 166 17.77 -27.25 2.26
CA GLU B 166 18.41 -28.47 2.70
C GLU B 166 18.23 -28.56 4.22
N GLU B 167 18.23 -27.39 4.84
CA GLU B 167 17.91 -27.23 6.25
C GLU B 167 17.47 -25.79 6.47
N GLU B 168 16.43 -25.58 7.26
CA GLU B 168 15.97 -24.23 7.56
C GLU B 168 16.79 -23.61 8.68
N TYR B 169 16.14 -23.42 9.83
CA TYR B 169 16.81 -22.82 10.99
C TYR B 169 17.95 -23.69 11.49
N PRO B 170 19.12 -23.07 11.75
CA PRO B 170 19.37 -21.65 11.53
C PRO B 170 20.10 -21.39 10.21
N THR B 171 20.41 -22.46 9.49
CA THR B 171 21.25 -22.37 8.30
C THR B 171 20.50 -21.78 7.09
N TYR B 172 19.29 -22.26 6.86
CA TYR B 172 18.49 -21.84 5.70
C TYR B 172 19.26 -22.01 4.39
N LYS B 173 20.01 -23.10 4.31
CA LYS B 173 20.82 -23.42 3.15
C LYS B 173 19.98 -24.01 2.03
N ILE B 174 20.19 -23.55 0.81
CA ILE B 174 19.43 -24.01 -0.34
C ILE B 174 19.92 -25.36 -0.85
N ASN B 175 18.99 -26.27 -1.09
CA ASN B 175 19.29 -27.57 -1.64
C ASN B 175 19.61 -27.46 -3.13
N LEU B 176 20.90 -27.32 -3.45
CA LEU B 176 21.34 -27.15 -4.83
C LEU B 176 21.10 -28.39 -5.67
N GLU B 177 21.07 -29.55 -5.02
CA GLU B 177 20.81 -30.81 -5.71
C GLU B 177 19.33 -30.98 -6.02
N GLY B 178 18.50 -30.27 -5.27
CA GLY B 178 17.05 -30.35 -5.45
C GLY B 178 16.56 -29.61 -6.68
N TYR B 179 17.46 -28.88 -7.33
CA TYR B 179 17.12 -28.13 -8.54
C TYR B 179 16.65 -29.05 -9.67
N LYS B 180 17.35 -30.16 -9.85
CA LYS B 180 16.99 -31.12 -10.90
C LYS B 180 15.65 -31.78 -10.63
N GLU B 181 15.37 -32.03 -9.34
CA GLU B 181 14.15 -32.70 -8.93
C GLU B 181 12.91 -31.87 -9.23
N VAL B 182 13.05 -30.55 -9.17
CA VAL B 182 11.94 -29.65 -9.42
C VAL B 182 11.65 -29.55 -10.92
N ILE B 183 12.70 -29.48 -11.73
CA ILE B 183 12.56 -29.38 -13.18
C ILE B 183 11.90 -30.62 -13.76
N ASP B 184 12.32 -31.78 -13.27
CA ASP B 184 11.77 -33.06 -13.73
C ASP B 184 10.26 -33.14 -13.47
N ASN B 185 9.84 -32.65 -12.31
CA ASN B 185 8.43 -32.64 -11.95
C ASN B 185 7.63 -31.66 -12.78
N LEU B 186 8.31 -30.71 -13.39
CA LEU B 186 7.68 -29.74 -14.26
C LEU B 186 7.62 -30.25 -15.70
N GLU B 187 8.66 -30.96 -16.11
CA GLU B 187 8.73 -31.52 -17.46
C GLU B 187 7.85 -32.76 -17.62
N ASP B 188 7.57 -33.43 -16.50
CA ASP B 188 6.72 -34.62 -16.52
C ASP B 188 5.24 -34.26 -16.48
N LYS B 189 4.96 -32.97 -16.35
CA LYS B 189 3.57 -32.50 -16.22
C LYS B 189 2.74 -32.34 -17.51
N GLY B 190 3.25 -31.69 -18.56
CA GLY B 190 4.60 -31.15 -18.62
C GLY B 190 4.69 -29.67 -18.93
N LYS B 191 5.23 -28.92 -17.98
CA LYS B 191 5.53 -27.51 -18.17
C LYS B 191 6.97 -27.39 -18.63
N ASN B 192 7.28 -26.35 -19.39
CA ASN B 192 8.63 -26.17 -19.91
C ASN B 192 9.44 -25.12 -19.15
N VAL B 193 10.57 -25.55 -18.60
CA VAL B 193 11.46 -24.66 -17.87
C VAL B 193 12.37 -23.91 -18.83
N GLY B 194 12.31 -22.58 -18.78
CA GLY B 194 13.08 -21.75 -19.68
C GLY B 194 14.33 -21.15 -19.07
N LEU B 195 14.36 -21.05 -17.75
CA LEU B 195 15.50 -20.45 -17.07
C LEU B 195 15.72 -21.03 -15.68
N ILE B 196 16.99 -21.21 -15.33
CA ILE B 196 17.37 -21.67 -13.99
C ILE B 196 18.12 -20.55 -13.27
N LEU B 197 17.51 -20.03 -12.21
CA LEU B 197 18.09 -18.91 -11.48
C LEU B 197 18.67 -19.34 -10.14
N LEU B 198 19.78 -18.72 -9.77
CA LEU B 198 20.41 -18.98 -8.48
C LEU B 198 21.03 -17.71 -7.93
N THR B 199 20.50 -17.23 -6.82
CA THR B 199 21.11 -16.11 -6.10
C THR B 199 22.38 -16.63 -5.44
N HIS B 200 23.52 -16.23 -5.99
CA HIS B 200 24.82 -16.68 -5.50
C HIS B 200 24.96 -16.42 -4.00
N VAL B 201 24.54 -15.23 -3.58
CA VAL B 201 24.45 -14.90 -2.16
C VAL B 201 23.14 -14.15 -1.91
N ASP B 202 22.26 -14.75 -1.12
CA ASP B 202 20.96 -14.14 -0.83
C ASP B 202 21.09 -12.88 0.01
N GLY B 203 20.01 -12.13 0.11
CA GLY B 203 20.02 -10.87 0.84
C GLY B 203 19.31 -10.93 2.17
N GLU B 204 19.19 -12.13 2.74
CA GLU B 204 18.54 -12.30 4.04
C GLU B 204 19.52 -12.88 5.06
N TYR B 205 20.28 -13.88 4.64
CA TYR B 205 21.26 -14.51 5.53
C TYR B 205 22.68 -14.32 5.01
N GLY B 206 22.79 -14.01 3.73
CA GLY B 206 24.08 -13.81 3.09
C GLY B 206 24.82 -15.13 2.87
N ASN B 207 24.06 -16.20 2.65
CA ASN B 207 24.65 -17.51 2.45
C ASN B 207 25.22 -17.71 1.05
N LEU B 208 26.36 -18.39 0.98
CA LEU B 208 27.01 -18.69 -0.29
C LEU B 208 26.60 -20.07 -0.80
N ASN B 209 26.38 -20.17 -2.10
CA ASN B 209 26.01 -21.45 -2.72
C ASN B 209 26.98 -21.86 -3.82
N ASP B 210 27.25 -23.16 -3.91
CA ASP B 210 28.11 -23.70 -4.95
C ASP B 210 27.41 -23.60 -6.30
N ALA B 211 27.66 -22.50 -7.01
CA ALA B 211 27.00 -22.22 -8.27
C ALA B 211 27.34 -23.22 -9.36
N LYS B 212 28.49 -23.88 -9.21
CA LYS B 212 28.93 -24.87 -10.19
C LYS B 212 28.02 -26.09 -10.20
N LYS B 213 27.47 -26.41 -9.03
CA LYS B 213 26.55 -27.53 -8.90
C LYS B 213 25.30 -27.31 -9.76
N VAL B 214 24.70 -26.14 -9.63
CA VAL B 214 23.53 -25.79 -10.41
C VAL B 214 23.89 -25.60 -11.87
N GLY B 215 25.09 -25.09 -12.12
CA GLY B 215 25.58 -24.89 -13.47
C GLY B 215 25.88 -26.18 -14.20
N LYS B 216 26.24 -27.21 -13.43
CA LYS B 216 26.53 -28.53 -14.00
C LYS B 216 25.23 -29.26 -14.32
N ILE B 217 24.20 -29.02 -13.51
CA ILE B 217 22.90 -29.64 -13.72
C ILE B 217 22.19 -28.99 -14.91
N ALA B 218 22.31 -27.66 -14.99
CA ALA B 218 21.69 -26.89 -16.07
C ALA B 218 22.23 -27.32 -17.44
N LYS B 219 23.50 -27.71 -17.47
CA LYS B 219 24.16 -28.10 -18.71
C LYS B 219 23.70 -29.47 -19.17
N GLU B 220 23.46 -30.36 -18.21
CA GLU B 220 22.99 -31.72 -18.52
C GLU B 220 21.60 -31.73 -19.10
N LYS B 221 20.76 -30.80 -18.62
CA LYS B 221 19.38 -30.73 -19.07
C LYS B 221 19.19 -29.68 -20.15
N GLY B 222 20.27 -29.02 -20.52
CA GLY B 222 20.26 -28.05 -21.61
C GLY B 222 19.36 -26.85 -21.37
N ILE B 223 19.39 -26.33 -20.16
CA ILE B 223 18.57 -25.18 -19.78
C ILE B 223 19.46 -24.03 -19.30
N PRO B 224 19.25 -22.83 -19.88
CA PRO B 224 20.01 -21.61 -19.54
C PRO B 224 20.11 -21.36 -18.03
N PHE B 225 21.23 -20.79 -17.61
CA PHE B 225 21.49 -20.59 -16.18
C PHE B 225 21.89 -19.15 -15.86
N LEU B 226 21.03 -18.46 -15.12
CA LEU B 226 21.29 -17.09 -14.70
C LEU B 226 21.76 -17.05 -13.24
N LEU B 227 23.01 -16.64 -13.05
CA LEU B 227 23.59 -16.58 -11.72
C LEU B 227 23.51 -15.16 -11.16
N ASN B 228 22.61 -14.95 -10.22
CA ASN B 228 22.43 -13.63 -9.60
C ASN B 228 23.60 -13.28 -8.69
N CYS B 229 24.38 -12.28 -9.11
CA CYS B 229 25.58 -11.89 -8.38
C CYS B 229 25.53 -10.43 -7.95
N ALA B 230 24.39 -10.02 -7.39
CA ALA B 230 24.25 -8.66 -6.89
C ALA B 230 25.04 -8.49 -5.61
N TYR B 231 25.18 -9.58 -4.86
CA TYR B 231 25.93 -9.57 -3.61
C TYR B 231 27.24 -10.35 -3.78
N THR B 232 27.71 -10.48 -5.02
CA THR B 232 28.87 -11.31 -5.29
C THR B 232 29.92 -10.60 -6.14
N VAL B 233 29.56 -10.19 -7.35
CA VAL B 233 30.49 -9.51 -8.24
C VAL B 233 30.94 -8.16 -7.69
N GLY B 234 32.25 -7.99 -7.53
CA GLY B 234 32.79 -6.75 -7.01
C GLY B 234 33.39 -6.94 -5.63
N ARG B 235 32.78 -7.83 -4.85
CA ARG B 235 33.29 -8.14 -3.52
C ARG B 235 34.25 -9.32 -3.60
N MET B 236 33.72 -10.48 -3.96
CA MET B 236 34.53 -11.69 -4.10
C MET B 236 34.73 -12.01 -5.58
N PRO B 237 35.84 -12.68 -5.92
CA PRO B 237 36.11 -13.07 -7.31
C PRO B 237 35.09 -14.05 -7.86
N VAL B 238 34.63 -13.83 -9.08
CA VAL B 238 33.66 -14.70 -9.73
C VAL B 238 34.14 -15.14 -11.10
N ASN B 239 34.01 -16.43 -11.39
CA ASN B 239 34.36 -16.97 -12.69
C ASN B 239 33.13 -17.51 -13.42
N GLY B 240 32.82 -16.92 -14.56
CA GLY B 240 31.62 -17.27 -15.31
C GLY B 240 31.60 -18.67 -15.87
N LYS B 241 32.63 -19.02 -16.64
CA LYS B 241 32.70 -20.34 -17.27
C LYS B 241 32.93 -21.47 -16.26
N GLU B 242 33.63 -21.15 -15.18
CA GLU B 242 33.96 -22.16 -14.16
C GLU B 242 32.71 -22.66 -13.44
N VAL B 243 31.76 -21.77 -13.21
CA VAL B 243 30.50 -22.16 -12.59
C VAL B 243 29.48 -22.58 -13.64
N LYS B 244 29.93 -22.64 -14.89
CA LYS B 244 29.11 -23.05 -16.03
C LYS B 244 27.83 -22.23 -16.16
N ALA B 245 27.96 -20.92 -16.00
CA ALA B 245 26.83 -20.02 -16.11
C ALA B 245 26.70 -19.47 -17.52
N ASP B 246 25.46 -19.26 -17.96
CA ASP B 246 25.20 -18.69 -19.26
C ASP B 246 24.95 -17.19 -19.13
N PHE B 247 24.43 -16.79 -17.97
CA PHE B 247 24.16 -15.38 -17.69
C PHE B 247 24.65 -15.00 -16.29
N ILE B 248 25.16 -13.79 -16.16
CA ILE B 248 25.58 -13.27 -14.86
C ILE B 248 25.16 -11.81 -14.71
N VAL B 249 24.35 -11.53 -13.68
CA VAL B 249 23.92 -10.16 -13.40
C VAL B 249 24.63 -9.61 -12.17
N ALA B 250 24.89 -8.31 -12.18
CA ALA B 250 25.57 -7.67 -11.06
C ALA B 250 24.87 -6.38 -10.65
N SER B 251 25.12 -5.95 -9.41
CA SER B 251 24.57 -4.70 -8.91
C SER B 251 25.70 -3.73 -8.60
N GLY B 252 25.91 -2.76 -9.50
CA GLY B 252 27.01 -1.82 -9.40
C GLY B 252 26.94 -0.93 -8.17
N HIS B 253 25.73 -0.66 -7.69
CA HIS B 253 25.54 0.19 -6.52
C HIS B 253 25.37 -0.59 -5.23
N1 LLP B 254 19.44 -9.68 -5.79
C2 LLP B 254 19.80 -9.46 -4.47
C2' LLP B 254 20.00 -10.63 -3.55
C3 LLP B 254 19.97 -8.16 -4.01
O3 LLP B 254 20.29 -7.98 -2.84
C4 LLP B 254 19.78 -7.09 -4.87
C4' LLP B 254 19.98 -5.69 -4.34
C5 LLP B 254 19.43 -7.31 -6.20
C6 LLP B 254 19.26 -8.62 -6.65
C5' LLP B 254 19.21 -6.18 -7.17
OP4 LLP B 254 20.07 -5.01 -7.15
P LLP B 254 19.69 -3.73 -8.04
OP1 LLP B 254 18.32 -4.01 -8.53
OP2 LLP B 254 19.76 -2.59 -7.09
OP3 LLP B 254 20.71 -3.72 -9.11
N LLP B 254 25.71 -1.89 -5.27
CA LLP B 254 25.57 -2.72 -4.10
CB LLP B 254 24.43 -3.72 -4.29
CG LLP B 254 24.28 -4.73 -3.16
CD LLP B 254 23.07 -5.61 -3.36
CE LLP B 254 21.78 -4.84 -3.15
NZ LLP B 254 20.58 -5.73 -3.17
C LLP B 254 26.88 -3.45 -3.79
O LLP B 254 27.18 -3.75 -2.64
N SER B 255 27.66 -3.71 -4.83
CA SER B 255 28.89 -4.48 -4.68
C SER B 255 30.04 -4.02 -5.57
N MET B 256 29.78 -3.08 -6.48
CA MET B 256 30.82 -2.65 -7.41
C MET B 256 31.27 -1.20 -7.24
N ALA B 257 31.04 -0.64 -6.06
CA ALA B 257 31.49 0.71 -5.71
C ALA B 257 31.05 1.79 -6.69
N ALA B 258 29.83 1.67 -7.21
CA ALA B 258 29.28 2.66 -8.12
C ALA B 258 28.01 3.27 -7.53
N SER B 259 27.52 4.34 -8.16
CA SER B 259 26.30 4.99 -7.70
C SER B 259 25.08 4.45 -8.43
N ALA B 260 23.94 4.43 -7.75
CA ALA B 260 22.71 3.91 -8.32
C ALA B 260 22.07 4.90 -9.30
N PRO B 261 21.36 4.38 -10.31
CA PRO B 261 21.23 2.96 -10.65
C PRO B 261 22.27 2.53 -11.69
N CYS B 262 22.90 1.39 -11.46
CA CYS B 262 23.93 0.88 -12.37
C CYS B 262 24.07 -0.63 -12.24
N GLY B 263 24.38 -1.28 -13.34
CA GLY B 263 24.54 -2.73 -13.36
C GLY B 263 25.25 -3.25 -14.60
N ILE B 264 25.65 -4.51 -14.55
CA ILE B 264 26.35 -5.16 -15.66
C ILE B 264 25.73 -6.51 -15.98
N LEU B 265 25.53 -6.79 -17.27
CA LEU B 265 24.99 -8.07 -17.71
C LEU B 265 25.98 -8.83 -18.59
N ALA B 266 26.65 -9.81 -18.01
CA ALA B 266 27.58 -10.65 -18.76
C ALA B 266 26.91 -11.94 -19.22
N PHE B 267 27.19 -12.34 -20.45
CA PHE B 267 26.53 -13.52 -21.03
C PHE B 267 27.42 -14.25 -22.01
N SER B 268 27.00 -15.45 -22.40
CA SER B 268 27.77 -16.30 -23.31
C SER B 268 27.50 -15.95 -24.77
N GLU B 269 28.36 -16.43 -25.66
CA GLU B 269 28.22 -16.20 -27.09
C GLU B 269 26.98 -16.91 -27.65
N GLU B 270 26.58 -17.99 -26.98
CA GLU B 270 25.42 -18.77 -27.38
C GLU B 270 24.16 -17.93 -27.50
N PHE B 271 24.00 -16.98 -26.59
CA PHE B 271 22.81 -16.13 -26.56
C PHE B 271 23.12 -14.70 -26.98
N SER B 272 24.30 -14.50 -27.57
CA SER B 272 24.75 -13.17 -27.96
C SER B 272 23.87 -12.56 -29.05
N ASP B 273 23.31 -13.40 -29.90
CA ASP B 273 22.49 -12.94 -31.00
C ASP B 273 21.09 -12.49 -30.55
N LYS B 274 20.69 -12.93 -29.36
CA LYS B 274 19.37 -12.60 -28.85
C LYS B 274 19.38 -11.37 -27.94
N ILE B 275 20.36 -11.32 -27.03
CA ILE B 275 20.48 -10.18 -26.12
C ILE B 275 20.90 -8.92 -26.88
N THR B 276 21.90 -9.05 -27.73
CA THR B 276 22.38 -7.92 -28.52
C THR B 276 21.67 -7.85 -29.87
N LYS B 277 20.42 -8.29 -29.90
CA LYS B 277 19.62 -8.26 -31.12
C LYS B 277 19.37 -6.82 -31.56
N THR B 278 19.90 -6.47 -32.72
CA THR B 278 19.77 -5.11 -33.26
C THR B 278 18.37 -4.88 -33.81
N SER B 279 17.94 -3.62 -33.80
CA SER B 279 16.62 -3.25 -34.31
C SER B 279 16.61 -3.29 -35.84
N GLU B 280 15.42 -3.14 -36.42
CA GLU B 280 15.27 -3.18 -37.88
C GLU B 280 15.38 -1.79 -38.48
N LYS B 281 14.72 -0.81 -37.85
CA LYS B 281 14.75 0.57 -38.31
C LYS B 281 16.16 1.15 -38.13
N PHE B 282 16.81 0.75 -37.05
CA PHE B 282 18.17 1.20 -36.76
C PHE B 282 19.09 0.01 -36.53
N PRO B 283 19.88 -0.36 -37.56
CA PRO B 283 20.78 -1.52 -37.51
C PRO B 283 21.98 -1.34 -36.59
N VAL B 284 21.90 -0.40 -35.66
CA VAL B 284 22.99 -0.15 -34.72
C VAL B 284 22.50 -0.24 -33.28
N LYS B 285 21.35 0.37 -33.02
CA LYS B 285 20.78 0.39 -31.67
C LYS B 285 20.19 -0.95 -31.28
N GLU B 286 20.62 -1.47 -30.13
CA GLU B 286 20.12 -2.75 -29.64
C GLU B 286 18.69 -2.62 -29.13
N ILE B 287 17.90 -3.68 -29.33
CA ILE B 287 16.50 -3.67 -28.94
C ILE B 287 16.33 -3.68 -27.41
N GLU B 288 16.86 -4.72 -26.78
CA GLU B 288 16.69 -4.91 -25.34
C GLU B 288 17.42 -3.84 -24.53
N MET B 289 18.45 -3.25 -25.13
CA MET B 289 19.24 -2.21 -24.48
C MET B 289 18.66 -0.82 -24.75
N LEU B 290 17.59 -0.79 -25.55
CA LEU B 290 16.92 0.45 -25.93
C LEU B 290 17.83 1.44 -26.66
N GLY B 291 18.94 0.93 -27.19
CA GLY B 291 19.86 1.74 -27.97
C GLY B 291 20.51 2.87 -27.20
N CYS B 292 20.77 2.66 -25.92
CA CYS B 292 21.42 3.66 -25.09
C CYS B 292 22.93 3.56 -25.20
N THR B 293 23.58 4.71 -25.36
CA THR B 293 25.04 4.77 -25.45
C THR B 293 25.64 4.70 -24.04
N SER B 294 24.77 4.60 -23.05
CA SER B 294 25.17 4.50 -21.64
C SER B 294 25.97 5.71 -21.20
N ARG B 295 25.32 6.86 -21.15
CA ARG B 295 25.97 8.08 -20.67
C ARG B 295 25.37 8.48 -19.33
N GLY B 296 26.11 9.26 -18.55
CA GLY B 296 25.64 9.72 -17.27
C GLY B 296 26.63 9.47 -16.15
N LEU B 297 26.15 9.54 -14.91
CA LEU B 297 27.02 9.42 -13.74
C LEU B 297 27.30 7.99 -13.24
N PRO B 298 26.28 7.13 -13.11
CA PRO B 298 26.55 5.80 -12.56
C PRO B 298 27.53 4.96 -13.37
N ILE B 299 27.52 5.12 -14.70
CA ILE B 299 28.43 4.37 -15.56
C ILE B 299 29.87 4.88 -15.40
N VAL B 300 30.01 6.18 -15.17
CA VAL B 300 31.32 6.79 -14.98
C VAL B 300 31.92 6.38 -13.63
N THR B 301 31.09 6.39 -12.59
CA THR B 301 31.52 5.96 -11.26
C THR B 301 31.94 4.49 -11.27
N LEU B 302 31.30 3.71 -12.12
CA LEU B 302 31.61 2.29 -12.25
C LEU B 302 32.99 2.11 -12.86
N MET B 303 33.28 2.87 -13.91
CA MET B 303 34.57 2.80 -14.58
C MET B 303 35.67 3.45 -13.75
N ALA B 304 35.30 4.46 -12.96
CA ALA B 304 36.26 5.15 -12.12
C ALA B 304 36.66 4.33 -10.89
N SER B 305 35.75 3.47 -10.44
CA SER B 305 36.01 2.64 -9.27
C SER B 305 36.47 1.24 -9.67
N PHE B 306 36.48 0.98 -10.97
CA PHE B 306 36.84 -0.35 -11.48
C PHE B 306 38.24 -0.85 -11.07
N PRO B 307 39.28 0.01 -11.16
CA PRO B 307 40.57 -0.49 -10.68
C PRO B 307 40.59 -0.73 -9.17
N HIS B 308 39.74 -0.01 -8.44
CA HIS B 308 39.61 -0.22 -7.00
C HIS B 308 38.85 -1.52 -6.75
N VAL B 309 37.90 -1.82 -7.63
CA VAL B 309 37.10 -3.03 -7.52
C VAL B 309 37.97 -4.26 -7.85
N VAL B 310 38.78 -4.15 -8.89
CA VAL B 310 39.62 -5.27 -9.35
C VAL B 310 40.75 -5.57 -8.37
N GLU B 311 41.03 -4.64 -7.46
CA GLU B 311 42.13 -4.80 -6.53
C GLU B 311 41.65 -5.22 -5.15
N ARG B 312 40.40 -4.92 -4.84
CA ARG B 312 39.85 -5.24 -3.52
C ARG B 312 39.27 -6.66 -3.47
N VAL B 313 39.15 -7.29 -4.64
CA VAL B 313 38.65 -8.66 -4.71
C VAL B 313 39.73 -9.67 -4.35
N LYS B 314 40.98 -9.27 -4.54
CA LYS B 314 42.11 -10.12 -4.18
C LYS B 314 42.35 -10.07 -2.68
N LYS B 315 41.86 -8.99 -2.05
CA LYS B 315 41.93 -8.84 -0.61
C LYS B 315 40.54 -9.06 0.00
N TRP B 316 39.87 -10.12 -0.45
CA TRP B 316 38.52 -10.43 0.01
C TRP B 316 38.53 -11.14 1.36
N ASP B 317 39.56 -11.94 1.61
CA ASP B 317 39.70 -12.65 2.87
C ASP B 317 39.92 -11.68 4.02
N GLU B 318 40.51 -10.52 3.71
CA GLU B 318 40.75 -9.50 4.72
C GLU B 318 39.45 -8.83 5.14
N GLU B 319 38.41 -8.98 4.32
CA GLU B 319 37.09 -8.47 4.63
C GLU B 319 36.26 -9.53 5.34
N LEU B 320 36.59 -10.80 5.08
CA LEU B 320 35.96 -11.90 5.79
C LEU B 320 36.53 -12.01 7.19
N LYS B 321 37.78 -11.60 7.34
CA LYS B 321 38.44 -11.58 8.64
C LYS B 321 37.73 -10.60 9.57
N LYS B 322 37.32 -9.46 9.00
CA LYS B 322 36.55 -8.48 9.75
C LYS B 322 35.20 -9.05 10.13
N THR B 323 34.58 -9.71 9.16
CA THR B 323 33.25 -10.30 9.33
C THR B 323 33.24 -11.38 10.40
N ARG B 324 34.16 -12.34 10.30
CA ARG B 324 34.24 -13.44 11.25
C ARG B 324 34.61 -12.97 12.65
N TYR B 325 35.36 -11.87 12.73
CA TYR B 325 35.70 -11.28 14.02
C TYR B 325 34.44 -10.77 14.72
N VAL B 326 33.59 -10.10 13.95
CA VAL B 326 32.35 -9.54 14.49
C VAL B 326 31.44 -10.64 15.01
N VAL B 327 31.32 -11.73 14.26
CA VAL B 327 30.51 -12.87 14.66
C VAL B 327 31.04 -13.51 15.95
N ASP B 328 32.34 -13.82 15.95
CA ASP B 328 32.97 -14.50 17.07
C ASP B 328 33.05 -13.64 18.34
N GLU B 329 32.90 -12.34 18.18
CA GLU B 329 33.00 -11.41 19.31
C GLU B 329 31.63 -11.06 19.87
N LEU B 330 30.62 -10.98 19.01
CA LEU B 330 29.26 -10.66 19.43
C LEU B 330 28.53 -11.88 19.97
N GLU B 331 29.06 -13.07 19.68
CA GLU B 331 28.47 -14.31 20.18
C GLU B 331 28.83 -14.53 21.65
N LYS B 332 29.54 -13.58 22.24
CA LYS B 332 29.86 -13.62 23.67
C LYS B 332 28.73 -12.95 24.44
N ILE B 333 27.96 -12.12 23.75
CA ILE B 333 26.83 -11.42 24.36
C ILE B 333 25.61 -12.34 24.48
N GLY B 334 25.20 -12.89 23.35
CA GLY B 334 24.04 -13.77 23.31
C GLY B 334 23.47 -13.86 21.91
N PHE B 335 24.17 -13.28 20.95
CA PHE B 335 23.73 -13.30 19.55
C PHE B 335 24.11 -14.63 18.90
N LYS B 336 23.22 -15.15 18.05
CA LYS B 336 23.49 -16.40 17.35
C LYS B 336 23.46 -16.18 15.84
N GLN B 337 24.60 -16.42 15.18
CA GLN B 337 24.70 -16.24 13.75
C GLN B 337 23.80 -17.22 13.00
N LEU B 338 22.83 -16.68 12.26
CA LEU B 338 21.99 -17.50 11.40
C LEU B 338 22.68 -17.69 10.06
N GLY B 339 22.26 -18.70 9.32
CA GLY B 339 22.88 -19.00 8.04
C GLY B 339 24.02 -19.99 8.17
N ILE B 340 24.75 -20.18 7.07
CA ILE B 340 25.87 -21.11 7.05
C ILE B 340 26.99 -20.65 7.98
N LYS B 341 27.47 -21.57 8.81
CA LYS B 341 28.59 -21.29 9.71
C LYS B 341 29.82 -22.09 9.31
N PRO B 342 30.99 -21.43 9.25
CA PRO B 342 31.17 -19.99 9.54
C PRO B 342 30.75 -19.11 8.37
N LYS B 343 30.76 -17.80 8.57
CA LYS B 343 30.29 -16.86 7.56
C LYS B 343 31.22 -16.83 6.35
N GLU B 344 30.64 -16.83 5.16
CA GLU B 344 31.41 -16.79 3.93
C GLU B 344 31.08 -15.52 3.15
N HIS B 345 30.48 -14.55 3.84
CA HIS B 345 30.10 -13.29 3.23
C HIS B 345 29.95 -12.22 4.31
N ASP B 346 30.06 -10.96 3.94
CA ASP B 346 30.02 -9.87 4.90
C ASP B 346 28.62 -9.65 5.49
N LEU B 347 27.60 -10.07 4.75
CA LEU B 347 26.21 -9.94 5.21
C LEU B 347 25.91 -10.96 6.32
N ILE B 348 25.77 -10.45 7.54
CA ILE B 348 25.49 -11.31 8.69
C ILE B 348 24.08 -11.08 9.23
N LYS B 349 23.43 -12.15 9.65
CA LYS B 349 22.13 -12.04 10.30
C LYS B 349 22.15 -12.69 11.68
N PHE B 350 22.20 -11.85 12.71
CA PHE B 350 22.22 -12.34 14.08
C PHE B 350 20.82 -12.50 14.66
N GLU B 351 20.58 -13.62 15.32
CA GLU B 351 19.38 -13.78 16.12
C GLU B 351 19.65 -13.17 17.48
N THR B 352 18.83 -12.21 17.89
CA THR B 352 19.10 -11.47 19.12
C THR B 352 17.97 -11.61 20.14
N PRO B 353 18.00 -12.69 20.94
CA PRO B 353 17.01 -12.88 22.00
C PRO B 353 17.24 -11.88 23.12
N VAL B 354 18.48 -11.45 23.30
CA VAL B 354 18.84 -10.51 24.35
C VAL B 354 18.16 -9.16 24.14
N LEU B 355 18.16 -8.68 22.91
CA LEU B 355 17.57 -7.38 22.57
C LEU B 355 16.05 -7.37 22.77
N ASP B 356 15.44 -8.54 22.68
CA ASP B 356 14.00 -8.66 22.91
C ASP B 356 13.67 -8.52 24.39
N GLU B 357 14.51 -9.10 25.25
CA GLU B 357 14.28 -9.06 26.68
C GLU B 357 14.45 -7.66 27.24
N ILE B 358 15.32 -6.88 26.60
CA ILE B 358 15.54 -5.49 27.01
C ILE B 358 14.42 -4.60 26.49
N ALA B 359 13.94 -4.90 25.29
CA ALA B 359 12.88 -4.14 24.65
C ALA B 359 11.54 -4.27 25.38
N LYS B 360 11.42 -5.33 26.17
CA LYS B 360 10.19 -5.57 26.93
C LYS B 360 10.17 -4.79 28.25
N LYS B 361 11.32 -4.24 28.62
CA LYS B 361 11.43 -3.48 29.87
C LYS B 361 12.11 -2.14 29.69
N ASP B 362 12.20 -1.68 28.44
CA ASP B 362 12.76 -0.37 28.14
C ASP B 362 11.67 0.58 27.65
N LYS B 363 11.78 1.84 28.05
CA LYS B 363 10.76 2.85 27.75
C LYS B 363 10.58 3.09 26.25
N ARG B 364 11.63 2.82 25.47
CA ARG B 364 11.60 3.10 24.04
C ARG B 364 11.20 1.89 23.21
N ARG B 365 10.59 0.90 23.87
CA ARG B 365 10.13 -0.32 23.21
C ARG B 365 11.25 -1.01 22.43
N GLY B 366 10.96 -1.37 21.18
CA GLY B 366 11.94 -2.01 20.32
C GLY B 366 12.76 -0.99 19.55
N PHE B 367 12.49 0.29 19.81
CA PHE B 367 13.21 1.37 19.14
C PHE B 367 14.38 1.84 19.99
N PHE B 368 14.67 1.14 21.08
CA PHE B 368 15.75 1.51 21.97
C PHE B 368 17.10 1.20 21.35
N PHE B 369 17.14 0.19 20.49
CA PHE B 369 18.38 -0.24 19.86
C PHE B 369 18.78 0.72 18.74
N TYR B 370 17.79 1.32 18.09
CA TYR B 370 18.03 2.29 17.03
C TYR B 370 18.46 3.64 17.61
N ASP B 371 17.94 3.95 18.80
CA ASP B 371 18.23 5.23 19.44
C ASP B 371 19.60 5.22 20.13
N GLU B 372 19.91 4.11 20.79
CA GLU B 372 21.19 3.97 21.49
C GLU B 372 22.37 3.96 20.52
N LEU B 373 22.10 3.56 19.27
CA LEU B 373 23.13 3.57 18.24
C LEU B 373 23.30 4.97 17.65
N LYS B 374 22.23 5.75 17.70
CA LYS B 374 22.27 7.13 17.22
C LYS B 374 23.14 7.98 18.13
N LYS B 375 23.12 7.66 19.42
CA LYS B 375 23.91 8.39 20.41
C LYS B 375 25.40 8.14 20.19
N ARG B 376 25.73 6.99 19.62
CA ARG B 376 27.12 6.60 19.40
C ARG B 376 27.54 6.76 17.94
N GLY B 377 26.66 7.32 17.13
CA GLY B 377 26.95 7.57 15.74
C GLY B 377 27.01 6.31 14.88
N ILE B 378 26.04 5.44 15.05
CA ILE B 378 25.96 4.20 14.27
C ILE B 378 24.56 3.99 13.71
N GLY B 379 24.49 3.72 12.41
CA GLY B 379 23.22 3.49 11.76
C GLY B 379 23.25 2.30 10.81
N GLY B 380 22.09 1.94 10.26
CA GLY B 380 21.99 0.85 9.32
C GLY B 380 21.14 -0.30 9.81
N ILE B 381 20.56 -0.13 11.00
CA ILE B 381 19.72 -1.16 11.59
C ILE B 381 18.25 -0.75 11.56
N ARG B 382 17.38 -1.69 11.18
CA ARG B 382 15.95 -1.45 11.14
C ARG B 382 15.42 -1.04 12.52
N ALA B 383 14.69 0.06 12.56
CA ALA B 383 14.14 0.57 13.82
C ALA B 383 12.87 -0.18 14.20
N GLY B 384 12.77 -0.57 15.47
CA GLY B 384 11.61 -1.29 15.96
C GLY B 384 11.81 -2.79 15.99
N VAL B 385 12.71 -3.28 15.14
CA VAL B 385 13.01 -4.71 15.07
C VAL B 385 14.15 -5.08 16.01
N THR B 386 13.88 -5.98 16.94
CA THR B 386 14.88 -6.39 17.92
C THR B 386 15.04 -7.92 17.96
N LYS B 387 14.17 -8.64 17.25
CA LYS B 387 14.22 -10.09 17.23
C LYS B 387 15.46 -10.60 16.50
N GLU B 388 15.84 -9.90 15.42
CA GLU B 388 17.03 -10.25 14.65
C GLU B 388 17.49 -9.08 13.78
N ILE B 389 18.81 -8.89 13.70
CA ILE B 389 19.38 -7.78 12.95
C ILE B 389 20.21 -8.24 11.75
N LYS B 390 20.40 -7.34 10.80
CA LYS B 390 21.16 -7.64 9.59
C LYS B 390 22.18 -6.54 9.31
N MET B 391 23.45 -6.83 9.56
CA MET B 391 24.51 -5.84 9.43
C MET B 391 25.66 -6.32 8.55
N SER B 392 26.65 -5.44 8.35
CA SER B 392 27.84 -5.75 7.57
C SER B 392 28.95 -4.73 7.86
N VAL B 393 30.19 -5.19 7.83
CA VAL B 393 31.33 -4.33 8.11
C VAL B 393 32.33 -4.30 6.96
N TYR B 394 31.84 -4.52 5.74
CA TYR B 394 32.69 -4.52 4.56
C TYR B 394 33.23 -3.11 4.26
N GLY B 395 34.53 -3.02 4.02
CA GLY B 395 35.15 -1.74 3.68
C GLY B 395 35.52 -0.92 4.89
N LEU B 396 34.90 -1.21 6.03
CA LEU B 396 35.17 -0.50 7.27
C LEU B 396 36.62 -0.69 7.72
N GLU B 397 37.19 0.35 8.31
CA GLU B 397 38.51 0.26 8.91
C GLU B 397 38.43 -0.60 10.16
N TRP B 398 39.52 -1.27 10.50
CA TRP B 398 39.56 -2.15 11.66
C TRP B 398 39.36 -1.39 12.97
N GLU B 399 39.68 -0.10 12.96
CA GLU B 399 39.42 0.75 14.12
C GLU B 399 37.92 0.96 14.26
N GLN B 400 37.24 1.06 13.13
CA GLN B 400 35.79 1.23 13.11
C GLN B 400 35.08 -0.09 13.41
N VAL B 401 35.72 -1.19 13.04
CA VAL B 401 35.19 -2.52 13.33
C VAL B 401 35.13 -2.73 14.84
N GLU B 402 36.21 -2.35 15.52
CA GLU B 402 36.27 -2.44 16.96
C GLU B 402 35.26 -1.47 17.60
N TYR B 403 35.11 -0.31 16.98
CA TYR B 403 34.19 0.71 17.48
C TYR B 403 32.75 0.20 17.47
N VAL B 404 32.37 -0.49 16.40
CA VAL B 404 31.02 -1.04 16.28
C VAL B 404 30.77 -2.14 17.29
N VAL B 405 31.70 -3.10 17.36
CA VAL B 405 31.57 -4.23 18.28
C VAL B 405 31.55 -3.79 19.74
N ASN B 406 32.46 -2.90 20.11
CA ASN B 406 32.52 -2.39 21.47
C ASN B 406 31.30 -1.55 21.85
N ALA B 407 30.69 -0.93 20.85
CA ALA B 407 29.48 -0.13 21.08
C ALA B 407 28.32 -1.03 21.48
N ILE B 408 28.12 -2.11 20.73
CA ILE B 408 27.04 -3.06 20.99
C ILE B 408 27.19 -3.72 22.36
N LYS B 409 28.43 -4.03 22.73
CA LYS B 409 28.72 -4.63 24.02
C LYS B 409 28.34 -3.71 25.18
N GLU B 410 28.45 -2.41 24.94
CA GLU B 410 28.11 -1.41 25.95
C GLU B 410 26.61 -1.15 26.00
N ILE B 411 25.92 -1.39 24.88
CA ILE B 411 24.48 -1.21 24.82
C ILE B 411 23.76 -2.30 25.59
N VAL B 412 24.15 -3.55 25.34
CA VAL B 412 23.53 -4.70 25.98
C VAL B 412 23.86 -4.78 27.47
N GLU B 413 24.92 -4.08 27.88
CA GLU B 413 25.36 -4.12 29.27
C GLU B 413 24.74 -3.00 30.09
N SER B 414 24.65 -1.82 29.50
CA SER B 414 24.09 -0.66 30.20
C SER B 414 22.57 -0.72 30.29
N CYS B 415 21.95 -1.35 29.29
CA CYS B 415 20.50 -1.47 29.25
C CYS B 415 20.02 -2.73 29.96
N LYS B 416 20.92 -3.36 30.72
CA LYS B 416 20.61 -4.57 31.47
C LYS B 416 20.09 -5.70 30.59
N ILE C 37 54.03 28.10 8.75
CA ILE C 37 53.00 27.08 8.90
C ILE C 37 53.39 25.79 8.19
N SER C 38 53.80 24.79 8.95
CA SER C 38 54.18 23.50 8.40
C SER C 38 53.19 22.42 8.81
N TYR C 39 52.99 21.44 7.95
CA TYR C 39 52.05 20.36 8.22
C TYR C 39 52.64 19.34 9.19
N LYS C 40 53.95 19.43 9.40
CA LYS C 40 54.65 18.50 10.30
C LYS C 40 54.46 18.90 11.75
N ASP C 41 54.00 20.14 11.96
CA ASP C 41 53.73 20.62 13.31
C ASP C 41 52.32 20.24 13.75
N ALA C 42 51.63 19.51 12.90
CA ALA C 42 50.25 19.12 13.17
C ALA C 42 50.15 18.21 14.39
N LYS C 43 49.41 18.67 15.40
CA LYS C 43 49.20 17.92 16.63
C LYS C 43 47.81 17.31 16.62
N PRO C 44 47.63 16.18 17.32
CA PRO C 44 46.37 15.44 17.38
C PRO C 44 45.16 16.32 17.69
N GLY C 45 44.14 16.25 16.84
CA GLY C 45 42.94 17.03 17.01
C GLY C 45 41.73 16.43 16.31
N LYS C 46 40.58 17.05 16.47
CA LYS C 46 39.34 16.56 15.88
C LYS C 46 38.96 17.34 14.64
N ILE C 47 38.49 16.64 13.61
CA ILE C 47 38.04 17.27 12.38
C ILE C 47 36.64 17.85 12.55
N ASP C 48 36.49 19.14 12.21
CA ASP C 48 35.19 19.79 12.30
C ASP C 48 34.38 19.50 11.04
N VAL C 49 33.40 18.61 11.18
CA VAL C 49 32.56 18.20 10.06
C VAL C 49 31.73 19.38 9.52
N ASN C 50 31.21 20.19 10.43
CA ASN C 50 30.40 21.35 10.05
C ASN C 50 31.21 22.40 9.31
N GLU C 51 32.41 22.70 9.82
CA GLU C 51 33.26 23.73 9.23
C GLU C 51 33.87 23.25 7.92
N PHE C 52 33.95 21.94 7.75
CA PHE C 52 34.50 21.35 6.53
C PHE C 52 33.45 21.32 5.42
N LYS C 53 32.19 21.14 5.81
CA LYS C 53 31.10 21.10 4.84
C LYS C 53 30.81 22.50 4.31
N LYS C 54 31.17 23.51 5.08
CA LYS C 54 30.99 24.89 4.67
C LYS C 54 32.07 25.31 3.67
N ALA C 55 33.27 24.79 3.85
CA ALA C 55 34.38 25.08 2.96
C ALA C 55 34.18 24.45 1.59
N ILE C 56 33.58 23.27 1.59
CA ILE C 56 33.27 22.55 0.35
C ILE C 56 32.20 23.29 -0.46
N TYR C 57 31.12 23.68 0.22
CA TYR C 57 30.00 24.36 -0.42
C TYR C 57 30.41 25.64 -1.14
N LEU C 58 31.39 26.34 -0.57
CA LEU C 58 31.87 27.58 -1.16
C LEU C 58 32.61 27.34 -2.47
N LEU C 59 33.35 26.23 -2.54
CA LEU C 59 34.03 25.86 -3.78
C LEU C 59 33.03 25.34 -4.81
N ILE C 60 31.90 24.83 -4.32
CA ILE C 60 30.83 24.37 -5.20
C ILE C 60 30.08 25.56 -5.79
N GLU C 61 29.82 26.57 -4.97
CA GLU C 61 29.17 27.79 -5.42
C GLU C 61 30.08 28.58 -6.35
N ALA C 62 31.39 28.50 -6.09
CA ALA C 62 32.37 29.20 -6.91
C ALA C 62 32.63 28.43 -8.20
N ASP C 63 32.19 27.17 -8.24
CA ASP C 63 32.36 26.34 -9.42
C ASP C 63 31.42 26.79 -10.54
N ASP C 64 30.43 27.60 -10.17
CA ASP C 64 29.50 28.16 -11.15
C ASP C 64 30.18 29.23 -12.00
N PHE C 65 31.20 29.87 -11.44
CA PHE C 65 31.96 30.87 -12.18
C PHE C 65 32.75 30.24 -13.31
N LEU C 66 33.13 28.98 -13.12
CA LEU C 66 33.86 28.25 -14.15
C LEU C 66 32.94 27.90 -15.32
N TYR C 67 31.64 27.77 -15.03
CA TYR C 67 30.65 27.46 -16.06
C TYR C 67 30.12 28.73 -16.73
N LYS C 68 29.69 29.68 -15.91
CA LYS C 68 29.03 30.88 -16.41
C LYS C 68 29.98 31.92 -17.01
N LYS C 69 31.28 31.67 -16.89
CA LYS C 69 32.28 32.59 -17.44
C LYS C 69 33.24 31.90 -18.39
N ALA C 70 32.86 30.70 -18.84
CA ALA C 70 33.65 29.96 -19.82
C ALA C 70 33.65 30.69 -21.16
N PRO C 71 34.73 30.54 -21.94
CA PRO C 71 35.94 29.76 -21.64
C PRO C 71 37.10 30.63 -21.12
N LYS C 72 36.98 31.94 -21.26
CA LYS C 72 38.08 32.85 -20.90
C LYS C 72 38.24 33.03 -19.39
N HIS C 73 37.16 32.84 -18.65
CA HIS C 73 37.17 32.95 -17.19
C HIS C 73 37.70 34.29 -16.69
N GLU C 74 37.51 35.34 -17.49
CA GLU C 74 37.99 36.66 -17.13
C GLU C 74 36.89 37.50 -16.49
N LEU C 75 37.04 37.77 -15.19
CA LEU C 75 36.04 38.48 -14.42
C LEU C 75 36.30 39.99 -14.43
N ASN C 76 35.28 40.77 -14.08
CA ASN C 76 35.46 42.20 -13.89
C ASN C 76 35.58 42.54 -12.41
N GLU C 77 35.43 43.81 -12.07
CA GLU C 77 35.60 44.26 -10.69
C GLU C 77 34.54 43.68 -9.76
N GLU C 78 33.31 43.61 -10.24
CA GLU C 78 32.20 43.08 -9.43
C GLU C 78 32.22 41.56 -9.37
N GLU C 79 32.50 40.93 -10.51
CA GLU C 79 32.56 39.47 -10.58
C GLU C 79 33.71 38.91 -9.75
N ALA C 80 34.81 39.66 -9.68
CA ALA C 80 35.97 39.25 -8.90
C ALA C 80 35.67 39.34 -7.41
N LYS C 81 35.07 40.44 -6.99
CA LYS C 81 34.67 40.63 -5.60
C LYS C 81 33.71 39.52 -5.17
N GLU C 82 32.79 39.19 -6.06
CA GLU C 82 31.82 38.14 -5.80
C GLU C 82 32.51 36.78 -5.74
N PHE C 83 33.52 36.60 -6.57
CA PHE C 83 34.25 35.34 -6.64
C PHE C 83 35.26 35.19 -5.51
N CYS C 84 36.05 36.24 -5.27
CA CYS C 84 37.07 36.22 -4.23
C CYS C 84 36.44 36.13 -2.84
N LYS C 85 35.21 36.62 -2.71
CA LYS C 85 34.48 36.56 -1.46
C LYS C 85 34.29 35.11 -1.02
N LEU C 86 34.05 34.24 -2.00
CA LEU C 86 33.85 32.82 -1.74
C LEU C 86 35.16 32.13 -1.37
N ILE C 87 36.23 32.48 -2.07
CA ILE C 87 37.53 31.86 -1.84
C ILE C 87 38.13 32.31 -0.50
N ILE C 88 37.92 33.57 -0.15
CA ILE C 88 38.39 34.09 1.13
C ILE C 88 37.64 33.43 2.28
N LYS C 89 36.32 33.29 2.13
CA LYS C 89 35.51 32.60 3.13
C LYS C 89 35.89 31.12 3.22
N CYS C 90 36.31 30.55 2.10
CA CYS C 90 36.69 29.15 2.05
C CYS C 90 37.95 28.89 2.87
N GLN C 91 38.99 29.70 2.64
CA GLN C 91 40.23 29.58 3.39
C GLN C 91 40.02 29.91 4.87
N GLU C 92 39.10 30.82 5.14
CA GLU C 92 38.77 31.21 6.50
C GLU C 92 38.19 30.02 7.28
N HIS C 93 37.44 29.18 6.57
CA HIS C 93 36.89 27.97 7.16
C HIS C 93 37.97 26.90 7.32
N LEU C 94 38.88 26.84 6.35
CA LEU C 94 39.97 25.87 6.38
C LEU C 94 40.97 26.19 7.49
N ASN C 95 41.12 27.48 7.78
CA ASN C 95 41.99 27.91 8.87
C ASN C 95 41.44 27.54 10.24
N LYS C 96 40.10 27.54 10.35
CA LYS C 96 39.44 27.12 11.57
C LYS C 96 39.52 25.60 11.73
N ILE C 97 39.71 24.90 10.62
CA ILE C 97 39.92 23.47 10.63
C ILE C 97 41.32 23.15 11.17
N LEU C 98 42.30 23.95 10.73
CA LEU C 98 43.68 23.78 11.19
C LEU C 98 43.83 24.17 12.65
N ALA C 99 42.91 25.00 13.14
CA ALA C 99 42.98 25.50 14.51
C ALA C 99 42.79 24.39 15.54
N ASN C 100 42.27 23.24 15.10
CA ASN C 100 42.08 22.11 15.99
C ASN C 100 43.30 21.19 16.05
N PHE C 101 44.27 21.47 15.18
CA PHE C 101 45.47 20.65 15.12
C PHE C 101 46.73 21.45 15.48
N GLY C 102 46.55 22.45 16.33
CA GLY C 102 47.66 23.25 16.80
C GLY C 102 48.16 24.28 15.80
N PHE C 103 47.22 25.05 15.26
CA PHE C 103 47.56 26.14 14.34
C PHE C 103 46.86 27.42 14.72
N GLU C 104 47.41 28.55 14.28
CA GLU C 104 46.84 29.85 14.58
C GLU C 104 47.23 30.87 13.51
N SER D 38 40.22 41.84 2.73
CA SER D 38 38.85 42.12 2.29
C SER D 38 38.65 41.67 0.84
N TYR D 39 37.41 41.33 0.51
CA TYR D 39 37.07 40.91 -0.85
C TYR D 39 36.69 42.12 -1.70
N LYS D 40 36.46 43.25 -1.05
CA LYS D 40 36.05 44.46 -1.73
C LYS D 40 37.22 45.08 -2.50
N ASP D 41 38.43 44.68 -2.16
CA ASP D 41 39.63 45.17 -2.83
C ASP D 41 39.98 44.32 -4.04
N ALA D 42 39.06 43.45 -4.43
CA ALA D 42 39.29 42.55 -5.56
C ALA D 42 39.27 43.29 -6.89
N LYS D 43 40.31 43.06 -7.70
CA LYS D 43 40.47 43.69 -8.99
C LYS D 43 40.09 42.72 -10.10
N PRO D 44 39.76 43.23 -11.29
CA PRO D 44 39.48 42.39 -12.46
C PRO D 44 40.62 41.42 -12.76
N GLY D 45 40.28 40.23 -13.23
CA GLY D 45 41.29 39.24 -13.55
C GLY D 45 40.72 37.95 -14.10
N LYS D 46 41.59 36.96 -14.27
CA LYS D 46 41.20 35.67 -14.85
C LYS D 46 41.29 34.57 -13.79
N ILE D 47 40.33 33.66 -13.81
CA ILE D 47 40.31 32.53 -12.88
C ILE D 47 41.18 31.39 -13.39
N ASP D 48 42.11 30.93 -12.56
CA ASP D 48 42.95 29.79 -12.90
C ASP D 48 42.15 28.50 -12.68
N VAL D 49 41.64 27.93 -13.78
CA VAL D 49 40.83 26.73 -13.72
C VAL D 49 41.60 25.54 -13.16
N ASN D 50 42.84 25.38 -13.61
CA ASN D 50 43.70 24.30 -13.14
C ASN D 50 43.97 24.36 -11.64
N GLU D 51 44.23 25.57 -11.15
CA GLU D 51 44.53 25.75 -9.73
C GLU D 51 43.28 25.56 -8.88
N PHE D 52 42.12 25.86 -9.48
CA PHE D 52 40.84 25.65 -8.79
C PHE D 52 40.50 24.17 -8.77
N LYS D 53 40.85 23.47 -9.83
CA LYS D 53 40.61 22.04 -9.92
C LYS D 53 41.48 21.30 -8.92
N LYS D 54 42.73 21.76 -8.77
CA LYS D 54 43.65 21.15 -7.82
C LYS D 54 43.22 21.47 -6.39
N ALA D 55 42.72 22.68 -6.18
CA ALA D 55 42.27 23.11 -4.85
C ALA D 55 41.04 22.34 -4.41
N ILE D 56 40.16 22.03 -5.37
CA ILE D 56 38.93 21.31 -5.05
C ILE D 56 39.16 19.79 -5.00
N TYR D 57 40.20 19.33 -5.68
CA TYR D 57 40.58 17.92 -5.65
C TYR D 57 41.12 17.54 -4.27
N LEU D 58 41.95 18.41 -3.72
CA LEU D 58 42.56 18.17 -2.40
C LEU D 58 41.52 18.10 -1.30
N LEU D 59 40.44 18.87 -1.45
CA LEU D 59 39.37 18.87 -0.47
C LEU D 59 38.51 17.61 -0.60
N ILE D 60 38.53 17.02 -1.79
CA ILE D 60 37.84 15.75 -2.02
C ILE D 60 38.62 14.60 -1.38
N GLU D 61 39.94 14.67 -1.49
CA GLU D 61 40.81 13.66 -0.89
C GLU D 61 40.79 13.77 0.63
N ALA D 62 40.55 14.98 1.13
CA ALA D 62 40.47 15.22 2.57
C ALA D 62 39.12 14.80 3.12
N ASP D 63 38.18 14.53 2.23
CA ASP D 63 36.84 14.12 2.62
C ASP D 63 36.81 12.66 3.06
N ASP D 64 37.81 11.90 2.63
CA ASP D 64 37.91 10.49 3.00
C ASP D 64 38.11 10.30 4.50
N PHE D 65 38.65 11.31 5.16
CA PHE D 65 38.89 11.26 6.60
C PHE D 65 37.59 11.34 7.39
N LEU D 66 36.54 11.86 6.75
CA LEU D 66 35.22 11.92 7.37
C LEU D 66 34.58 10.54 7.41
N TYR D 67 34.97 9.68 6.47
CA TYR D 67 34.45 8.32 6.38
C TYR D 67 35.27 7.35 7.22
N LYS D 68 36.58 7.36 7.03
CA LYS D 68 37.46 6.38 7.67
C LYS D 68 37.67 6.63 9.16
N LYS D 69 37.32 7.82 9.62
CA LYS D 69 37.51 8.15 11.04
C LYS D 69 36.19 8.44 11.74
N ALA D 70 35.10 7.98 11.14
CA ALA D 70 33.78 8.13 11.73
C ALA D 70 33.64 7.32 13.01
N PRO D 71 32.85 7.81 13.99
CA PRO D 71 32.15 9.08 13.97
C PRO D 71 32.84 10.16 14.80
N LYS D 72 33.84 9.78 15.59
CA LYS D 72 34.50 10.71 16.49
C LYS D 72 35.39 11.71 15.74
N HIS D 73 35.86 11.30 14.56
CA HIS D 73 36.71 12.14 13.71
C HIS D 73 37.97 12.64 14.41
N GLU D 74 38.44 11.89 15.41
CA GLU D 74 39.63 12.27 16.15
C GLU D 74 40.89 11.69 15.52
N LEU D 75 41.81 12.56 15.13
CA LEU D 75 43.05 12.14 14.51
C LEU D 75 44.19 12.13 15.53
N ASN D 76 45.16 11.26 15.32
CA ASN D 76 46.37 11.28 16.13
C ASN D 76 47.36 12.30 15.55
N GLU D 77 48.63 12.15 15.89
CA GLU D 77 49.64 13.08 15.38
C GLU D 77 49.98 12.76 13.93
N GLU D 78 49.96 11.47 13.59
CA GLU D 78 50.31 11.05 12.24
C GLU D 78 49.17 11.30 11.25
N GLU D 79 47.94 11.13 11.73
CA GLU D 79 46.76 11.36 10.90
C GLU D 79 46.50 12.86 10.71
N ALA D 80 46.94 13.66 11.67
CA ALA D 80 46.80 15.11 11.58
C ALA D 80 47.76 15.68 10.53
N LYS D 81 48.98 15.19 10.54
CA LYS D 81 49.99 15.63 9.58
C LYS D 81 49.57 15.35 8.15
N GLU D 82 48.95 14.19 7.94
CA GLU D 82 48.47 13.80 6.62
C GLU D 82 47.28 14.66 6.19
N PHE D 83 46.38 14.92 7.15
CA PHE D 83 45.17 15.68 6.87
C PHE D 83 45.48 17.17 6.66
N CYS D 84 46.27 17.74 7.56
CA CYS D 84 46.62 19.16 7.49
C CYS D 84 47.46 19.47 6.25
N LYS D 85 48.16 18.46 5.75
CA LYS D 85 48.96 18.62 4.54
C LYS D 85 48.05 18.86 3.34
N LEU D 86 46.84 18.33 3.41
CA LEU D 86 45.86 18.52 2.34
C LEU D 86 45.20 19.90 2.45
N ILE D 87 45.00 20.36 3.67
CA ILE D 87 44.39 21.66 3.91
C ILE D 87 45.33 22.80 3.56
N ILE D 88 46.62 22.62 3.89
CA ILE D 88 47.63 23.63 3.60
C ILE D 88 47.87 23.77 2.10
N LYS D 89 48.08 22.64 1.43
CA LYS D 89 48.29 22.64 -0.02
C LYS D 89 47.10 23.23 -0.76
N CYS D 90 45.90 22.99 -0.22
CA CYS D 90 44.68 23.53 -0.80
C CYS D 90 44.69 25.06 -0.76
N GLN D 91 45.06 25.60 0.39
CA GLN D 91 45.13 27.05 0.56
C GLN D 91 46.22 27.65 -0.32
N GLU D 92 47.26 26.86 -0.60
CA GLU D 92 48.34 27.29 -1.49
C GLU D 92 47.84 27.42 -2.92
N HIS D 93 46.81 26.65 -3.27
CA HIS D 93 46.19 26.75 -4.59
C HIS D 93 45.16 27.86 -4.62
N LEU D 94 44.45 28.04 -3.50
CA LEU D 94 43.44 29.09 -3.39
C LEU D 94 44.08 30.47 -3.34
N ASN D 95 45.30 30.55 -2.80
CA ASN D 95 46.04 31.80 -2.76
C ASN D 95 46.51 32.21 -4.15
N LYS D 96 46.86 31.23 -4.97
CA LYS D 96 47.29 31.47 -6.33
C LYS D 96 46.14 31.97 -7.19
N ILE D 97 44.92 31.56 -6.83
CA ILE D 97 43.73 32.02 -7.52
C ILE D 97 43.47 33.49 -7.21
N LEU D 98 43.61 33.85 -5.95
CA LEU D 98 43.39 35.23 -5.50
C LEU D 98 44.47 36.18 -6.02
N ALA D 99 45.60 35.61 -6.43
CA ALA D 99 46.72 36.41 -6.92
C ALA D 99 46.38 37.16 -8.19
N ASN D 100 45.55 36.55 -9.04
CA ASN D 100 45.17 37.14 -10.31
C ASN D 100 44.13 38.26 -10.16
N PHE D 101 43.81 38.60 -8.93
CA PHE D 101 42.82 39.65 -8.66
C PHE D 101 43.39 40.76 -7.78
N GLY D 102 44.72 40.80 -7.67
CA GLY D 102 45.40 41.88 -6.97
C GLY D 102 45.75 41.58 -5.54
N PHE D 103 45.73 40.31 -5.16
CA PHE D 103 46.07 39.92 -3.78
C PHE D 103 47.48 39.35 -3.69
N GLU D 104 48.33 39.99 -2.89
CA GLU D 104 49.71 39.56 -2.71
C GLU D 104 49.88 38.78 -1.41
N PHE D 105 50.80 37.81 -1.42
CA PHE D 105 51.08 37.01 -0.23
C PHE D 105 52.58 36.70 -0.12
N ILE E 38 -31.34 -32.84 19.04
CA ILE E 38 -31.91 -32.16 17.90
C ILE E 38 -33.15 -31.35 18.30
N ASN E 39 -32.94 -30.09 18.62
CA ASN E 39 -34.03 -29.21 19.04
C ASN E 39 -34.68 -28.49 17.85
N LEU E 40 -34.04 -27.43 17.38
CA LEU E 40 -34.51 -26.63 16.26
C LEU E 40 -35.90 -26.07 16.47
N ASP E 41 -36.24 -25.76 17.72
CA ASP E 41 -37.56 -25.22 18.06
C ASP E 41 -37.48 -23.75 18.44
N LYS E 42 -36.38 -23.35 19.06
CA LYS E 42 -36.21 -21.96 19.48
C LYS E 42 -35.46 -21.14 18.44
N TYR E 43 -35.57 -21.53 17.18
CA TYR E 43 -34.89 -20.83 16.11
C TYR E 43 -35.84 -20.50 14.96
N LYS E 44 -37.02 -21.11 14.98
CA LYS E 44 -38.02 -20.89 13.94
C LYS E 44 -38.97 -19.75 14.31
N ASN E 45 -39.42 -19.74 15.55
CA ASN E 45 -40.33 -18.71 16.02
C ASN E 45 -39.61 -17.56 16.70
N LEU E 46 -38.33 -17.38 16.35
CA LEU E 46 -37.52 -16.33 16.95
C LEU E 46 -37.90 -14.96 16.41
N THR E 47 -38.32 -14.92 15.14
CA THR E 47 -38.70 -13.67 14.50
C THR E 47 -39.92 -13.03 15.16
N ARG E 48 -39.72 -12.49 16.36
CA ARG E 48 -40.80 -11.87 17.11
C ARG E 48 -40.21 -10.94 18.18
N SER E 49 -40.54 -9.66 18.09
CA SER E 49 -40.02 -8.68 19.03
C SER E 49 -41.00 -7.53 19.27
N LEU E 50 -40.66 -6.65 20.20
CA LEU E 50 -41.51 -5.52 20.52
C LEU E 50 -40.79 -4.21 20.21
N THR E 51 -39.95 -4.25 19.18
CA THR E 51 -39.15 -3.09 18.79
C THR E 51 -40.00 -2.01 18.12
N ARG E 52 -41.18 -2.41 17.64
CA ARG E 52 -42.08 -1.48 16.96
C ARG E 52 -43.39 -1.30 17.71
N GLU E 53 -43.62 -2.13 18.72
CA GLU E 53 -44.85 -2.08 19.49
C GLU E 53 -44.62 -1.43 20.86
N PHE E 54 -43.35 -1.25 21.21
CA PHE E 54 -42.99 -0.67 22.49
C PHE E 54 -41.96 0.45 22.34
N ILE E 55 -42.00 1.42 23.24
CA ILE E 55 -41.01 2.48 23.26
C ILE E 55 -39.82 2.08 24.12
N ASN E 56 -38.69 1.79 23.48
CA ASN E 56 -37.50 1.37 24.19
C ASN E 56 -36.78 2.54 24.86
N LEU E 57 -36.60 2.45 26.17
CA LEU E 57 -35.93 3.51 26.91
C LEU E 57 -34.54 3.10 27.37
N ASN E 58 -34.01 2.04 26.76
CA ASN E 58 -32.67 1.57 27.09
C ASN E 58 -31.61 2.47 26.47
N PRO E 59 -30.80 3.13 27.32
CA PRO E 59 -29.79 4.10 26.89
C PRO E 59 -28.75 3.53 25.92
N ILE E 60 -28.52 2.23 25.97
CA ILE E 60 -27.50 1.62 25.13
C ILE E 60 -28.00 1.30 23.72
N GLN E 61 -29.26 1.62 23.46
CA GLN E 61 -29.86 1.32 22.16
C GLN E 61 -30.60 2.52 21.57
N ARG E 62 -30.59 3.64 22.28
CA ARG E 62 -31.30 4.84 21.83
C ARG E 62 -30.68 5.45 20.58
N GLY E 63 -29.38 5.77 20.65
CA GLY E 63 -28.67 6.35 19.53
C GLY E 63 -28.18 5.30 18.55
N GLY E 64 -28.76 4.10 18.62
CA GLY E 64 -28.36 3.01 17.76
C GLY E 64 -29.48 2.57 16.83
N ILE E 65 -30.61 3.23 16.93
CA ILE E 65 -31.76 2.93 16.07
C ILE E 65 -31.47 3.33 14.63
N LEU E 66 -31.53 2.36 13.72
CA LEU E 66 -31.24 2.60 12.31
C LEU E 66 -32.32 3.46 11.65
N PRO E 67 -31.89 4.49 10.90
CA PRO E 67 -32.81 5.32 10.13
C PRO E 67 -33.25 4.61 8.86
N LYS E 68 -34.19 5.20 8.13
CA LYS E 68 -34.74 4.56 6.94
C LYS E 68 -33.72 4.45 5.81
N GLU E 69 -32.74 5.34 5.80
CA GLU E 69 -31.69 5.32 4.78
C GLU E 69 -30.75 4.14 5.01
N ALA E 70 -30.64 3.72 6.27
CA ALA E 70 -29.80 2.58 6.62
C ALA E 70 -30.54 1.28 6.37
N LYS E 71 -31.86 1.32 6.52
CA LYS E 71 -32.70 0.14 6.33
C LYS E 71 -32.75 -0.27 4.86
N LYS E 72 -32.61 0.70 3.97
CA LYS E 72 -32.57 0.43 2.54
C LYS E 72 -31.22 -0.16 2.15
N ALA E 73 -30.17 0.24 2.86
CA ALA E 73 -28.83 -0.26 2.61
C ALA E 73 -28.68 -1.69 3.13
N VAL E 74 -29.41 -2.01 4.20
CA VAL E 74 -29.41 -3.36 4.75
C VAL E 74 -30.03 -4.33 3.75
N TYR E 75 -31.16 -3.93 3.18
CA TYR E 75 -31.84 -4.73 2.15
C TYR E 75 -30.91 -5.05 1.00
N GLU E 76 -30.16 -4.05 0.57
CA GLU E 76 -29.21 -4.21 -0.54
C GLU E 76 -28.08 -5.17 -0.18
N TYR E 77 -27.51 -4.99 1.01
CA TYR E 77 -26.33 -5.75 1.40
C TYR E 77 -26.51 -6.65 2.62
N TRP E 78 -27.59 -7.43 2.63
CA TRP E 78 -27.72 -8.49 3.64
C TRP E 78 -27.10 -9.78 3.11
N ASP E 79 -26.11 -9.59 2.24
CA ASP E 79 -25.26 -10.63 1.70
C ASP E 79 -24.16 -9.91 0.92
N GLY E 80 -22.95 -10.49 0.91
CA GLY E 80 -21.79 -9.80 0.38
C GLY E 80 -21.97 -9.21 -1.02
N THR E 95 -18.77 -1.36 -7.11
CA THR E 95 -19.12 -2.73 -6.72
C THR E 95 -18.97 -2.93 -5.22
N CYS E 96 -18.31 -1.97 -4.56
CA CYS E 96 -18.10 -2.03 -3.12
C CYS E 96 -18.31 -0.65 -2.49
N PRO E 97 -18.85 -0.62 -1.27
CA PRO E 97 -19.08 0.63 -0.53
C PRO E 97 -17.77 1.39 -0.28
N PRO E 98 -17.81 2.73 -0.39
CA PRO E 98 -16.63 3.58 -0.20
C PRO E 98 -16.15 3.58 1.25
N ILE E 99 -15.38 2.57 1.63
CA ILE E 99 -14.87 2.46 2.99
C ILE E 99 -13.64 3.36 3.19
N LYS E 100 -12.76 3.40 2.20
CA LYS E 100 -11.54 4.19 2.28
C LYS E 100 -11.83 5.69 2.37
N ASP E 101 -12.79 6.16 1.57
CA ASP E 101 -13.19 7.55 1.59
C ASP E 101 -13.91 7.89 2.89
N PHE E 102 -14.55 6.88 3.48
CA PHE E 102 -15.27 7.04 4.73
C PHE E 102 -14.30 7.24 5.89
N LEU E 103 -13.18 6.52 5.85
CA LEU E 103 -12.16 6.63 6.89
C LEU E 103 -11.54 8.02 6.93
N GLU E 104 -11.50 8.66 5.77
CA GLU E 104 -10.99 10.03 5.68
C GLU E 104 -11.98 11.02 6.28
N ASP E 105 -13.25 10.89 5.89
CA ASP E 105 -14.30 11.79 6.35
C ASP E 105 -14.58 11.63 7.83
N ILE E 106 -14.54 10.40 8.32
CA ILE E 106 -14.76 10.13 9.74
C ILE E 106 -13.60 10.65 10.58
N ALA E 107 -12.44 10.79 9.94
CA ALA E 107 -11.26 11.34 10.60
C ALA E 107 -11.40 12.85 10.72
N LYS E 108 -12.08 13.45 9.75
CA LYS E 108 -12.37 14.88 9.77
C LYS E 108 -13.52 15.16 10.72
N PHE E 109 -14.44 14.20 10.83
CA PHE E 109 -15.63 14.34 11.66
C PHE E 109 -15.28 14.43 13.14
N LEU E 110 -14.08 13.98 13.49
CA LEU E 110 -13.61 14.02 14.87
C LEU E 110 -12.37 14.89 15.00
N ASN E 111 -11.97 15.50 13.87
CA ASN E 111 -10.75 16.28 13.78
C ASN E 111 -9.53 15.48 14.25
N MET E 112 -9.31 14.34 13.60
CA MET E 112 -8.20 13.46 13.92
C MET E 112 -7.36 13.22 12.67
N ASP E 113 -6.13 12.78 12.85
CA ASP E 113 -5.26 12.49 11.71
C ASP E 113 -5.73 11.26 10.94
N CYS E 114 -5.75 10.11 11.61
CA CYS E 114 -6.18 8.87 10.98
C CYS E 114 -7.28 8.19 11.79
N ALA E 115 -8.00 7.26 11.14
CA ALA E 115 -9.08 6.55 11.79
C ALA E 115 -9.27 5.16 11.18
N ARG E 116 -9.56 4.18 12.04
CA ARG E 116 -9.76 2.80 11.60
C ARG E 116 -11.03 2.22 12.20
N PRO E 117 -11.70 1.32 11.46
CA PRO E 117 -12.93 0.69 11.92
C PRO E 117 -12.66 -0.52 12.82
N THR E 118 -13.46 -0.68 13.87
CA THR E 118 -13.33 -1.82 14.77
C THR E 118 -14.69 -2.49 14.98
N HIS E 119 -14.73 -3.44 15.92
CA HIS E 119 -15.98 -4.11 16.27
C HIS E 119 -16.62 -3.44 17.48
N GLY E 120 -16.31 -2.16 17.67
CA GLY E 120 -16.85 -1.41 18.79
C GLY E 120 -15.75 -0.70 19.56
N ALA E 121 -16.14 0.00 20.62
CA ALA E 121 -15.19 0.68 21.49
C ALA E 121 -14.39 -0.34 22.30
N ARG E 122 -14.93 -1.54 22.39
CA ARG E 122 -14.31 -2.65 23.10
C ARG E 122 -12.98 -3.02 22.46
N GLU E 123 -13.03 -3.34 21.17
CA GLU E 123 -11.83 -3.71 20.41
C GLU E 123 -10.86 -2.54 20.30
N GLY E 124 -11.40 -1.37 19.93
CA GLY E 124 -10.59 -0.17 19.71
C GLY E 124 -9.68 0.18 20.87
N LYS E 125 -10.13 -0.08 22.10
CA LYS E 125 -9.32 0.16 23.28
C LYS E 125 -8.24 -0.92 23.42
N PHE E 126 -8.55 -2.15 23.02
CA PHE E 126 -7.58 -3.22 23.07
C PHE E 126 -6.51 -3.04 22.00
N ILE E 127 -6.90 -2.43 20.89
CA ILE E 127 -5.99 -2.17 19.79
C ILE E 127 -4.85 -1.24 20.20
N VAL E 128 -5.20 -0.16 20.90
CA VAL E 128 -4.20 0.79 21.37
C VAL E 128 -3.40 0.25 22.55
N MET E 129 -4.06 -0.52 23.42
CA MET E 129 -3.42 -1.09 24.60
C MET E 129 -2.43 -2.20 24.25
N HIS E 130 -2.67 -2.89 23.14
CA HIS E 130 -1.82 -4.00 22.72
C HIS E 130 -0.70 -3.53 21.78
N ALA E 131 -0.84 -2.32 21.24
CA ALA E 131 0.13 -1.81 20.27
C ALA E 131 0.98 -0.66 20.81
N ILE E 132 0.67 -0.19 22.01
CA ILE E 132 1.41 0.94 22.59
C ILE E 132 2.11 0.55 23.90
N CYS E 133 1.39 -0.12 24.79
CA CYS E 133 1.90 -0.41 26.13
C CYS E 133 2.77 -1.66 26.21
N LYS E 134 3.31 -1.93 27.39
CA LYS E 134 4.13 -3.10 27.63
C LYS E 134 3.42 -4.01 28.64
N GLU E 135 3.78 -5.29 28.63
CA GLU E 135 3.20 -6.24 29.58
C GLU E 135 3.56 -5.85 31.01
N GLY E 136 2.76 -4.97 31.61
CA GLY E 136 2.98 -4.52 32.97
C GLY E 136 2.76 -3.03 33.18
N ASP E 137 2.67 -2.28 32.09
CA ASP E 137 2.46 -0.84 32.16
C ASP E 137 1.12 -0.49 32.79
N TYR E 138 1.11 0.62 33.54
CA TYR E 138 -0.09 1.06 34.23
C TYR E 138 -0.99 1.92 33.35
N VAL E 139 -2.29 1.66 33.40
CA VAL E 139 -3.27 2.47 32.69
C VAL E 139 -4.15 3.22 33.68
N VAL E 140 -4.00 4.54 33.71
CA VAL E 140 -4.76 5.37 34.65
C VAL E 140 -6.06 5.86 34.02
N LEU E 141 -7.17 5.56 34.69
CA LEU E 141 -8.50 5.93 34.20
C LEU E 141 -9.38 6.49 35.31
N ASP E 142 -10.58 6.92 34.93
CA ASP E 142 -11.54 7.45 35.89
C ASP E 142 -12.26 6.32 36.63
N LYS E 143 -12.87 6.65 37.76
CA LYS E 143 -13.55 5.67 38.58
C LYS E 143 -14.95 5.36 38.04
N ASN E 144 -15.34 6.09 36.99
CA ASN E 144 -16.62 5.87 36.34
C ASN E 144 -16.44 5.19 34.98
N ALA E 145 -15.32 4.47 34.83
CA ALA E 145 -15.00 3.84 33.56
C ALA E 145 -15.90 2.64 33.28
N HIS E 146 -16.02 2.30 32.00
CA HIS E 146 -16.83 1.17 31.58
C HIS E 146 -16.10 -0.13 31.92
N TYR E 147 -16.85 -1.23 31.97
CA TYR E 147 -16.25 -2.51 32.36
C TYR E 147 -15.31 -3.05 31.28
N THR E 148 -15.46 -2.56 30.07
CA THR E 148 -14.65 -3.01 28.95
C THR E 148 -13.25 -2.40 28.98
N SER E 149 -13.09 -1.31 29.73
CA SER E 149 -11.79 -0.66 29.86
C SER E 149 -10.89 -1.44 30.82
N TYR E 150 -11.49 -2.24 31.69
CA TYR E 150 -10.74 -3.06 32.63
C TYR E 150 -10.40 -4.42 32.02
N VAL E 151 -11.27 -4.91 31.15
CA VAL E 151 -11.08 -6.20 30.51
C VAL E 151 -10.08 -6.10 29.35
N ALA E 152 -10.18 -5.03 28.58
CA ALA E 152 -9.25 -4.81 27.47
C ALA E 152 -7.85 -4.48 27.96
N ALA E 153 -7.75 -4.09 29.22
CA ALA E 153 -6.46 -3.80 29.83
C ALA E 153 -5.84 -5.08 30.40
N GLU E 154 -6.70 -5.99 30.85
CA GLU E 154 -6.25 -7.25 31.41
C GLU E 154 -5.87 -8.23 30.29
N ARG E 155 -6.51 -8.07 29.14
CA ARG E 155 -6.21 -8.90 27.98
C ARG E 155 -4.88 -8.49 27.35
N ALA E 156 -4.52 -7.22 27.53
CA ALA E 156 -3.25 -6.72 27.05
C ALA E 156 -2.20 -6.86 28.15
N LYS E 157 -2.59 -7.52 29.24
CA LYS E 157 -1.73 -7.74 30.40
C LYS E 157 -1.20 -6.44 30.99
N LEU E 158 -2.12 -5.52 31.29
CA LEU E 158 -1.77 -4.23 31.88
C LEU E 158 -2.32 -4.12 33.30
N ASN E 159 -1.95 -3.05 33.99
CA ASN E 159 -2.48 -2.77 35.31
C ASN E 159 -3.40 -1.55 35.29
N VAL E 160 -4.18 -1.38 36.36
CA VAL E 160 -5.15 -0.28 36.41
C VAL E 160 -5.02 0.56 37.68
N ALA E 161 -4.91 1.87 37.50
CA ALA E 161 -4.89 2.81 38.61
C ALA E 161 -6.05 3.79 38.48
N GLU E 162 -6.98 3.74 39.43
CA GLU E 162 -8.20 4.55 39.36
C GLU E 162 -7.99 5.99 39.82
N VAL E 163 -8.89 6.88 39.39
CA VAL E 163 -8.87 8.27 39.82
C VAL E 163 -10.12 8.59 40.64
N GLY E 164 -9.91 9.10 41.84
CA GLY E 164 -11.00 9.38 42.75
C GLY E 164 -11.96 10.46 42.28
N TYR E 165 -13.12 10.53 42.93
CA TYR E 165 -14.13 11.52 42.60
C TYR E 165 -13.74 12.91 43.07
N GLU E 166 -14.33 13.93 42.46
CA GLU E 166 -14.24 15.29 42.96
C GLU E 166 -15.34 15.44 44.01
N GLU E 167 -16.37 14.59 43.87
CA GLU E 167 -17.50 14.56 44.78
C GLU E 167 -18.33 13.31 44.48
N GLU E 168 -18.76 12.60 45.51
CA GLU E 168 -19.57 11.41 45.30
C GLU E 168 -21.05 11.77 45.12
N TYR E 169 -21.90 11.29 46.03
CA TYR E 169 -23.33 11.54 45.96
C TYR E 169 -23.65 13.03 46.10
N PRO E 170 -24.53 13.55 45.24
CA PRO E 170 -25.17 12.80 44.16
C PRO E 170 -24.58 13.14 42.79
N THR E 171 -23.43 13.80 42.79
CA THR E 171 -22.81 14.27 41.55
C THR E 171 -22.00 13.17 40.86
N TYR E 172 -21.14 12.51 41.63
CA TYR E 172 -20.25 11.47 41.10
C TYR E 172 -19.40 11.98 39.94
N LYS E 173 -18.86 13.18 40.10
CA LYS E 173 -18.01 13.79 39.09
C LYS E 173 -16.54 13.42 39.34
N ILE E 174 -15.86 13.03 38.27
CA ILE E 174 -14.47 12.62 38.37
C ILE E 174 -13.53 13.82 38.53
N ASN E 175 -12.66 13.76 39.53
CA ASN E 175 -11.66 14.80 39.75
C ASN E 175 -10.57 14.73 38.68
N LEU E 176 -10.72 15.55 37.64
CA LEU E 176 -9.81 15.52 36.49
C LEU E 176 -8.40 15.95 36.87
N GLU E 177 -8.29 16.84 37.85
CA GLU E 177 -6.99 17.29 38.33
C GLU E 177 -6.28 16.16 39.07
N GLY E 178 -7.06 15.23 39.61
CA GLY E 178 -6.52 14.10 40.36
C GLY E 178 -5.75 13.12 39.50
N TYR E 179 -5.92 13.24 38.18
CA TYR E 179 -5.20 12.40 37.23
C TYR E 179 -3.70 12.57 37.37
N LYS E 180 -3.26 13.83 37.50
CA LYS E 180 -1.84 14.15 37.61
C LYS E 180 -1.24 13.54 38.87
N GLU E 181 -2.03 13.47 39.93
CA GLU E 181 -1.57 12.93 41.21
C GLU E 181 -1.39 11.41 41.15
N VAL E 182 -2.34 10.74 40.50
CA VAL E 182 -2.27 9.28 40.36
C VAL E 182 -1.04 8.87 39.55
N ILE E 183 -0.76 9.61 38.49
CA ILE E 183 0.41 9.36 37.64
C ILE E 183 1.70 9.40 38.45
N ASP E 184 1.90 10.48 39.20
CA ASP E 184 3.11 10.66 40.00
C ASP E 184 3.25 9.57 41.06
N ASN E 185 2.14 9.24 41.71
CA ASN E 185 2.12 8.21 42.75
C ASN E 185 2.59 6.85 42.24
N LEU E 186 2.37 6.60 40.94
CA LEU E 186 2.80 5.36 40.33
C LEU E 186 4.24 5.47 39.82
N GLU E 187 4.57 6.61 39.22
CA GLU E 187 5.91 6.84 38.69
C GLU E 187 6.98 6.86 39.79
N ASP E 188 6.63 7.38 40.96
CA ASP E 188 7.55 7.45 42.08
C ASP E 188 7.82 6.08 42.68
N LYS E 189 6.90 5.15 42.46
CA LYS E 189 7.04 3.79 42.95
C LYS E 189 7.82 2.92 41.95
N GLY E 190 8.28 3.54 40.87
CA GLY E 190 9.03 2.83 39.85
C GLY E 190 8.15 2.27 38.75
N LYS E 191 6.83 2.30 38.97
CA LYS E 191 5.88 1.80 38.00
C LYS E 191 5.86 2.69 36.76
N ASN E 192 5.74 2.08 35.59
CA ASN E 192 5.74 2.81 34.34
C ASN E 192 4.34 3.01 33.78
N VAL E 193 3.95 4.26 33.54
CA VAL E 193 2.64 4.57 33.00
C VAL E 193 2.61 4.34 31.49
N GLY E 194 1.61 3.60 31.03
CA GLY E 194 1.52 3.26 29.62
C GLY E 194 0.47 4.02 28.84
N LEU E 195 -0.70 4.19 29.45
CA LEU E 195 -1.81 4.83 28.76
C LEU E 195 -2.74 5.58 29.72
N ILE E 196 -3.19 6.76 29.28
CA ILE E 196 -4.16 7.53 30.04
C ILE E 196 -5.53 7.46 29.37
N LEU E 197 -6.48 6.80 30.03
CA LEU E 197 -7.83 6.65 29.51
C LEU E 197 -8.79 7.60 30.20
N LEU E 198 -9.66 8.23 29.42
CA LEU E 198 -10.70 9.09 29.98
C LEU E 198 -12.03 8.84 29.30
N THR E 199 -12.96 8.25 30.05
CA THR E 199 -14.31 8.04 29.55
C THR E 199 -15.03 9.38 29.51
N HIS E 200 -15.32 9.86 28.30
CA HIS E 200 -15.93 11.16 28.12
C HIS E 200 -17.30 11.25 28.79
N VAL E 201 -18.11 10.22 28.60
CA VAL E 201 -19.40 10.12 29.28
C VAL E 201 -19.59 8.72 29.84
N ASP E 202 -19.65 8.62 31.17
CA ASP E 202 -19.83 7.33 31.84
C ASP E 202 -21.22 6.76 31.58
N GLY E 203 -21.31 5.44 31.56
CA GLY E 203 -22.58 4.77 31.31
C GLY E 203 -23.34 4.44 32.58
N GLU E 204 -23.14 5.25 33.61
CA GLU E 204 -23.82 5.05 34.88
C GLU E 204 -24.62 6.28 35.28
N TYR E 205 -23.99 7.45 35.21
CA TYR E 205 -24.63 8.70 35.58
C TYR E 205 -24.76 9.62 34.36
N GLY E 206 -23.96 9.36 33.34
CA GLY E 206 -23.97 10.17 32.14
C GLY E 206 -23.39 11.55 32.37
N ASN E 207 -22.23 11.59 33.02
CA ASN E 207 -21.58 12.86 33.33
C ASN E 207 -20.51 13.25 32.31
N LEU E 208 -20.76 14.33 31.59
CA LEU E 208 -19.83 14.82 30.58
C LEU E 208 -18.66 15.56 31.24
N ASN E 209 -17.46 15.02 31.08
CA ASN E 209 -16.26 15.61 31.67
C ASN E 209 -15.45 16.39 30.66
N ASP E 210 -14.70 17.38 31.14
CA ASP E 210 -13.86 18.20 30.28
C ASP E 210 -12.62 17.44 29.82
N ALA E 211 -12.68 16.90 28.60
CA ALA E 211 -11.59 16.11 28.06
C ALA E 211 -10.35 16.96 27.80
N LYS E 212 -10.55 18.27 27.70
CA LYS E 212 -9.44 19.19 27.44
C LYS E 212 -8.51 19.29 28.64
N LYS E 213 -9.05 19.07 29.84
CA LYS E 213 -8.27 19.11 31.06
C LYS E 213 -7.26 17.97 31.13
N VAL E 214 -7.77 16.75 30.99
CA VAL E 214 -6.92 15.56 31.06
C VAL E 214 -5.99 15.50 29.85
N GLY E 215 -6.38 16.19 28.78
CA GLY E 215 -5.55 16.29 27.60
C GLY E 215 -4.28 17.09 27.87
N LYS E 216 -4.41 18.16 28.65
CA LYS E 216 -3.26 18.97 29.02
C LYS E 216 -2.27 18.18 29.88
N ILE E 217 -2.78 17.52 30.91
CA ILE E 217 -1.96 16.76 31.83
C ILE E 217 -1.21 15.62 31.13
N ALA E 218 -1.91 14.90 30.25
CA ALA E 218 -1.32 13.80 29.51
C ALA E 218 -0.18 14.30 28.62
N LYS E 219 -0.34 15.51 28.09
CA LYS E 219 0.66 16.13 27.23
C LYS E 219 1.87 16.58 28.04
N GLU E 220 1.62 17.04 29.27
CA GLU E 220 2.69 17.49 30.15
C GLU E 220 3.62 16.34 30.53
N LYS E 221 3.04 15.18 30.81
CA LYS E 221 3.80 14.02 31.24
C LYS E 221 4.28 13.20 30.05
N GLY E 222 3.79 13.54 28.87
CA GLY E 222 4.19 12.87 27.64
C GLY E 222 3.54 11.51 27.47
N ILE E 223 2.52 11.24 28.27
CA ILE E 223 1.81 9.96 28.23
C ILE E 223 0.68 10.00 27.21
N PRO E 224 0.61 8.98 26.33
CA PRO E 224 -0.46 8.85 25.34
C PRO E 224 -1.85 8.95 25.96
N PHE E 225 -2.75 9.67 25.31
CA PHE E 225 -4.07 9.91 25.87
C PHE E 225 -5.17 9.24 25.04
N LEU E 226 -5.95 8.37 25.69
CA LEU E 226 -7.07 7.70 25.04
C LEU E 226 -8.40 8.27 25.53
N LEU E 227 -9.23 8.69 24.58
CA LEU E 227 -10.52 9.29 24.92
C LEU E 227 -11.66 8.35 24.54
N ASN E 228 -12.31 7.78 25.55
CA ASN E 228 -13.42 6.87 25.34
C ASN E 228 -14.72 7.61 25.05
N CYS E 229 -15.05 7.74 23.77
CA CYS E 229 -16.25 8.46 23.36
C CYS E 229 -17.33 7.54 22.80
N ALA E 230 -17.68 6.50 23.56
CA ALA E 230 -18.73 5.58 23.13
C ALA E 230 -20.09 6.26 23.23
N TYR E 231 -20.33 6.93 24.35
CA TYR E 231 -21.58 7.64 24.58
C TYR E 231 -21.49 9.09 24.12
N THR E 232 -20.46 9.40 23.33
CA THR E 232 -20.21 10.78 22.93
C THR E 232 -20.26 10.98 21.41
N VAL E 233 -19.31 10.36 20.70
CA VAL E 233 -19.23 10.48 19.26
C VAL E 233 -20.50 9.99 18.57
N GLY E 234 -21.16 10.88 17.84
CA GLY E 234 -22.40 10.54 17.16
C GLY E 234 -23.58 11.28 17.76
N ARG E 235 -23.44 11.70 19.01
CA ARG E 235 -24.48 12.46 19.69
C ARG E 235 -24.13 13.94 19.71
N MET E 236 -22.97 14.25 20.29
CA MET E 236 -22.49 15.63 20.35
C MET E 236 -21.21 15.77 19.53
N PRO E 237 -20.91 16.98 19.06
CA PRO E 237 -19.69 17.20 18.26
C PRO E 237 -18.41 16.97 19.06
N VAL E 238 -17.46 16.27 18.47
CA VAL E 238 -16.20 15.96 19.13
C VAL E 238 -15.00 16.49 18.36
N ASN E 239 -14.16 17.26 19.04
CA ASN E 239 -12.93 17.77 18.45
C ASN E 239 -11.71 17.07 19.04
N GLY E 240 -11.05 16.24 18.23
CA GLY E 240 -9.94 15.45 18.70
C GLY E 240 -8.69 16.24 19.06
N LYS E 241 -8.37 17.24 18.24
CA LYS E 241 -7.15 18.03 18.46
C LYS E 241 -7.33 19.11 19.52
N GLU E 242 -8.58 19.48 19.81
CA GLU E 242 -8.85 20.52 20.79
C GLU E 242 -8.81 19.95 22.22
N VAL E 243 -9.28 18.73 22.37
CA VAL E 243 -9.25 18.06 23.68
C VAL E 243 -7.88 17.43 23.91
N LYS E 244 -6.97 17.64 22.96
CA LYS E 244 -5.61 17.13 23.02
C LYS E 244 -5.57 15.61 23.21
N ALA E 245 -6.34 14.90 22.39
CA ALA E 245 -6.40 13.45 22.46
C ALA E 245 -5.49 12.82 21.40
N ASP E 246 -4.95 11.66 21.73
CA ASP E 246 -4.12 10.91 20.78
C ASP E 246 -4.91 9.74 20.22
N PHE E 247 -5.76 9.15 21.04
CA PHE E 247 -6.61 8.04 20.61
C PHE E 247 -8.05 8.28 21.00
N ILE E 248 -8.96 8.13 20.03
CA ILE E 248 -10.38 8.29 20.29
C ILE E 248 -11.17 7.08 19.81
N VAL E 249 -11.86 6.43 20.73
CA VAL E 249 -12.69 5.28 20.37
C VAL E 249 -14.17 5.65 20.47
N ALA E 250 -14.99 4.92 19.72
CA ALA E 250 -16.43 5.17 19.71
C ALA E 250 -17.20 3.89 19.42
N SER E 251 -18.46 3.86 19.84
CA SER E 251 -19.32 2.71 19.60
C SER E 251 -20.34 3.01 18.49
N GLY E 252 -20.44 2.10 17.54
CA GLY E 252 -21.32 2.29 16.39
C GLY E 252 -22.77 1.97 16.68
N HIS E 253 -23.02 0.84 17.31
CA HIS E 253 -24.38 0.42 17.64
C HIS E 253 -24.93 1.09 18.88
N1 LLP E 254 -17.64 2.75 27.15
C2 LLP E 254 -18.88 3.24 27.48
C2' LLP E 254 -18.99 4.39 28.43
C3 LLP E 254 -20.02 2.68 26.93
O3 LLP E 254 -21.13 3.13 27.23
C4 LLP E 254 -19.92 1.62 26.04
C4' LLP E 254 -21.18 1.03 25.46
C5 LLP E 254 -18.66 1.12 25.70
C6 LLP E 254 -17.53 1.69 26.27
C5' LLP E 254 -18.48 -0.04 24.76
OP4 LLP E 254 -19.33 -0.22 23.60
P LLP E 254 -19.19 -1.56 22.71
OP1 LLP E 254 -18.33 -2.44 23.53
OP2 LLP E 254 -20.58 -2.03 22.57
OP3 LLP E 254 -18.56 -1.09 21.47
N LLP E 254 -24.30 2.18 19.30
CA LLP E 254 -24.69 2.85 20.53
CB LLP E 254 -23.59 2.70 21.59
CG LLP E 254 -23.70 3.66 22.74
CD LLP E 254 -22.69 3.34 23.82
CE LLP E 254 -23.04 2.03 24.51
NZ LLP E 254 -22.20 1.82 25.72
C LLP E 254 -25.02 4.32 20.31
O LLP E 254 -26.05 4.80 20.78
N SER E 255 -24.16 5.02 19.59
CA SER E 255 -24.33 6.46 19.40
C SER E 255 -24.22 6.89 17.94
N MET E 256 -23.99 5.95 17.04
CA MET E 256 -23.83 6.29 15.63
C MET E 256 -24.91 5.70 14.72
N ALA E 257 -26.01 5.25 15.34
CA ALA E 257 -27.16 4.72 14.61
C ALA E 257 -26.81 3.60 13.65
N ALA E 258 -26.20 2.54 14.16
CA ALA E 258 -25.82 1.39 13.35
C ALA E 258 -26.20 0.08 14.04
N SER E 259 -25.98 -1.03 13.35
CA SER E 259 -26.26 -2.35 13.91
C SER E 259 -25.00 -2.94 14.53
N ALA E 260 -25.17 -3.71 15.59
CA ALA E 260 -24.04 -4.29 16.30
C ALA E 260 -23.46 -5.49 15.56
N PRO E 261 -22.14 -5.70 15.68
CA PRO E 261 -21.19 -4.82 16.38
C PRO E 261 -20.46 -3.88 15.42
N CYS E 262 -20.14 -2.69 15.90
CA CYS E 262 -19.43 -1.70 15.08
C CYS E 262 -18.79 -0.60 15.92
N GLY E 263 -17.71 -0.01 15.41
CA GLY E 263 -17.02 1.04 16.11
C GLY E 263 -15.95 1.72 15.26
N ILE E 264 -15.29 2.71 15.83
CA ILE E 264 -14.25 3.48 15.13
C ILE E 264 -13.08 3.79 16.06
N LEU E 265 -11.86 3.51 15.60
CA LEU E 265 -10.67 3.89 16.33
C LEU E 265 -9.93 5.03 15.63
N ALA E 266 -9.96 6.21 16.24
CA ALA E 266 -9.28 7.37 15.69
C ALA E 266 -7.95 7.62 16.40
N PHE E 267 -6.92 7.97 15.63
CA PHE E 267 -5.60 8.22 16.19
C PHE E 267 -4.80 9.23 15.37
N SER E 268 -3.71 9.74 15.95
CA SER E 268 -2.87 10.73 15.29
C SER E 268 -1.78 10.08 14.44
N GLU E 269 -1.08 10.89 13.67
CA GLU E 269 -0.01 10.41 12.80
C GLU E 269 1.19 9.89 13.59
N GLU E 270 1.32 10.38 14.83
CA GLU E 270 2.41 9.97 15.71
C GLU E 270 2.37 8.47 15.97
N PHE E 271 1.17 7.92 16.06
CA PHE E 271 0.99 6.50 16.33
C PHE E 271 0.41 5.77 15.12
N SER E 272 0.52 6.40 13.95
CA SER E 272 -0.02 5.84 12.73
C SER E 272 0.72 4.58 12.30
N ASP E 273 2.00 4.50 12.64
CA ASP E 273 2.83 3.36 12.26
C ASP E 273 2.65 2.18 13.21
N LYS E 274 2.28 2.46 14.46
CA LYS E 274 2.09 1.41 15.46
C LYS E 274 0.75 0.71 15.29
N ILE E 275 -0.32 1.48 15.15
CA ILE E 275 -1.65 0.93 15.03
C ILE E 275 -1.85 0.24 13.67
N THR E 276 -1.27 0.82 12.63
CA THR E 276 -1.42 0.29 11.28
C THR E 276 -0.17 -0.44 10.81
N LYS E 277 0.57 -1.01 11.75
CA LYS E 277 1.77 -1.76 11.43
C LYS E 277 1.44 -2.99 10.60
N THR E 278 1.95 -3.02 9.37
CA THR E 278 1.69 -4.13 8.47
C THR E 278 2.41 -5.40 8.91
N SER E 279 2.02 -6.53 8.34
CA SER E 279 2.64 -7.81 8.68
C SER E 279 3.90 -8.05 7.87
N GLU E 280 4.66 -9.07 8.26
CA GLU E 280 5.92 -9.39 7.59
C GLU E 280 5.68 -10.35 6.42
N LYS E 281 4.82 -11.34 6.62
CA LYS E 281 4.50 -12.30 5.57
C LYS E 281 3.65 -11.64 4.49
N PHE E 282 2.75 -10.77 4.92
CA PHE E 282 1.90 -10.04 3.98
C PHE E 282 2.01 -8.54 4.23
N PRO E 283 2.88 -7.86 3.46
CA PRO E 283 3.17 -6.43 3.61
C PRO E 283 2.00 -5.51 3.25
N VAL E 284 0.80 -6.06 3.16
CA VAL E 284 -0.40 -5.27 2.88
C VAL E 284 -1.38 -5.33 4.05
N LYS E 285 -1.66 -6.54 4.51
CA LYS E 285 -2.59 -6.76 5.62
C LYS E 285 -2.06 -6.20 6.93
N GLU E 286 -2.86 -5.38 7.60
CA GLU E 286 -2.47 -4.82 8.88
C GLU E 286 -2.56 -5.87 9.98
N ILE E 287 -1.57 -5.87 10.86
CA ILE E 287 -1.49 -6.87 11.92
C ILE E 287 -2.64 -6.75 12.93
N GLU E 288 -2.77 -5.57 13.53
CA GLU E 288 -3.73 -5.37 14.61
C GLU E 288 -5.17 -5.39 14.11
N MET E 289 -5.34 -5.28 12.79
CA MET E 289 -6.67 -5.25 12.19
C MET E 289 -7.09 -6.62 11.68
N LEU E 290 -6.12 -7.53 11.60
CA LEU E 290 -6.33 -8.91 11.13
C LEU E 290 -6.82 -9.01 9.68
N GLY E 291 -6.88 -7.88 8.99
CA GLY E 291 -7.32 -7.85 7.61
C GLY E 291 -7.79 -6.49 7.17
N CYS E 292 -7.44 -6.10 5.95
CA CYS E 292 -7.82 -4.80 5.40
C CYS E 292 -9.22 -4.84 4.81
N THR E 293 -9.82 -6.02 4.78
CA THR E 293 -11.16 -6.20 4.23
C THR E 293 -12.18 -5.42 5.06
N SER E 294 -12.40 -5.88 6.29
CA SER E 294 -13.36 -5.25 7.21
C SER E 294 -14.75 -5.12 6.60
N ARG E 295 -15.20 -6.19 5.97
CA ARG E 295 -16.52 -6.20 5.33
C ARG E 295 -17.59 -6.60 6.34
N GLY E 296 -18.84 -6.53 5.90
CA GLY E 296 -19.95 -6.97 6.73
C GLY E 296 -21.17 -6.08 6.66
N LEU E 297 -22.19 -6.43 7.44
CA LEU E 297 -23.43 -5.67 7.48
C LEU E 297 -23.39 -4.40 8.34
N PRO E 298 -22.79 -4.46 9.55
CA PRO E 298 -22.77 -3.24 10.36
C PRO E 298 -21.99 -2.08 9.74
N ILE E 299 -20.90 -2.38 9.05
CA ILE E 299 -20.08 -1.32 8.44
C ILE E 299 -20.86 -0.59 7.35
N VAL E 300 -21.77 -1.30 6.69
CA VAL E 300 -22.63 -0.70 5.68
C VAL E 300 -23.61 0.28 6.31
N THR E 301 -24.19 -0.12 7.45
CA THR E 301 -25.15 0.70 8.16
C THR E 301 -24.53 1.98 8.71
N LEU E 302 -23.25 1.90 9.06
CA LEU E 302 -22.54 3.05 9.62
C LEU E 302 -22.29 4.10 8.55
N MET E 303 -22.09 3.65 7.31
CA MET E 303 -21.83 4.56 6.20
C MET E 303 -23.13 5.11 5.60
N ALA E 304 -24.22 4.40 5.84
CA ALA E 304 -25.52 4.83 5.33
C ALA E 304 -26.20 5.80 6.31
N SER E 305 -25.79 5.76 7.56
CA SER E 305 -26.36 6.62 8.58
C SER E 305 -25.48 7.84 8.83
N PHE E 306 -24.32 7.88 8.17
CA PHE E 306 -23.37 8.98 8.35
C PHE E 306 -23.93 10.36 7.95
N PRO E 307 -24.64 10.46 6.80
CA PRO E 307 -25.24 11.77 6.53
C PRO E 307 -26.31 12.15 7.54
N HIS E 308 -26.87 11.17 8.23
CA HIS E 308 -27.87 11.43 9.26
C HIS E 308 -27.20 11.80 10.58
N VAL E 309 -26.15 11.06 10.94
CA VAL E 309 -25.42 11.32 12.17
C VAL E 309 -24.76 12.70 12.14
N VAL E 310 -24.09 13.00 11.03
CA VAL E 310 -23.41 14.28 10.87
C VAL E 310 -24.39 15.45 10.83
N GLU E 311 -25.67 15.13 10.64
CA GLU E 311 -26.71 16.15 10.57
C GLU E 311 -27.48 16.24 11.90
N ARG E 312 -27.43 15.19 12.69
CA ARG E 312 -28.13 15.16 13.97
C ARG E 312 -27.22 15.57 15.12
N VAL E 313 -25.92 15.62 14.88
CA VAL E 313 -24.98 16.11 15.86
C VAL E 313 -25.04 17.64 15.92
N LYS E 314 -25.63 18.23 14.88
CA LYS E 314 -25.81 19.68 14.82
C LYS E 314 -27.06 20.08 15.58
N LYS E 315 -27.94 19.11 15.82
CA LYS E 315 -29.17 19.36 16.55
C LYS E 315 -29.14 18.68 17.92
N TRP E 316 -27.98 18.73 18.57
CA TRP E 316 -27.80 18.11 19.88
C TRP E 316 -28.51 18.92 20.97
N ASP E 317 -28.62 20.22 20.75
CA ASP E 317 -29.29 21.10 21.71
C ASP E 317 -30.78 20.78 21.80
N GLU E 318 -31.35 20.32 20.69
CA GLU E 318 -32.76 19.93 20.67
C GLU E 318 -32.96 18.64 21.46
N GLU E 319 -31.96 17.76 21.41
CA GLU E 319 -32.00 16.51 22.15
C GLU E 319 -31.79 16.75 23.64
N LEU E 320 -31.15 17.87 23.96
CA LEU E 320 -30.97 18.28 25.35
C LEU E 320 -32.25 18.88 25.90
N LYS E 321 -33.04 19.48 25.02
CA LYS E 321 -34.34 20.04 25.39
C LYS E 321 -35.29 18.93 25.79
N LYS E 322 -35.18 17.78 25.12
CA LYS E 322 -35.98 16.62 25.45
C LYS E 322 -35.52 16.02 26.78
N THR E 323 -34.20 16.09 27.01
CA THR E 323 -33.60 15.56 28.22
C THR E 323 -33.97 16.38 29.44
N ARG E 324 -33.77 17.69 29.36
CA ARG E 324 -34.03 18.59 30.47
C ARG E 324 -35.52 18.76 30.75
N TYR E 325 -36.35 18.40 29.77
CA TYR E 325 -37.80 18.44 29.94
C TYR E 325 -38.28 17.26 30.77
N VAL E 326 -37.62 16.12 30.59
CA VAL E 326 -37.98 14.91 31.34
C VAL E 326 -37.55 15.02 32.79
N VAL E 327 -36.35 15.55 33.02
CA VAL E 327 -35.82 15.71 34.36
C VAL E 327 -36.66 16.66 35.20
N ASP E 328 -36.94 17.84 34.66
CA ASP E 328 -37.68 18.87 35.38
C ASP E 328 -39.15 18.51 35.61
N GLU E 329 -39.67 17.61 34.78
CA GLU E 329 -41.08 17.23 34.86
C GLU E 329 -41.30 16.02 35.76
N LEU E 330 -40.24 15.24 35.96
CA LEU E 330 -40.34 14.04 36.78
C LEU E 330 -39.86 14.26 38.22
N GLU E 331 -39.17 15.37 38.45
CA GLU E 331 -38.72 15.70 39.81
C GLU E 331 -39.86 16.31 40.62
N LYS E 332 -41.02 16.44 39.99
CA LYS E 332 -42.21 16.96 40.66
C LYS E 332 -42.98 15.82 41.34
N ILE E 333 -42.82 14.61 40.83
CA ILE E 333 -43.55 13.46 41.36
C ILE E 333 -42.78 12.74 42.45
N GLY E 334 -41.52 13.11 42.64
CA GLY E 334 -40.71 12.55 43.70
C GLY E 334 -39.40 11.92 43.25
N PHE E 335 -38.96 12.27 42.05
CA PHE E 335 -37.69 11.76 41.54
C PHE E 335 -36.55 12.73 41.83
N LYS E 336 -35.34 12.21 41.85
CA LYS E 336 -34.15 13.05 42.03
C LYS E 336 -33.04 12.61 41.09
N GLN E 337 -32.54 13.56 40.30
CA GLN E 337 -31.49 13.27 39.33
C GLN E 337 -30.11 13.19 39.97
N LEU E 338 -29.42 12.08 39.75
CA LEU E 338 -28.03 11.96 40.16
C LEU E 338 -27.14 12.40 39.01
N GLY E 339 -25.92 12.80 39.33
CA GLY E 339 -24.98 13.25 38.31
C GLY E 339 -24.85 14.75 38.24
N ILE E 340 -24.05 15.22 37.29
CA ILE E 340 -23.81 16.65 37.11
C ILE E 340 -25.08 17.39 36.66
N LYS E 341 -25.43 18.44 37.40
CA LYS E 341 -26.60 19.25 37.07
C LYS E 341 -26.17 20.60 36.51
N PRO E 342 -26.80 21.03 35.41
CA PRO E 342 -27.84 20.32 34.68
C PRO E 342 -27.26 19.25 33.75
N LYS E 343 -28.12 18.39 33.22
CA LYS E 343 -27.68 17.30 32.37
C LYS E 343 -27.18 17.81 31.02
N GLU E 344 -25.97 17.39 30.65
CA GLU E 344 -25.39 17.78 29.37
C GLU E 344 -25.36 16.57 28.44
N HIS E 345 -26.09 15.53 28.82
CA HIS E 345 -26.17 14.31 28.03
C HIS E 345 -27.56 13.70 28.16
N ASP E 346 -27.93 12.84 27.21
CA ASP E 346 -29.26 12.25 27.18
C ASP E 346 -29.47 11.18 28.24
N LEU E 347 -28.37 10.61 28.74
CA LEU E 347 -28.45 9.57 29.77
C LEU E 347 -28.80 10.16 31.13
N ILE E 348 -29.93 9.73 31.68
CA ILE E 348 -30.41 10.24 32.96
C ILE E 348 -30.57 9.10 33.96
N LYS E 349 -30.16 9.34 35.20
CA LYS E 349 -30.34 8.36 36.27
C LYS E 349 -31.07 9.00 37.45
N PHE E 350 -32.29 8.55 37.69
CA PHE E 350 -33.11 9.09 38.77
C PHE E 350 -33.06 8.25 40.04
N GLU E 351 -33.08 8.92 41.18
CA GLU E 351 -33.29 8.25 42.45
C GLU E 351 -34.79 8.25 42.73
N THR E 352 -35.37 7.08 42.92
CA THR E 352 -36.82 6.96 43.06
C THR E 352 -37.20 6.36 44.42
N PRO E 353 -37.30 7.22 45.45
CA PRO E 353 -37.73 6.76 46.78
C PRO E 353 -39.20 6.35 46.77
N VAL E 354 -40.01 7.09 46.03
CA VAL E 354 -41.44 6.81 45.93
C VAL E 354 -41.70 5.43 45.30
N LEU E 355 -40.96 5.12 44.24
CA LEU E 355 -41.09 3.83 43.57
C LEU E 355 -40.76 2.66 44.50
N ASP E 356 -39.78 2.88 45.37
CA ASP E 356 -39.33 1.84 46.30
C ASP E 356 -40.34 1.64 47.43
N GLU E 357 -41.13 2.68 47.69
CA GLU E 357 -42.14 2.61 48.75
C GLU E 357 -43.42 1.93 48.27
N ILE E 358 -43.81 2.21 47.02
CA ILE E 358 -44.98 1.58 46.44
C ILE E 358 -44.73 0.08 46.25
N ALA E 359 -43.50 -0.26 45.88
CA ALA E 359 -43.12 -1.65 45.67
C ALA E 359 -43.14 -2.44 46.97
N LYS E 360 -42.85 -1.76 48.08
CA LYS E 360 -42.85 -2.40 49.40
C LYS E 360 -44.21 -2.96 49.76
N LYS E 361 -45.22 -2.10 49.80
CA LYS E 361 -46.58 -2.51 50.14
C LYS E 361 -47.59 -1.90 49.17
N ASP E 362 -48.07 -2.70 48.21
CA ASP E 362 -47.63 -4.09 48.07
C ASP E 362 -47.37 -4.43 46.61
N LYS E 363 -48.44 -4.63 45.85
CA LYS E 363 -48.36 -4.98 44.43
C LYS E 363 -47.50 -6.21 44.17
N ARG E 364 -46.73 -6.16 43.07
CA ARG E 364 -45.88 -7.28 42.68
C ARG E 364 -44.43 -6.97 42.98
N ARG E 365 -44.18 -6.43 44.17
CA ARG E 365 -42.84 -6.03 44.59
C ARG E 365 -42.18 -5.04 43.63
N GLY E 366 -40.89 -5.23 43.39
CA GLY E 366 -40.14 -4.33 42.51
C GLY E 366 -40.48 -4.50 41.05
N PHE E 367 -41.25 -5.55 40.74
CA PHE E 367 -41.64 -5.83 39.36
C PHE E 367 -42.96 -5.15 39.00
N PHE E 368 -43.37 -4.18 39.81
CA PHE E 368 -44.62 -3.46 39.57
C PHE E 368 -44.41 -2.31 38.60
N PHE E 369 -43.23 -1.72 38.62
CA PHE E 369 -42.93 -0.56 37.78
C PHE E 369 -42.72 -0.97 36.33
N TYR E 370 -42.10 -2.13 36.14
CA TYR E 370 -41.86 -2.67 34.81
C TYR E 370 -43.15 -3.15 34.17
N ASP E 371 -44.03 -3.74 34.99
CA ASP E 371 -45.29 -4.29 34.50
C ASP E 371 -46.25 -3.17 34.09
N GLU E 372 -46.29 -2.12 34.89
CA GLU E 372 -47.19 -0.99 34.63
C GLU E 372 -46.81 -0.24 33.35
N LEU E 373 -45.52 -0.27 33.01
CA LEU E 373 -45.05 0.37 31.79
C LEU E 373 -45.35 -0.50 30.57
N LYS E 374 -45.34 -1.81 30.77
CA LYS E 374 -45.63 -2.75 29.69
C LYS E 374 -47.11 -2.70 29.33
N LYS E 375 -47.96 -2.37 30.30
CA LYS E 375 -49.38 -2.23 30.07
C LYS E 375 -49.67 -1.01 29.21
N ARG E 376 -48.75 -0.05 29.21
CA ARG E 376 -48.91 1.17 28.44
C ARG E 376 -48.06 1.16 27.17
N GLY E 377 -47.18 0.17 27.06
CA GLY E 377 -46.34 0.03 25.89
C GLY E 377 -45.02 0.74 26.01
N ILE E 378 -44.38 0.61 27.17
CA ILE E 378 -43.09 1.25 27.41
C ILE E 378 -42.10 0.26 28.02
N GLY E 379 -40.92 0.17 27.42
CA GLY E 379 -39.87 -0.72 27.90
C GLY E 379 -38.51 -0.03 27.97
N GLY E 380 -37.50 -0.78 28.42
CA GLY E 380 -36.15 -0.24 28.51
C GLY E 380 -35.65 -0.15 29.93
N ILE E 381 -36.53 -0.43 30.89
CA ILE E 381 -36.17 -0.38 32.30
C ILE E 381 -36.04 -1.78 32.88
N ARG E 382 -34.97 -2.01 33.63
CA ARG E 382 -34.73 -3.31 34.25
C ARG E 382 -35.79 -3.63 35.29
N ALA E 383 -36.46 -4.77 35.13
CA ALA E 383 -37.51 -5.19 36.04
C ALA E 383 -36.94 -5.57 37.41
N GLY E 384 -37.59 -5.10 38.47
CA GLY E 384 -37.19 -5.42 39.82
C GLY E 384 -36.41 -4.32 40.50
N VAL E 385 -35.95 -3.36 39.72
CA VAL E 385 -35.17 -2.24 40.25
C VAL E 385 -36.04 -1.01 40.46
N THR E 386 -36.23 -0.64 41.73
CA THR E 386 -37.08 0.49 42.07
C THR E 386 -36.35 1.57 42.86
N LYS E 387 -35.18 1.22 43.40
CA LYS E 387 -34.38 2.18 44.16
C LYS E 387 -33.81 3.26 43.24
N GLU E 388 -33.71 2.93 41.95
CA GLU E 388 -33.18 3.85 40.95
C GLU E 388 -33.57 3.39 39.56
N ILE E 389 -33.67 4.33 38.63
CA ILE E 389 -33.99 4.00 37.24
C ILE E 389 -33.07 4.74 36.27
N LYS E 390 -32.78 4.09 35.14
CA LYS E 390 -31.91 4.67 34.13
C LYS E 390 -32.61 4.72 32.78
N MET E 391 -32.74 5.91 32.20
CA MET E 391 -33.50 6.08 30.97
C MET E 391 -32.84 7.07 30.01
N SER E 392 -33.43 7.20 28.82
CA SER E 392 -32.96 8.13 27.80
C SER E 392 -34.04 8.32 26.73
N VAL E 393 -34.20 9.57 26.28
CA VAL E 393 -35.21 9.88 25.28
C VAL E 393 -34.59 10.47 24.01
N TYR E 394 -33.40 9.98 23.66
CA TYR E 394 -32.69 10.45 22.49
C TYR E 394 -33.30 9.90 21.21
N GLY E 395 -33.74 10.79 20.32
CA GLY E 395 -34.29 10.39 19.04
C GLY E 395 -35.81 10.32 19.03
N LEU E 396 -36.40 10.19 20.21
CA LEU E 396 -37.85 10.10 20.33
C LEU E 396 -38.53 11.39 19.90
N GLU E 397 -39.69 11.27 19.28
CA GLU E 397 -40.50 12.42 18.90
C GLU E 397 -41.03 13.08 20.17
N TRP E 398 -41.26 14.39 20.10
CA TRP E 398 -41.74 15.13 21.26
C TRP E 398 -43.10 14.63 21.76
N GLU E 399 -43.93 14.16 20.84
CA GLU E 399 -45.21 13.58 21.20
C GLU E 399 -45.00 12.28 21.97
N GLN E 400 -43.91 11.58 21.66
CA GLN E 400 -43.56 10.36 22.36
C GLN E 400 -42.89 10.69 23.69
N VAL E 401 -42.22 11.83 23.76
CA VAL E 401 -41.60 12.30 25.00
C VAL E 401 -42.67 12.65 26.02
N GLU E 402 -43.71 13.34 25.56
CA GLU E 402 -44.83 13.71 26.42
C GLU E 402 -45.61 12.47 26.85
N TYR E 403 -45.63 11.46 26.00
CA TYR E 403 -46.34 10.21 26.30
C TYR E 403 -45.68 9.46 27.45
N VAL E 404 -44.34 9.46 27.46
CA VAL E 404 -43.59 8.77 28.50
C VAL E 404 -43.72 9.49 29.84
N VAL E 405 -43.60 10.81 29.81
CA VAL E 405 -43.70 11.63 31.02
C VAL E 405 -45.07 11.49 31.69
N ASN E 406 -46.12 11.65 30.89
CA ASN E 406 -47.48 11.52 31.41
C ASN E 406 -47.79 10.11 31.89
N ALA E 407 -47.11 9.12 31.29
CA ALA E 407 -47.30 7.73 31.69
C ALA E 407 -46.78 7.49 33.11
N ILE E 408 -45.54 7.92 33.36
CA ILE E 408 -44.91 7.74 34.66
C ILE E 408 -45.65 8.52 35.75
N LYS E 409 -46.12 9.71 35.41
CA LYS E 409 -46.90 10.52 36.34
C LYS E 409 -48.19 9.82 36.74
N GLU E 410 -48.82 9.15 35.78
CA GLU E 410 -50.06 8.44 36.03
C GLU E 410 -49.84 7.11 36.75
N ILE E 411 -48.64 6.56 36.64
CA ILE E 411 -48.30 5.33 37.33
C ILE E 411 -48.13 5.57 38.83
N VAL E 412 -47.36 6.60 39.18
CA VAL E 412 -47.13 6.94 40.57
C VAL E 412 -48.38 7.55 41.21
N GLU E 413 -49.32 7.95 40.36
CA GLU E 413 -50.58 8.53 40.84
C GLU E 413 -51.63 7.45 41.06
N SER E 414 -51.66 6.48 40.17
CA SER E 414 -52.64 5.39 40.25
C SER E 414 -52.23 4.34 41.28
N CYS E 415 -50.94 4.25 41.56
CA CYS E 415 -50.42 3.30 42.53
C CYS E 415 -50.27 3.94 43.91
N LYS E 416 -50.81 5.15 44.04
CA LYS E 416 -50.80 5.94 45.28
C LYS E 416 -49.48 5.88 46.07
N ILE F 38 -17.04 18.38 4.51
CA ILE F 38 -17.27 16.96 4.27
C ILE F 38 -18.32 16.75 3.19
N ASN F 39 -17.96 15.96 2.18
CA ASN F 39 -18.88 15.64 1.09
C ASN F 39 -19.74 14.43 1.45
N LEU F 40 -21.05 14.65 1.54
CA LEU F 40 -21.97 13.61 1.99
C LEU F 40 -22.71 12.96 0.83
N ASP F 41 -22.29 13.28 -0.40
CA ASP F 41 -22.97 12.75 -1.58
C ASP F 41 -22.59 11.30 -1.86
N LYS F 42 -21.41 10.89 -1.41
CA LYS F 42 -20.92 9.55 -1.66
C LYS F 42 -21.65 8.49 -0.83
N TYR F 43 -22.46 8.95 0.12
CA TYR F 43 -23.20 8.04 1.00
C TYR F 43 -24.69 8.04 0.69
N LYS F 44 -25.14 9.04 -0.06
CA LYS F 44 -26.55 9.16 -0.42
C LYS F 44 -27.00 8.01 -1.31
N ASN F 45 -26.41 7.92 -2.49
CA ASN F 45 -26.76 6.87 -3.45
C ASN F 45 -25.96 5.59 -3.22
N LEU F 46 -25.85 5.18 -1.95
CA LEU F 46 -25.14 3.96 -1.59
C LEU F 46 -25.94 2.73 -1.98
N THR F 47 -27.26 2.90 -2.10
CA THR F 47 -28.15 1.81 -2.44
C THR F 47 -28.14 1.51 -3.94
N ARG F 48 -27.05 0.94 -4.43
CA ARG F 48 -26.93 0.55 -5.82
C ARG F 48 -26.05 -0.70 -5.94
N SER F 49 -26.67 -1.82 -6.30
CA SER F 49 -25.95 -3.07 -6.42
C SER F 49 -26.62 -4.04 -7.40
N LEU F 50 -25.88 -5.08 -7.76
CA LEU F 50 -26.38 -6.10 -8.68
C LEU F 50 -26.50 -7.43 -7.95
N THR F 51 -26.79 -7.36 -6.66
CA THR F 51 -26.83 -8.54 -5.80
C THR F 51 -28.00 -9.48 -6.10
N ARG F 52 -28.93 -9.01 -6.93
CA ARG F 52 -30.08 -9.82 -7.30
C ARG F 52 -30.20 -9.92 -8.82
N GLU F 53 -29.59 -8.98 -9.52
CA GLU F 53 -29.66 -8.93 -10.97
C GLU F 53 -28.48 -9.69 -11.60
N PHE F 54 -27.58 -10.17 -10.76
CA PHE F 54 -26.41 -10.93 -11.21
C PHE F 54 -26.24 -12.20 -10.38
N ILE F 55 -25.57 -13.19 -10.96
CA ILE F 55 -25.28 -14.42 -10.24
C ILE F 55 -23.86 -14.40 -9.68
N ASN F 56 -23.75 -14.46 -8.36
CA ASN F 56 -22.46 -14.41 -7.69
C ASN F 56 -21.82 -15.80 -7.58
N LEU F 57 -20.65 -15.95 -8.19
CA LEU F 57 -19.94 -17.23 -8.18
C LEU F 57 -18.82 -17.24 -7.14
N ASN F 58 -18.70 -16.15 -6.39
CA ASN F 58 -17.64 -16.01 -5.39
C ASN F 58 -17.78 -17.03 -4.27
N PRO F 59 -16.82 -17.96 -4.17
CA PRO F 59 -16.81 -19.06 -3.20
C PRO F 59 -16.84 -18.56 -1.76
N ILE F 60 -16.34 -17.35 -1.55
CA ILE F 60 -16.33 -16.75 -0.22
C ILE F 60 -17.75 -16.39 0.21
N GLN F 61 -18.56 -15.94 -0.74
CA GLN F 61 -19.92 -15.49 -0.45
C GLN F 61 -20.99 -16.55 -0.68
N ARG F 62 -20.61 -17.69 -1.25
CA ARG F 62 -21.58 -18.74 -1.57
C ARG F 62 -22.26 -19.32 -0.33
N GLY F 63 -21.46 -19.66 0.68
CA GLY F 63 -21.98 -20.24 1.90
C GLY F 63 -22.41 -19.19 2.91
N GLY F 64 -22.48 -17.94 2.46
CA GLY F 64 -22.87 -16.85 3.34
C GLY F 64 -24.07 -16.08 2.84
N ILE F 65 -24.90 -16.73 2.02
CA ILE F 65 -26.11 -16.10 1.51
C ILE F 65 -27.27 -16.30 2.47
N LEU F 66 -27.90 -15.21 2.88
CA LEU F 66 -28.99 -15.25 3.85
C LEU F 66 -30.28 -15.75 3.24
N PRO F 67 -30.90 -16.77 3.87
CA PRO F 67 -32.21 -17.27 3.45
C PRO F 67 -33.33 -16.33 3.89
N LYS F 68 -34.54 -16.57 3.43
CA LYS F 68 -35.67 -15.69 3.72
C LYS F 68 -35.99 -15.60 5.21
N GLU F 69 -35.68 -16.67 5.94
CA GLU F 69 -35.92 -16.71 7.38
C GLU F 69 -34.98 -15.76 8.11
N ALA F 70 -33.77 -15.63 7.59
CA ALA F 70 -32.78 -14.73 8.18
C ALA F 70 -33.14 -13.28 7.89
N LYS F 71 -33.71 -13.04 6.71
CA LYS F 71 -34.11 -11.70 6.29
C LYS F 71 -35.21 -11.17 7.21
N LYS F 72 -36.10 -12.05 7.63
CA LYS F 72 -37.17 -11.68 8.55
C LYS F 72 -36.61 -11.40 9.94
N ALA F 73 -35.54 -12.09 10.30
CA ALA F 73 -34.88 -11.89 11.59
C ALA F 73 -34.17 -10.55 11.63
N VAL F 74 -33.69 -10.12 10.47
CA VAL F 74 -33.04 -8.81 10.36
C VAL F 74 -34.05 -7.69 10.58
N TYR F 75 -35.23 -7.85 9.99
CA TYR F 75 -36.30 -6.87 10.14
C TYR F 75 -36.79 -6.76 11.58
N GLU F 76 -36.96 -7.91 12.23
CA GLU F 76 -37.43 -7.95 13.62
C GLU F 76 -36.48 -7.25 14.56
N TYR F 77 -35.19 -7.30 14.25
CA TYR F 77 -34.18 -6.64 15.06
C TYR F 77 -33.44 -5.59 14.23
N TRP F 78 -34.21 -4.75 13.56
CA TRP F 78 -33.65 -3.71 12.70
C TRP F 78 -32.97 -2.61 13.51
N ASP F 79 -33.65 -2.13 14.55
CA ASP F 79 -33.13 -1.06 15.38
C ASP F 79 -31.85 -1.47 16.13
N GLY F 80 -31.68 -2.77 16.33
CA GLY F 80 -30.51 -3.28 16.99
C GLY F 80 -30.68 -3.42 18.49
N PRO F 97 -33.51 -13.95 22.61
CA PRO F 97 -33.05 -15.22 22.01
C PRO F 97 -32.19 -16.03 22.98
N PRO F 98 -32.38 -17.36 23.00
CA PRO F 98 -31.61 -18.24 23.88
C PRO F 98 -30.15 -18.33 23.45
N ILE F 99 -29.31 -17.47 24.03
CA ILE F 99 -27.88 -17.45 23.69
C ILE F 99 -27.16 -18.66 24.27
N LYS F 100 -27.50 -19.01 25.51
CA LYS F 100 -26.86 -20.13 26.21
C LYS F 100 -27.24 -21.47 25.59
N ASP F 101 -28.46 -21.55 25.06
CA ASP F 101 -28.96 -22.79 24.47
C ASP F 101 -28.35 -23.05 23.10
N PHE F 102 -28.02 -21.97 22.39
CA PHE F 102 -27.44 -22.08 21.07
C PHE F 102 -25.98 -22.54 21.14
N LEU F 103 -25.32 -22.22 22.24
CA LEU F 103 -23.91 -22.57 22.42
C LEU F 103 -23.74 -24.03 22.82
N GLU F 104 -24.79 -24.61 23.40
CA GLU F 104 -24.75 -26.02 23.79
C GLU F 104 -25.12 -26.90 22.60
N ASP F 105 -26.00 -26.39 21.74
CA ASP F 105 -26.43 -27.12 20.55
C ASP F 105 -25.35 -27.10 19.48
N ILE F 106 -24.60 -26.01 19.41
CA ILE F 106 -23.50 -25.87 18.45
C ILE F 106 -22.31 -26.70 18.94
N ALA F 107 -22.33 -27.06 20.22
CA ALA F 107 -21.27 -27.88 20.80
C ALA F 107 -21.51 -29.36 20.46
N LYS F 108 -22.78 -29.75 20.40
CA LYS F 108 -23.14 -31.11 20.03
C LYS F 108 -23.06 -31.30 18.51
N PHE F 109 -23.30 -30.22 17.78
CA PHE F 109 -23.23 -30.24 16.33
C PHE F 109 -21.80 -30.45 15.86
N LEU F 110 -20.85 -29.93 16.63
CA LEU F 110 -19.43 -30.07 16.31
C LEU F 110 -18.80 -31.16 17.16
N ASN F 111 -19.61 -31.80 17.99
CA ASN F 111 -19.15 -32.84 18.92
C ASN F 111 -17.99 -32.34 19.78
N MET F 112 -18.16 -31.14 20.34
CA MET F 112 -17.14 -30.52 21.17
C MET F 112 -17.64 -30.36 22.60
N ASP F 113 -16.71 -30.12 23.52
CA ASP F 113 -17.07 -29.92 24.92
C ASP F 113 -17.76 -28.59 25.13
N CYS F 114 -17.08 -27.51 24.76
CA CYS F 114 -17.62 -26.17 24.92
C CYS F 114 -17.54 -25.37 23.62
N ALA F 115 -18.12 -24.18 23.63
CA ALA F 115 -18.12 -23.31 22.45
C ALA F 115 -18.39 -21.87 22.84
N ARG F 116 -17.95 -20.93 21.99
CA ARG F 116 -18.16 -19.51 22.24
C ARG F 116 -18.14 -18.70 20.94
N PRO F 117 -19.05 -17.72 20.83
CA PRO F 117 -19.17 -16.89 19.63
C PRO F 117 -18.07 -15.85 19.50
N THR F 118 -17.55 -15.67 18.29
CA THR F 118 -16.51 -14.68 18.02
C THR F 118 -16.93 -13.78 16.86
N HIS F 119 -16.05 -12.87 16.47
CA HIS F 119 -16.32 -11.96 15.35
C HIS F 119 -15.69 -12.49 14.07
N GLY F 120 -15.83 -13.80 13.85
CA GLY F 120 -15.26 -14.43 12.67
C GLY F 120 -14.18 -15.44 13.04
N ALA F 121 -13.64 -16.11 12.02
CA ALA F 121 -12.55 -17.06 12.23
C ALA F 121 -11.27 -16.31 12.58
N ARG F 122 -11.22 -15.04 12.21
CA ARG F 122 -10.09 -14.18 12.52
C ARG F 122 -9.87 -14.07 14.03
N GLU F 123 -10.95 -13.83 14.76
CA GLU F 123 -10.87 -13.70 16.21
C GLU F 123 -10.58 -15.04 16.86
N GLY F 124 -11.30 -16.08 16.44
CA GLY F 124 -11.14 -17.41 16.99
C GLY F 124 -9.71 -17.92 16.97
N LYS F 125 -8.99 -17.58 15.91
CA LYS F 125 -7.58 -17.95 15.82
C LYS F 125 -6.74 -17.14 16.80
N PHE F 126 -7.13 -15.88 17.01
CA PHE F 126 -6.40 -15.01 17.93
C PHE F 126 -6.69 -15.35 19.38
N ILE F 127 -7.90 -15.82 19.66
CA ILE F 127 -8.30 -16.16 21.02
C ILE F 127 -7.46 -17.31 21.57
N VAL F 128 -7.27 -18.35 20.77
CA VAL F 128 -6.51 -19.52 21.19
C VAL F 128 -5.01 -19.26 21.24
N MET F 129 -4.51 -18.46 20.29
CA MET F 129 -3.08 -18.16 20.21
C MET F 129 -2.62 -17.21 21.31
N HIS F 130 -3.57 -16.51 21.93
CA HIS F 130 -3.24 -15.55 22.98
C HIS F 130 -3.49 -16.11 24.38
N ALA F 131 -4.35 -17.11 24.47
CA ALA F 131 -4.72 -17.69 25.76
C ALA F 131 -3.93 -18.95 26.10
N ILE F 132 -3.55 -19.70 25.07
CA ILE F 132 -2.84 -20.96 25.29
C ILE F 132 -1.34 -20.83 25.05
N CYS F 133 -0.96 -20.29 23.89
CA CYS F 133 0.45 -20.16 23.54
C CYS F 133 1.17 -19.08 24.34
N LYS F 134 2.47 -19.26 24.52
CA LYS F 134 3.28 -18.28 25.22
C LYS F 134 4.03 -17.39 24.24
N GLU F 135 4.35 -16.17 24.66
CA GLU F 135 5.02 -15.20 23.81
C GLU F 135 6.42 -15.67 23.40
N GLY F 136 6.52 -16.20 22.19
CA GLY F 136 7.79 -16.68 21.66
C GLY F 136 7.75 -18.11 21.16
N ASP F 137 6.55 -18.71 21.17
CA ASP F 137 6.38 -20.08 20.73
C ASP F 137 6.22 -20.18 19.21
N TYR F 138 6.27 -21.41 18.70
CA TYR F 138 6.15 -21.64 17.27
C TYR F 138 4.79 -22.24 16.89
N VAL F 139 4.25 -21.80 15.77
CA VAL F 139 2.99 -22.32 15.26
C VAL F 139 3.19 -22.98 13.90
N VAL F 140 3.07 -24.30 13.87
CA VAL F 140 3.26 -25.04 12.63
C VAL F 140 1.94 -25.22 11.88
N LEU F 141 1.87 -24.67 10.67
CA LEU F 141 0.67 -24.75 9.85
C LEU F 141 0.99 -25.16 8.41
N ASP F 142 -0.05 -25.54 7.66
CA ASP F 142 0.12 -25.95 6.28
C ASP F 142 0.47 -24.75 5.40
N LYS F 143 1.03 -25.01 4.23
CA LYS F 143 1.47 -23.95 3.34
C LYS F 143 0.31 -23.30 2.60
N ASN F 144 -0.83 -24.00 2.56
CA ASN F 144 -2.04 -23.47 1.94
C ASN F 144 -2.93 -22.74 2.95
N ALA F 145 -2.35 -22.36 4.07
CA ALA F 145 -3.10 -21.69 5.13
C ALA F 145 -3.56 -20.31 4.69
N HIS F 146 -4.66 -19.85 5.28
CA HIS F 146 -5.21 -18.53 4.99
C HIS F 146 -4.31 -17.46 5.59
N TYR F 147 -4.37 -16.25 5.04
CA TYR F 147 -3.50 -15.17 5.50
C TYR F 147 -3.78 -14.77 6.95
N THR F 148 -5.01 -15.02 7.40
CA THR F 148 -5.42 -14.65 8.74
C THR F 148 -4.78 -15.55 9.80
N SER F 149 -4.15 -16.64 9.36
CA SER F 149 -3.46 -17.55 10.26
C SER F 149 -2.05 -17.06 10.55
N TYR F 150 -1.52 -16.24 9.65
CA TYR F 150 -0.18 -15.67 9.82
C TYR F 150 -0.26 -14.34 10.58
N VAL F 151 -1.28 -13.55 10.26
CA VAL F 151 -1.46 -12.24 10.88
C VAL F 151 -1.83 -12.39 12.36
N ALA F 152 -2.72 -13.32 12.66
CA ALA F 152 -3.14 -13.57 14.04
C ALA F 152 -1.98 -14.15 14.86
N ALA F 153 -1.08 -14.86 14.18
CA ALA F 153 0.09 -15.43 14.83
C ALA F 153 1.13 -14.35 15.13
N GLU F 154 1.19 -13.34 14.27
CA GLU F 154 2.12 -12.25 14.45
C GLU F 154 1.58 -11.23 15.44
N ARG F 155 0.26 -11.17 15.55
CA ARG F 155 -0.38 -10.28 16.52
C ARG F 155 -0.27 -10.87 17.91
N ALA F 156 -0.30 -12.20 18.00
CA ALA F 156 -0.17 -12.89 19.27
C ALA F 156 1.31 -13.08 19.64
N LYS F 157 2.18 -12.44 18.86
CA LYS F 157 3.63 -12.49 19.07
C LYS F 157 4.16 -13.93 19.05
N LEU F 158 3.92 -14.62 17.95
CA LEU F 158 4.34 -16.02 17.80
C LEU F 158 5.13 -16.22 16.52
N ASN F 159 5.74 -17.39 16.39
CA ASN F 159 6.48 -17.73 15.18
C ASN F 159 5.73 -18.74 14.32
N VAL F 160 6.04 -18.76 13.02
CA VAL F 160 5.32 -19.62 12.08
C VAL F 160 6.24 -20.57 11.32
N ALA F 161 5.90 -21.86 11.34
CA ALA F 161 6.62 -22.87 10.58
C ALA F 161 5.70 -23.49 9.53
N GLU F 162 6.16 -23.53 8.29
CA GLU F 162 5.34 -24.03 7.19
C GLU F 162 5.68 -25.47 6.81
N VAL F 163 4.64 -26.24 6.48
CA VAL F 163 4.81 -27.61 6.03
C VAL F 163 4.66 -27.69 4.51
N GLY F 164 5.63 -28.32 3.85
CA GLY F 164 5.63 -28.41 2.41
C GLY F 164 4.50 -29.26 1.85
N TYR F 165 4.42 -29.33 0.52
CA TYR F 165 3.38 -30.10 -0.15
C TYR F 165 3.79 -31.55 -0.38
N GLU F 166 2.80 -32.41 -0.54
CA GLU F 166 3.05 -33.79 -0.96
C GLU F 166 3.26 -33.79 -2.47
N GLU F 167 2.53 -32.90 -3.14
CA GLU F 167 2.67 -32.66 -4.57
C GLU F 167 2.06 -31.32 -4.91
N GLU F 168 2.82 -30.47 -5.61
CA GLU F 168 2.34 -29.15 -5.98
C GLU F 168 1.35 -29.21 -7.13
N TYR F 169 1.74 -28.65 -8.28
CA TYR F 169 0.89 -28.65 -9.46
C TYR F 169 0.62 -30.08 -9.93
N PRO F 170 -0.65 -30.36 -10.29
CA PRO F 170 -1.77 -29.43 -10.20
C PRO F 170 -2.62 -29.68 -8.96
N THR F 171 -2.13 -30.50 -8.03
CA THR F 171 -2.91 -30.91 -6.87
C THR F 171 -2.77 -29.94 -5.70
N TYR F 172 -1.53 -29.55 -5.41
CA TYR F 172 -1.23 -28.66 -4.28
C TYR F 172 -1.77 -29.20 -2.96
N LYS F 173 -1.68 -30.52 -2.80
CA LYS F 173 -2.16 -31.17 -1.57
C LYS F 173 -1.13 -31.07 -0.46
N ILE F 174 -1.60 -30.85 0.75
CA ILE F 174 -0.71 -30.71 1.91
C ILE F 174 -0.25 -32.07 2.43
N ASN F 175 1.07 -32.23 2.52
CA ASN F 175 1.66 -33.44 3.09
C ASN F 175 1.41 -33.49 4.59
N LEU F 176 0.37 -34.21 4.99
CA LEU F 176 -0.05 -34.25 6.39
C LEU F 176 0.93 -34.99 7.29
N GLU F 177 1.74 -35.86 6.69
CA GLU F 177 2.72 -36.62 7.45
C GLU F 177 3.98 -35.80 7.72
N GLY F 178 4.12 -34.69 7.01
CA GLY F 178 5.28 -33.83 7.16
C GLY F 178 5.21 -32.92 8.37
N TYR F 179 4.10 -32.98 9.09
CA TYR F 179 3.91 -32.16 10.28
C TYR F 179 4.86 -32.55 11.41
N LYS F 180 5.00 -33.86 11.64
CA LYS F 180 5.87 -34.36 12.70
C LYS F 180 7.33 -34.04 12.41
N GLU F 181 7.71 -34.11 11.13
CA GLU F 181 9.08 -33.85 10.71
C GLU F 181 9.50 -32.41 11.00
N VAL F 182 8.53 -31.50 10.93
CA VAL F 182 8.79 -30.09 11.22
C VAL F 182 8.92 -29.86 12.73
N ILE F 183 8.01 -30.45 13.49
CA ILE F 183 8.02 -30.31 14.94
C ILE F 183 9.29 -30.90 15.55
N ASP F 184 9.66 -32.09 15.09
CA ASP F 184 10.88 -32.76 15.56
C ASP F 184 12.11 -31.91 15.31
N ASN F 185 12.18 -31.32 14.11
CA ASN F 185 13.28 -30.42 13.77
C ASN F 185 13.29 -29.20 14.68
N LEU F 186 12.12 -28.61 14.88
CA LEU F 186 11.99 -27.43 15.73
C LEU F 186 12.32 -27.71 17.20
N GLU F 187 12.14 -28.96 17.61
CA GLU F 187 12.42 -29.35 18.99
C GLU F 187 13.88 -29.77 19.20
N ASP F 188 14.58 -30.04 18.10
CA ASP F 188 15.99 -30.45 18.17
C ASP F 188 16.90 -29.24 18.02
N LYS F 189 16.33 -28.14 17.53
CA LYS F 189 17.07 -26.88 17.35
C LYS F 189 17.56 -26.17 18.63
N GLY F 190 16.73 -26.02 19.67
CA GLY F 190 15.37 -26.52 19.74
C GLY F 190 14.37 -25.55 20.33
N LYS F 191 13.46 -25.08 19.48
CA LYS F 191 12.37 -24.22 19.91
C LYS F 191 11.23 -25.07 20.42
N ASN F 192 10.18 -24.43 20.92
CA ASN F 192 9.01 -25.17 21.41
C ASN F 192 7.76 -24.88 20.57
N VAL F 193 7.09 -25.94 20.15
CA VAL F 193 5.87 -25.82 19.37
C VAL F 193 4.66 -25.67 20.29
N GLY F 194 3.94 -24.57 20.14
CA GLY F 194 2.81 -24.28 21.01
C GLY F 194 1.46 -24.65 20.42
N LEU F 195 1.31 -24.44 19.11
CA LEU F 195 0.04 -24.71 18.45
C LEU F 195 0.24 -25.33 17.07
N ILE F 196 -0.64 -26.26 16.72
CA ILE F 196 -0.63 -26.88 15.40
C ILE F 196 -1.91 -26.50 14.66
N LEU F 197 -1.79 -25.56 13.72
CA LEU F 197 -2.92 -25.10 12.93
C LEU F 197 -3.05 -25.91 11.64
N LEU F 198 -4.29 -26.18 11.24
CA LEU F 198 -4.55 -26.88 10.00
C LEU F 198 -5.85 -26.39 9.36
N THR F 199 -5.73 -25.80 8.17
CA THR F 199 -6.89 -25.40 7.40
C THR F 199 -7.55 -26.63 6.80
N HIS F 200 -8.73 -26.97 7.30
CA HIS F 200 -9.45 -28.16 6.86
C HIS F 200 -9.75 -28.08 5.36
N VAL F 201 -10.15 -26.90 4.90
CA VAL F 201 -10.33 -26.64 3.48
C VAL F 201 -9.72 -25.28 3.13
N ASP F 202 -8.64 -25.29 2.36
CA ASP F 202 -7.96 -24.06 1.98
C ASP F 202 -8.82 -23.20 1.06
N GLY F 203 -8.54 -21.90 1.04
CA GLY F 203 -9.33 -20.96 0.27
C GLY F 203 -8.77 -20.65 -1.11
N GLU F 204 -7.78 -21.43 -1.52
CA GLU F 204 -7.16 -21.23 -2.83
C GLU F 204 -7.55 -22.31 -3.82
N TYR F 205 -7.57 -23.56 -3.35
CA TYR F 205 -7.89 -24.70 -4.21
C TYR F 205 -9.13 -25.44 -3.72
N GLY F 206 -9.41 -25.33 -2.43
CA GLY F 206 -10.55 -26.00 -1.84
C GLY F 206 -10.33 -27.49 -1.63
N ASN F 207 -9.07 -27.85 -1.38
CA ASN F 207 -8.72 -29.24 -1.15
C ASN F 207 -9.01 -29.67 0.29
N LEU F 208 -9.61 -30.85 0.43
CA LEU F 208 -9.93 -31.39 1.75
C LEU F 208 -8.76 -32.20 2.30
N ASN F 209 -8.43 -31.96 3.57
CA ASN F 209 -7.33 -32.65 4.21
C ASN F 209 -7.79 -33.52 5.37
N ASP F 210 -7.27 -34.74 5.46
CA ASP F 210 -7.63 -35.65 6.53
C ASP F 210 -7.10 -35.13 7.87
N ALA F 211 -7.96 -34.43 8.60
CA ALA F 211 -7.57 -33.79 9.85
C ALA F 211 -7.24 -34.79 10.95
N LYS F 212 -7.71 -36.02 10.81
CA LYS F 212 -7.46 -37.05 11.81
C LYS F 212 -5.98 -37.46 11.83
N LYS F 213 -5.32 -37.30 10.70
CA LYS F 213 -3.89 -37.61 10.61
C LYS F 213 -3.06 -36.67 11.47
N VAL F 214 -3.23 -35.37 11.25
CA VAL F 214 -2.49 -34.35 12.00
C VAL F 214 -2.95 -34.32 13.45
N GLY F 215 -4.21 -34.63 13.69
CA GLY F 215 -4.77 -34.65 15.03
C GLY F 215 -4.18 -35.75 15.89
N LYS F 216 -3.86 -36.88 15.28
CA LYS F 216 -3.29 -38.01 16.00
C LYS F 216 -1.83 -37.77 16.35
N ILE F 217 -1.13 -37.07 15.47
CA ILE F 217 0.26 -36.70 15.71
C ILE F 217 0.36 -35.70 16.86
N ALA F 218 -0.57 -34.75 16.87
CA ALA F 218 -0.63 -33.73 17.90
C ALA F 218 -0.89 -34.34 19.27
N LYS F 219 -1.62 -35.45 19.28
CA LYS F 219 -1.96 -36.14 20.52
C LYS F 219 -0.77 -36.93 21.05
N GLU F 220 0.03 -37.48 20.15
CA GLU F 220 1.19 -38.27 20.52
C GLU F 220 2.30 -37.41 21.13
N LYS F 221 2.44 -36.19 20.62
CA LYS F 221 3.49 -35.28 21.07
C LYS F 221 2.98 -34.32 22.14
N GLY F 222 1.68 -34.38 22.41
CA GLY F 222 1.08 -33.56 23.45
C GLY F 222 1.06 -32.08 23.12
N ILE F 223 0.70 -31.76 21.89
CA ILE F 223 0.63 -30.37 21.45
C ILE F 223 -0.78 -30.03 20.96
N PRO F 224 -1.35 -28.93 21.46
CA PRO F 224 -2.69 -28.47 21.08
C PRO F 224 -2.86 -28.36 19.57
N PHE F 225 -4.05 -28.71 19.09
CA PHE F 225 -4.31 -28.74 17.65
C PHE F 225 -5.49 -27.87 17.25
N LEU F 226 -5.23 -26.88 16.41
CA LEU F 226 -6.28 -25.98 15.92
C LEU F 226 -6.69 -26.35 14.50
N LEU F 227 -7.98 -26.56 14.28
CA LEU F 227 -8.49 -26.95 12.98
C LEU F 227 -9.34 -25.85 12.36
N ASN F 228 -8.79 -25.14 11.38
CA ASN F 228 -9.50 -24.07 10.70
C ASN F 228 -10.59 -24.61 9.78
N CYS F 229 -11.84 -24.27 10.09
CA CYS F 229 -12.98 -24.78 9.33
C CYS F 229 -13.86 -23.65 8.81
N ALA F 230 -13.24 -22.59 8.31
CA ALA F 230 -13.98 -21.47 7.75
C ALA F 230 -14.67 -21.88 6.45
N TYR F 231 -14.09 -22.86 5.78
CA TYR F 231 -14.64 -23.38 4.54
C TYR F 231 -15.15 -24.80 4.72
N THR F 232 -15.36 -25.17 5.98
CA THR F 232 -15.76 -26.54 6.31
C THR F 232 -17.04 -26.60 7.13
N VAL F 233 -17.00 -26.02 8.33
CA VAL F 233 -18.18 -26.01 9.21
C VAL F 233 -19.31 -25.22 8.58
N GLY F 234 -20.45 -25.90 8.37
CA GLY F 234 -21.61 -25.27 7.77
C GLY F 234 -21.92 -25.86 6.41
N ARG F 235 -20.90 -26.34 5.73
CA ARG F 235 -21.06 -26.96 4.42
C ARG F 235 -21.11 -28.48 4.55
N MET F 236 -20.07 -29.04 5.17
CA MET F 236 -19.99 -30.48 5.39
C MET F 236 -19.98 -30.79 6.88
N PRO F 237 -20.46 -31.98 7.27
CA PRO F 237 -20.49 -32.37 8.68
C PRO F 237 -19.09 -32.51 9.27
N VAL F 238 -18.91 -31.97 10.48
CA VAL F 238 -17.61 -32.00 11.15
C VAL F 238 -17.72 -32.60 12.55
N ASN F 239 -16.78 -33.46 12.90
CA ASN F 239 -16.73 -34.05 14.23
C ASN F 239 -15.46 -33.63 14.96
N GLY F 240 -15.63 -33.02 16.13
CA GLY F 240 -14.51 -32.48 16.88
C GLY F 240 -13.61 -33.52 17.52
N LYS F 241 -14.23 -34.56 18.09
CA LYS F 241 -13.46 -35.59 18.81
C LYS F 241 -12.94 -36.70 17.89
N GLU F 242 -13.57 -36.84 16.72
CA GLU F 242 -13.17 -37.90 15.80
C GLU F 242 -11.85 -37.58 15.11
N VAL F 243 -11.57 -36.29 14.93
CA VAL F 243 -10.34 -35.86 14.28
C VAL F 243 -9.26 -35.53 15.30
N LYS F 244 -9.56 -35.79 16.57
CA LYS F 244 -8.63 -35.54 17.67
C LYS F 244 -8.16 -34.09 17.72
N ALA F 245 -9.10 -33.16 17.60
CA ALA F 245 -8.79 -31.74 17.61
C ALA F 245 -9.11 -31.10 18.96
N ASP F 246 -8.31 -30.10 19.34
CA ASP F 246 -8.53 -29.40 20.59
C ASP F 246 -9.30 -28.09 20.36
N PHE F 247 -9.09 -27.49 19.20
CA PHE F 247 -9.75 -26.23 18.86
C PHE F 247 -10.32 -26.26 17.45
N ILE F 248 -11.48 -25.65 17.27
CA ILE F 248 -12.12 -25.54 15.96
C ILE F 248 -12.70 -24.14 15.75
N VAL F 249 -12.25 -23.47 14.69
CA VAL F 249 -12.78 -22.15 14.36
C VAL F 249 -13.68 -22.22 13.13
N ALA F 250 -14.78 -21.48 13.16
CA ALA F 250 -15.72 -21.46 12.06
C ALA F 250 -16.08 -20.03 11.65
N SER F 251 -16.21 -19.80 10.35
CA SER F 251 -16.61 -18.49 9.84
C SER F 251 -18.10 -18.49 9.54
N GLY F 252 -18.88 -17.92 10.45
CA GLY F 252 -20.32 -17.92 10.32
C GLY F 252 -20.85 -17.22 9.08
N HIS F 253 -20.07 -16.30 8.55
CA HIS F 253 -20.50 -15.51 7.39
C HIS F 253 -19.93 -16.03 6.07
N1 LLP F 254 -9.60 -19.46 6.70
C2 LLP F 254 -9.91 -19.49 5.36
C2' LLP F 254 -9.39 -20.59 4.49
C3 LLP F 254 -10.70 -18.49 4.81
O3 LLP F 254 -10.98 -18.52 3.61
C4 LLP F 254 -11.19 -17.46 5.61
C4' LLP F 254 -12.04 -16.38 5.01
C5 LLP F 254 -10.86 -17.43 6.97
C6 LLP F 254 -10.07 -18.44 7.50
C5' LLP F 254 -11.37 -16.34 7.86
OP4 LLP F 254 -12.77 -15.95 7.81
P LLP F 254 -13.29 -14.69 8.66
OP1 LLP F 254 -12.03 -14.04 9.11
OP2 LLP F 254 -14.08 -13.91 7.70
OP3 LLP F 254 -14.06 -15.32 9.77
N LLP F 254 -19.09 -17.05 6.15
CA LLP F 254 -18.46 -17.59 4.95
CB LLP F 254 -16.95 -17.69 5.12
CG LLP F 254 -16.20 -18.22 3.91
CD LLP F 254 -14.69 -18.23 4.11
CE LLP F 254 -14.11 -16.82 4.06
NZ LLP F 254 -12.63 -16.84 3.90
C LLP F 254 -19.04 -18.95 4.57
O LLP F 254 -19.11 -19.31 3.40
N SER F 255 -19.47 -19.72 5.58
CA SER F 255 -20.00 -21.06 5.33
C SER F 255 -21.21 -21.41 6.17
N MET F 256 -21.71 -20.46 6.96
CA MET F 256 -22.84 -20.73 7.85
C MET F 256 -24.04 -19.81 7.59
N ALA F 257 -24.10 -19.25 6.39
CA ALA F 257 -25.26 -18.46 5.94
C ALA F 257 -25.62 -17.26 6.81
N ALA F 258 -24.62 -16.71 7.52
CA ALA F 258 -24.84 -15.52 8.32
C ALA F 258 -24.14 -14.32 7.70
N SER F 259 -24.27 -13.16 8.32
CA SER F 259 -23.64 -11.94 7.82
C SER F 259 -22.40 -11.57 8.64
N ALA F 260 -21.41 -10.98 7.98
CA ALA F 260 -20.17 -10.60 8.63
C ALA F 260 -20.35 -9.37 9.51
N PRO F 261 -19.57 -9.26 10.60
CA PRO F 261 -18.61 -10.27 11.07
C PRO F 261 -19.27 -11.31 11.97
N CYS F 262 -19.11 -12.59 11.61
CA CYS F 262 -19.72 -13.69 12.35
C CYS F 262 -18.79 -14.90 12.37
N GLY F 263 -18.68 -15.52 13.54
CA GLY F 263 -17.81 -16.68 13.70
C GLY F 263 -18.06 -17.46 14.98
N ILE F 264 -17.56 -18.69 15.00
CA ILE F 264 -17.75 -19.58 16.15
C ILE F 264 -16.43 -20.24 16.55
N LEU F 265 -16.15 -20.28 17.85
CA LEU F 265 -14.97 -20.95 18.37
C LEU F 265 -15.35 -22.09 19.32
N ALA F 266 -15.06 -23.31 18.90
CA ALA F 266 -15.32 -24.48 19.74
C ALA F 266 -14.02 -25.05 20.29
N PHE F 267 -14.06 -25.49 21.54
CA PHE F 267 -12.86 -26.01 22.21
C PHE F 267 -13.19 -27.10 23.23
N SER F 268 -12.16 -27.82 23.66
CA SER F 268 -12.34 -28.91 24.61
C SER F 268 -12.36 -28.40 26.04
N GLU F 269 -12.76 -29.26 26.97
CA GLU F 269 -12.84 -28.92 28.38
C GLU F 269 -11.43 -28.72 28.95
N GLU F 270 -10.45 -29.33 28.29
CA GLU F 270 -9.05 -29.23 28.70
C GLU F 270 -8.55 -27.79 28.73
N PHE F 271 -9.05 -26.97 27.81
CA PHE F 271 -8.61 -25.59 27.69
C PHE F 271 -9.73 -24.59 27.99
N SER F 272 -10.82 -25.10 28.56
CA SER F 272 -11.99 -24.27 28.85
C SER F 272 -11.68 -23.18 29.88
N ASP F 273 -10.82 -23.51 30.84
CA ASP F 273 -10.48 -22.57 31.91
C ASP F 273 -9.60 -21.43 31.40
N LYS F 274 -8.91 -21.66 30.29
CA LYS F 274 -8.03 -20.65 29.73
C LYS F 274 -8.74 -19.73 28.73
N ILE F 275 -9.64 -20.31 27.94
CA ILE F 275 -10.40 -19.54 26.97
C ILE F 275 -11.50 -18.71 27.66
N THR F 276 -12.22 -19.35 28.57
CA THR F 276 -13.31 -18.69 29.28
C THR F 276 -12.82 -18.07 30.59
N LYS F 277 -11.56 -17.65 30.60
CA LYS F 277 -10.98 -17.06 31.81
C LYS F 277 -11.68 -15.76 32.18
N THR F 278 -12.31 -15.75 33.34
CA THR F 278 -13.03 -14.58 33.82
C THR F 278 -12.07 -13.53 34.37
N SER F 279 -12.49 -12.27 34.29
CA SER F 279 -11.68 -11.15 34.78
C SER F 279 -11.66 -11.12 36.31
N GLU F 280 -10.84 -10.24 36.87
CA GLU F 280 -10.71 -10.13 38.32
C GLU F 280 -11.65 -9.08 38.89
N LYS F 281 -11.77 -7.96 38.17
CA LYS F 281 -12.67 -6.88 38.60
C LYS F 281 -14.12 -7.29 38.38
N PHE F 282 -14.36 -8.04 37.32
CA PHE F 282 -15.71 -8.51 37.00
C PHE F 282 -15.71 -10.03 36.83
N PRO F 283 -16.09 -10.76 37.88
CA PRO F 283 -16.08 -12.23 37.91
C PRO F 283 -17.12 -12.89 37.01
N VAL F 284 -17.70 -12.13 36.09
CA VAL F 284 -18.69 -12.66 35.17
C VAL F 284 -18.23 -12.52 33.72
N LYS F 285 -17.58 -11.40 33.43
CA LYS F 285 -17.11 -11.11 32.08
C LYS F 285 -15.80 -11.83 31.75
N GLU F 286 -15.77 -12.50 30.61
CA GLU F 286 -14.57 -13.21 30.17
C GLU F 286 -13.56 -12.24 29.58
N ILE F 287 -12.29 -12.47 29.85
CA ILE F 287 -11.22 -11.59 29.40
C ILE F 287 -11.04 -11.65 27.89
N GLU F 288 -10.79 -12.85 27.37
CA GLU F 288 -10.52 -13.02 25.95
C GLU F 288 -11.75 -12.73 25.10
N MET F 289 -12.92 -12.85 25.71
CA MET F 289 -14.18 -12.57 25.01
C MET F 289 -14.58 -11.12 25.19
N LEU F 290 -13.79 -10.39 25.98
CA LEU F 290 -14.04 -8.99 26.31
C LEU F 290 -15.40 -8.76 26.98
N GLY F 291 -15.96 -9.82 27.54
CA GLY F 291 -17.21 -9.73 28.28
C GLY F 291 -18.40 -9.28 27.46
N CYS F 292 -18.38 -9.56 26.16
CA CYS F 292 -19.48 -9.19 25.28
C CYS F 292 -20.65 -10.16 25.41
N THR F 293 -21.86 -9.63 25.49
CA THR F 293 -23.06 -10.45 25.60
C THR F 293 -23.44 -10.98 24.22
N SER F 294 -22.68 -10.58 23.21
CA SER F 294 -22.87 -11.01 21.83
C SER F 294 -24.25 -10.64 21.31
N ARG F 295 -24.47 -9.35 21.08
CA ARG F 295 -25.73 -8.87 20.53
C ARG F 295 -25.51 -8.18 19.20
N GLY F 296 -26.53 -8.20 18.35
CA GLY F 296 -26.46 -7.55 17.05
C GLY F 296 -27.07 -8.37 15.93
N LEU F 297 -26.80 -7.97 14.70
CA LEU F 297 -27.37 -8.64 13.53
C LEU F 297 -26.69 -9.95 13.11
N PRO F 298 -25.35 -10.00 13.07
CA PRO F 298 -24.70 -11.26 12.67
C PRO F 298 -25.01 -12.43 13.61
N ILE F 299 -25.20 -12.14 14.90
CA ILE F 299 -25.48 -13.19 15.87
C ILE F 299 -26.94 -13.65 15.77
N VAL F 300 -27.81 -12.77 15.29
CA VAL F 300 -29.21 -13.11 15.10
C VAL F 300 -29.39 -13.91 13.82
N THR F 301 -28.72 -13.51 12.75
CA THR F 301 -28.77 -14.21 11.48
C THR F 301 -28.17 -15.61 11.57
N LEU F 302 -27.21 -15.78 12.49
CA LEU F 302 -26.57 -17.07 12.69
C LEU F 302 -27.52 -18.06 13.36
N MET F 303 -28.29 -17.57 14.32
CA MET F 303 -29.26 -18.41 15.01
C MET F 303 -30.51 -18.64 14.16
N ALA F 304 -30.84 -17.65 13.32
CA ALA F 304 -32.00 -17.74 12.46
C ALA F 304 -31.75 -18.70 11.30
N SER F 305 -30.52 -18.72 10.80
CA SER F 305 -30.15 -19.58 9.68
C SER F 305 -29.61 -20.92 10.16
N PHE F 306 -29.55 -21.10 11.48
CA PHE F 306 -29.03 -22.33 12.06
C PHE F 306 -29.81 -23.60 11.67
N PRO F 307 -31.16 -23.54 11.68
CA PRO F 307 -31.87 -24.73 11.19
C PRO F 307 -31.60 -25.00 9.72
N HIS F 308 -31.36 -23.94 8.95
CA HIS F 308 -31.06 -24.07 7.53
C HIS F 308 -29.68 -24.69 7.32
N VAL F 309 -28.76 -24.36 8.21
CA VAL F 309 -27.39 -24.87 8.12
C VAL F 309 -27.32 -26.35 8.53
N VAL F 310 -27.93 -26.67 9.66
CA VAL F 310 -27.91 -28.03 10.19
C VAL F 310 -28.69 -29.01 9.29
N GLU F 311 -29.52 -28.47 8.42
CA GLU F 311 -30.32 -29.29 7.52
C GLU F 311 -29.69 -29.41 6.14
N ARG F 312 -28.84 -28.44 5.79
CA ARG F 312 -28.22 -28.43 4.47
C ARG F 312 -26.88 -29.18 4.47
N VAL F 313 -26.40 -29.55 5.64
CA VAL F 313 -25.17 -30.32 5.75
C VAL F 313 -25.43 -31.80 5.48
N LYS F 314 -26.69 -32.18 5.56
CA LYS F 314 -27.08 -33.57 5.30
C LYS F 314 -27.28 -33.81 3.80
N LYS F 315 -27.31 -32.71 3.04
CA LYS F 315 -27.42 -32.79 1.59
C LYS F 315 -26.19 -32.16 0.94
N TRP F 316 -25.02 -32.49 1.48
CA TRP F 316 -23.76 -31.92 1.00
C TRP F 316 -23.28 -32.57 -0.29
N ASP F 317 -23.64 -33.84 -0.48
CA ASP F 317 -23.25 -34.58 -1.68
C ASP F 317 -23.97 -34.07 -2.92
N GLU F 318 -25.11 -33.40 -2.70
CA GLU F 318 -25.87 -32.82 -3.80
C GLU F 318 -25.18 -31.57 -4.33
N GLU F 319 -24.46 -30.88 -3.45
CA GLU F 319 -23.69 -29.71 -3.85
C GLU F 319 -22.41 -30.14 -4.55
N LEU F 320 -21.86 -31.26 -4.11
CA LEU F 320 -20.69 -31.86 -4.77
C LEU F 320 -21.09 -32.35 -6.15
N LYS F 321 -22.35 -32.77 -6.27
CA LYS F 321 -22.89 -33.20 -7.54
C LYS F 321 -22.94 -32.03 -8.52
N LYS F 322 -23.30 -30.86 -8.00
CA LYS F 322 -23.29 -29.63 -8.79
C LYS F 322 -21.84 -29.27 -9.13
N THR F 323 -20.97 -29.42 -8.14
CA THR F 323 -19.56 -29.09 -8.29
C THR F 323 -18.87 -30.00 -9.30
N ARG F 324 -19.09 -31.31 -9.17
CA ARG F 324 -18.48 -32.28 -10.07
C ARG F 324 -19.05 -32.18 -11.49
N TYR F 325 -20.29 -31.72 -11.60
CA TYR F 325 -20.91 -31.51 -12.90
C TYR F 325 -20.21 -30.38 -13.66
N VAL F 326 -19.99 -29.27 -12.97
CA VAL F 326 -19.34 -28.10 -13.56
C VAL F 326 -17.93 -28.43 -14.06
N VAL F 327 -17.17 -29.15 -13.23
CA VAL F 327 -15.81 -29.54 -13.58
C VAL F 327 -15.79 -30.39 -14.84
N ASP F 328 -16.57 -31.47 -14.84
CA ASP F 328 -16.60 -32.40 -15.98
C ASP F 328 -17.12 -31.74 -17.26
N GLU F 329 -17.90 -30.68 -17.11
CA GLU F 329 -18.49 -30.01 -18.27
C GLU F 329 -17.56 -28.92 -18.82
N LEU F 330 -16.87 -28.24 -17.92
CA LEU F 330 -15.95 -27.17 -18.33
C LEU F 330 -14.61 -27.71 -18.83
N GLU F 331 -14.30 -28.95 -18.46
CA GLU F 331 -13.08 -29.60 -18.93
C GLU F 331 -13.17 -29.96 -20.41
N LYS F 332 -14.38 -29.92 -20.94
CA LYS F 332 -14.62 -30.20 -22.35
C LYS F 332 -14.22 -29.01 -23.21
N ILE F 333 -14.03 -27.87 -22.56
CA ILE F 333 -13.58 -26.66 -23.26
C ILE F 333 -12.06 -26.63 -23.35
N GLY F 334 -11.41 -26.62 -22.20
CA GLY F 334 -9.97 -26.56 -22.11
C GLY F 334 -9.52 -26.12 -20.74
N PHE F 335 -10.38 -26.28 -19.76
CA PHE F 335 -10.08 -25.90 -18.38
C PHE F 335 -9.67 -27.13 -17.60
N LYS F 336 -8.54 -27.06 -16.90
CA LYS F 336 -8.07 -28.19 -16.09
C LYS F 336 -8.28 -27.93 -14.60
N GLN F 337 -8.95 -28.86 -13.93
CA GLN F 337 -9.21 -28.74 -12.50
C GLN F 337 -7.92 -28.85 -11.70
N LEU F 338 -7.48 -27.72 -11.13
CA LEU F 338 -6.34 -27.73 -10.24
C LEU F 338 -6.79 -28.15 -8.85
N GLY F 339 -6.00 -28.98 -8.19
CA GLY F 339 -6.34 -29.48 -6.88
C GLY F 339 -6.60 -30.97 -6.87
N ILE F 340 -7.08 -31.47 -5.74
CA ILE F 340 -7.37 -32.89 -5.58
C ILE F 340 -8.53 -33.32 -6.48
N LYS F 341 -8.32 -34.34 -7.29
CA LYS F 341 -9.37 -34.88 -8.16
C LYS F 341 -9.84 -36.24 -7.67
N PRO F 342 -11.16 -36.44 -7.61
CA PRO F 342 -12.19 -35.46 -7.96
C PRO F 342 -12.41 -34.43 -6.85
N LYS F 343 -13.17 -33.38 -7.14
CA LYS F 343 -13.37 -32.30 -6.19
C LYS F 343 -14.17 -32.75 -4.98
N GLU F 344 -13.68 -32.39 -3.80
CA GLU F 344 -14.34 -32.78 -2.55
C GLU F 344 -14.93 -31.55 -1.86
N HIS F 345 -14.94 -30.42 -2.56
CA HIS F 345 -15.47 -29.18 -2.02
C HIS F 345 -15.95 -28.28 -3.15
N ASP F 346 -16.87 -27.37 -2.84
CA ASP F 346 -17.48 -26.51 -3.85
C ASP F 346 -16.50 -25.51 -4.47
N LEU F 347 -15.44 -25.18 -3.72
CA LEU F 347 -14.42 -24.25 -4.22
C LEU F 347 -13.55 -24.91 -5.29
N ILE F 348 -13.74 -24.46 -6.54
CA ILE F 348 -12.97 -25.00 -7.66
C ILE F 348 -11.98 -23.97 -8.16
N LYS F 349 -10.88 -24.45 -8.76
CA LYS F 349 -9.90 -23.57 -9.37
C LYS F 349 -9.40 -24.16 -10.69
N PHE F 350 -9.78 -23.52 -11.79
CA PHE F 350 -9.40 -23.99 -13.11
C PHE F 350 -8.18 -23.24 -13.65
N GLU F 351 -7.32 -23.98 -14.34
CA GLU F 351 -6.28 -23.36 -15.15
C GLU F 351 -6.83 -23.22 -16.57
N THR F 352 -6.92 -21.98 -17.04
CA THR F 352 -7.54 -21.72 -18.34
C THR F 352 -6.55 -21.13 -19.32
N PRO F 353 -5.85 -22.00 -20.07
CA PRO F 353 -4.93 -21.54 -21.12
C PRO F 353 -5.70 -20.92 -22.27
N VAL F 354 -6.96 -21.30 -22.41
CA VAL F 354 -7.83 -20.80 -23.47
C VAL F 354 -8.09 -19.30 -23.28
N LEU F 355 -8.47 -18.92 -22.07
CA LEU F 355 -8.79 -17.53 -21.76
C LEU F 355 -7.59 -16.60 -21.97
N ASP F 356 -6.39 -17.15 -21.84
CA ASP F 356 -5.17 -16.39 -22.10
C ASP F 356 -5.03 -16.10 -23.59
N GLU F 357 -5.25 -17.12 -24.42
CA GLU F 357 -5.11 -16.99 -25.86
C GLU F 357 -6.13 -15.99 -26.42
N ILE F 358 -7.34 -16.04 -25.89
CA ILE F 358 -8.39 -15.11 -26.31
C ILE F 358 -8.03 -13.69 -25.90
N ALA F 359 -7.49 -13.56 -24.70
CA ALA F 359 -7.10 -12.26 -24.16
C ALA F 359 -5.94 -11.64 -24.96
N LYS F 360 -5.15 -12.49 -25.61
CA LYS F 360 -4.02 -12.03 -26.39
C LYS F 360 -4.44 -11.51 -27.76
N LYS F 361 -5.72 -11.68 -28.09
CA LYS F 361 -6.22 -11.23 -29.39
C LYS F 361 -7.57 -10.51 -29.26
N ASP F 362 -8.01 -10.27 -28.03
CA ASP F 362 -9.24 -9.52 -27.79
C ASP F 362 -8.91 -8.11 -27.31
N LYS F 363 -9.64 -7.13 -27.84
CA LYS F 363 -9.40 -5.72 -27.56
C LYS F 363 -9.41 -5.37 -26.07
N ARG F 364 -10.24 -6.08 -25.32
CA ARG F 364 -10.40 -5.78 -23.89
C ARG F 364 -9.33 -6.44 -23.03
N ARG F 365 -8.25 -6.88 -23.66
CA ARG F 365 -7.15 -7.54 -22.96
C ARG F 365 -7.63 -8.74 -22.14
N GLY F 366 -7.17 -8.82 -20.90
CA GLY F 366 -7.58 -9.89 -20.00
C GLY F 366 -8.87 -9.55 -19.28
N PHE F 367 -9.44 -8.39 -19.60
CA PHE F 367 -10.68 -7.94 -18.99
C PHE F 367 -11.90 -8.33 -19.80
N PHE F 368 -11.67 -9.03 -20.92
CA PHE F 368 -12.75 -9.42 -21.81
C PHE F 368 -13.69 -10.38 -21.10
N PHE F 369 -13.13 -11.26 -20.29
CA PHE F 369 -13.90 -12.30 -19.62
C PHE F 369 -14.82 -11.71 -18.55
N TYR F 370 -14.31 -10.71 -17.84
CA TYR F 370 -15.09 -10.01 -16.84
C TYR F 370 -16.22 -9.23 -17.50
N ASP F 371 -15.96 -8.74 -18.71
CA ASP F 371 -16.95 -7.98 -19.46
C ASP F 371 -18.02 -8.89 -20.05
N GLU F 372 -17.58 -10.01 -20.61
CA GLU F 372 -18.50 -10.95 -21.26
C GLU F 372 -19.43 -11.64 -20.26
N LEU F 373 -18.98 -11.79 -19.03
CA LEU F 373 -19.82 -12.37 -17.98
C LEU F 373 -20.83 -11.35 -17.46
N LYS F 374 -20.46 -10.08 -17.50
CA LYS F 374 -21.34 -9.00 -17.08
C LYS F 374 -22.55 -8.90 -18.00
N LYS F 375 -22.34 -9.14 -19.29
CA LYS F 375 -23.41 -9.11 -20.28
C LYS F 375 -24.44 -10.20 -20.03
N ARG F 376 -23.98 -11.31 -19.44
CA ARG F 376 -24.85 -12.46 -19.21
C ARG F 376 -25.27 -12.56 -17.75
N GLY F 377 -25.07 -11.49 -16.99
CA GLY F 377 -25.48 -11.44 -15.61
C GLY F 377 -24.76 -12.43 -14.71
N ILE F 378 -23.44 -12.48 -14.84
CA ILE F 378 -22.62 -13.38 -14.03
C ILE F 378 -21.41 -12.65 -13.45
N GLY F 379 -21.21 -12.80 -12.15
CA GLY F 379 -20.08 -12.16 -11.47
C GLY F 379 -19.42 -13.07 -10.46
N GLY F 380 -18.32 -12.59 -9.88
CA GLY F 380 -17.60 -13.33 -8.86
C GLY F 380 -16.19 -13.71 -9.27
N ILE F 381 -15.80 -13.31 -10.48
CA ILE F 381 -14.49 -13.63 -11.01
C ILE F 381 -13.60 -12.40 -11.07
N ARG F 382 -12.33 -12.57 -10.67
CA ARG F 382 -11.35 -11.50 -10.71
C ARG F 382 -11.18 -10.96 -12.13
N ALA F 383 -11.16 -9.64 -12.26
CA ALA F 383 -11.01 -9.00 -13.56
C ALA F 383 -9.55 -8.93 -13.98
N GLY F 384 -9.30 -9.10 -15.27
CA GLY F 384 -7.94 -9.05 -15.80
C GLY F 384 -7.28 -10.41 -15.83
N VAL F 385 -7.45 -11.18 -14.76
CA VAL F 385 -6.85 -12.50 -14.65
C VAL F 385 -7.51 -13.49 -15.60
N THR F 386 -6.72 -14.07 -16.49
CA THR F 386 -7.22 -15.03 -17.46
C THR F 386 -6.42 -16.33 -17.47
N LYS F 387 -5.40 -16.40 -16.62
CA LYS F 387 -4.57 -17.60 -16.55
C LYS F 387 -5.22 -18.65 -15.66
N GLU F 388 -6.10 -18.21 -14.76
CA GLU F 388 -6.80 -19.11 -13.85
C GLU F 388 -8.04 -18.43 -13.28
N ILE F 389 -9.04 -19.24 -12.93
CA ILE F 389 -10.28 -18.72 -12.37
C ILE F 389 -10.73 -19.49 -11.13
N LYS F 390 -11.22 -18.75 -10.13
CA LYS F 390 -11.75 -19.35 -8.91
C LYS F 390 -13.25 -19.12 -8.82
N MET F 391 -14.02 -20.20 -8.69
CA MET F 391 -15.47 -20.08 -8.68
C MET F 391 -16.12 -21.19 -7.85
N SER F 392 -17.42 -21.02 -7.57
CA SER F 392 -18.17 -22.00 -6.81
C SER F 392 -19.66 -21.87 -7.10
N VAL F 393 -20.35 -23.01 -7.18
CA VAL F 393 -21.78 -23.03 -7.47
C VAL F 393 -22.58 -23.51 -6.27
N TYR F 394 -22.01 -23.36 -5.08
CA TYR F 394 -22.68 -23.78 -3.84
C TYR F 394 -23.92 -22.93 -3.57
N GLY F 395 -25.06 -23.58 -3.42
CA GLY F 395 -26.31 -22.90 -3.13
C GLY F 395 -27.12 -22.59 -4.36
N LEU F 396 -26.45 -22.55 -5.52
CA LEU F 396 -27.12 -22.25 -6.78
C LEU F 396 -28.14 -23.33 -7.16
N GLU F 397 -29.24 -22.90 -7.76
CA GLU F 397 -30.22 -23.83 -8.31
C GLU F 397 -29.59 -24.53 -9.51
N TRP F 398 -30.04 -25.74 -9.79
CA TRP F 398 -29.49 -26.52 -10.90
C TRP F 398 -29.66 -25.82 -12.25
N GLU F 399 -30.75 -25.06 -12.38
CA GLU F 399 -31.00 -24.29 -13.60
C GLU F 399 -29.97 -23.20 -13.74
N GLN F 400 -29.51 -22.68 -12.59
CA GLN F 400 -28.45 -21.66 -12.58
C GLN F 400 -27.10 -22.29 -12.83
N VAL F 401 -26.93 -23.53 -12.40
CA VAL F 401 -25.69 -24.27 -12.64
C VAL F 401 -25.52 -24.50 -14.13
N GLU F 402 -26.63 -24.76 -14.83
CA GLU F 402 -26.59 -24.96 -16.28
C GLU F 402 -26.40 -23.63 -17.01
N TYR F 403 -27.01 -22.57 -16.46
CA TYR F 403 -26.93 -21.25 -17.06
C TYR F 403 -25.50 -20.73 -17.08
N VAL F 404 -24.76 -21.00 -16.02
CA VAL F 404 -23.37 -20.56 -15.90
C VAL F 404 -22.47 -21.32 -16.87
N VAL F 405 -22.56 -22.65 -16.84
CA VAL F 405 -21.73 -23.50 -17.69
C VAL F 405 -21.94 -23.19 -19.16
N ASN F 406 -23.19 -23.06 -19.56
CA ASN F 406 -23.52 -22.74 -20.95
C ASN F 406 -23.06 -21.34 -21.34
N ALA F 407 -23.01 -20.43 -20.38
CA ALA F 407 -22.54 -19.08 -20.63
C ALA F 407 -21.06 -19.09 -20.99
N ILE F 408 -20.25 -19.73 -20.15
CA ILE F 408 -18.82 -19.85 -20.40
C ILE F 408 -18.53 -20.58 -21.70
N LYS F 409 -19.29 -21.63 -21.96
CA LYS F 409 -19.15 -22.41 -23.19
C LYS F 409 -19.42 -21.58 -24.43
N GLU F 410 -20.28 -20.57 -24.29
CA GLU F 410 -20.57 -19.66 -25.38
C GLU F 410 -19.53 -18.56 -25.49
N ILE F 411 -18.99 -18.14 -24.35
CA ILE F 411 -17.95 -17.11 -24.34
C ILE F 411 -16.70 -17.58 -25.05
N VAL F 412 -16.23 -18.77 -24.69
CA VAL F 412 -15.03 -19.34 -25.29
C VAL F 412 -15.25 -19.66 -26.78
N GLU F 413 -16.51 -19.88 -27.14
CA GLU F 413 -16.87 -20.20 -28.53
C GLU F 413 -17.02 -18.94 -29.38
N SER F 414 -17.80 -17.99 -28.89
CA SER F 414 -18.05 -16.74 -29.60
C SER F 414 -16.78 -15.91 -29.75
N CYS F 415 -15.95 -15.91 -28.71
CA CYS F 415 -14.70 -15.16 -28.73
C CYS F 415 -13.57 -15.97 -29.38
N LYS F 416 -13.95 -17.03 -30.08
CA LYS F 416 -13.00 -17.89 -30.78
C LYS F 416 -11.94 -18.47 -29.86
N ILE G 37 -59.30 -11.44 -9.44
CA ILE G 37 -57.85 -11.57 -9.45
C ILE G 37 -57.39 -12.76 -8.62
N SER G 38 -57.07 -13.86 -9.29
CA SER G 38 -56.59 -15.06 -8.61
C SER G 38 -55.18 -15.40 -9.05
N TYR G 39 -54.40 -15.98 -8.14
CA TYR G 39 -53.00 -16.30 -8.43
C TYR G 39 -52.88 -17.48 -9.38
N LYS G 40 -53.95 -18.28 -9.48
CA LYS G 40 -53.95 -19.44 -10.35
C LYS G 40 -54.00 -19.02 -11.80
N ASP G 41 -54.50 -17.80 -12.04
CA ASP G 41 -54.60 -17.26 -13.40
C ASP G 41 -53.26 -16.71 -13.88
N ALA G 42 -52.23 -16.84 -13.05
CA ALA G 42 -50.91 -16.32 -13.39
C ALA G 42 -50.30 -17.05 -14.58
N LYS G 43 -49.82 -16.28 -15.54
CA LYS G 43 -49.19 -16.81 -16.74
C LYS G 43 -47.73 -16.36 -16.78
N PRO G 44 -46.86 -17.16 -17.40
CA PRO G 44 -45.41 -16.90 -17.46
C PRO G 44 -45.05 -15.47 -17.84
N GLY G 45 -44.00 -14.94 -17.23
CA GLY G 45 -43.54 -13.59 -17.50
C GLY G 45 -42.17 -13.32 -16.91
N LYS G 46 -41.94 -12.06 -16.52
CA LYS G 46 -40.65 -11.68 -15.95
C LYS G 46 -40.82 -10.68 -14.81
N ILE G 47 -40.16 -10.96 -13.69
CA ILE G 47 -40.21 -10.08 -12.52
C ILE G 47 -39.43 -8.80 -12.77
N ASP G 48 -40.12 -7.66 -12.64
CA ASP G 48 -39.48 -6.37 -12.78
C ASP G 48 -38.72 -6.02 -11.50
N VAL G 49 -37.39 -6.11 -11.56
CA VAL G 49 -36.54 -5.87 -10.41
C VAL G 49 -36.66 -4.43 -9.92
N ASN G 50 -36.58 -3.48 -10.85
CA ASN G 50 -36.68 -2.07 -10.54
C ASN G 50 -37.99 -1.72 -9.83
N GLU G 51 -39.09 -2.25 -10.35
CA GLU G 51 -40.40 -1.97 -9.79
C GLU G 51 -40.59 -2.66 -8.43
N PHE G 52 -39.92 -3.79 -8.26
CA PHE G 52 -39.99 -4.52 -7.00
C PHE G 52 -39.17 -3.83 -5.92
N LYS G 53 -38.05 -3.23 -6.33
CA LYS G 53 -37.18 -2.54 -5.39
C LYS G 53 -37.81 -1.22 -4.94
N LYS G 54 -38.68 -0.67 -5.79
CA LYS G 54 -39.40 0.55 -5.44
C LYS G 54 -40.50 0.26 -4.42
N ALA G 55 -41.16 -0.88 -4.59
CA ALA G 55 -42.21 -1.29 -3.67
C ALA G 55 -41.65 -1.65 -2.30
N ILE G 56 -40.41 -2.12 -2.29
CA ILE G 56 -39.73 -2.47 -1.04
C ILE G 56 -39.35 -1.21 -0.27
N TYR G 57 -38.73 -0.25 -0.95
CA TYR G 57 -38.29 0.99 -0.32
C TYR G 57 -39.44 1.78 0.28
N LEU G 58 -40.62 1.68 -0.33
CA LEU G 58 -41.80 2.39 0.15
C LEU G 58 -42.29 1.84 1.49
N LEU G 59 -42.25 0.52 1.64
CA LEU G 59 -42.63 -0.12 2.89
C LEU G 59 -41.57 0.14 3.96
N ILE G 60 -40.33 0.31 3.52
CA ILE G 60 -39.23 0.63 4.42
C ILE G 60 -39.41 2.03 5.00
N GLU G 61 -39.81 2.97 4.15
CA GLU G 61 -40.07 4.34 4.59
C GLU G 61 -41.31 4.39 5.49
N ALA G 62 -42.24 3.48 5.27
CA ALA G 62 -43.46 3.40 6.06
C ALA G 62 -43.19 2.74 7.40
N ASP G 63 -42.03 2.10 7.51
CA ASP G 63 -41.63 1.42 8.75
C ASP G 63 -41.22 2.45 9.81
N ASP G 64 -40.91 3.67 9.37
CA ASP G 64 -40.53 4.73 10.29
C ASP G 64 -41.71 5.19 11.15
N PHE G 65 -42.92 5.06 10.61
CA PHE G 65 -44.12 5.44 11.36
C PHE G 65 -44.36 4.50 12.53
N LEU G 66 -43.92 3.26 12.41
CA LEU G 66 -44.05 2.29 13.48
C LEU G 66 -43.11 2.60 14.64
N TYR G 67 -42.03 3.33 14.33
CA TYR G 67 -41.06 3.74 15.34
C TYR G 67 -41.38 5.13 15.89
N LYS G 68 -41.84 6.01 15.02
CA LYS G 68 -42.05 7.42 15.38
C LYS G 68 -43.45 7.70 15.93
N LYS G 69 -44.30 6.69 15.95
CA LYS G 69 -45.67 6.85 16.47
C LYS G 69 -46.04 5.77 17.48
N ALA G 70 -45.02 5.06 17.97
CA ALA G 70 -45.22 4.03 18.98
C ALA G 70 -45.72 4.63 20.29
N PRO G 71 -46.48 3.86 21.08
CA PRO G 71 -46.91 2.48 20.83
C PRO G 71 -48.34 2.41 20.28
N LYS G 72 -49.07 3.53 20.31
CA LYS G 72 -50.46 3.55 19.88
C LYS G 72 -50.62 3.52 18.37
N HIS G 73 -49.64 4.08 17.67
CA HIS G 73 -49.65 4.14 16.20
C HIS G 73 -50.90 4.81 15.64
N GLU G 74 -51.45 5.75 16.40
CA GLU G 74 -52.65 6.46 15.98
C GLU G 74 -52.31 7.73 15.21
N LEU G 75 -52.78 7.80 13.97
CA LEU G 75 -52.46 8.93 13.09
C LEU G 75 -53.61 9.93 13.05
N ASN G 76 -53.28 11.17 12.68
CA ASN G 76 -54.29 12.19 12.50
C ASN G 76 -54.75 12.30 11.05
N GLU G 77 -54.98 13.53 10.59
CA GLU G 77 -55.42 13.74 9.21
C GLU G 77 -54.24 13.87 8.26
N GLU G 78 -53.15 14.46 8.74
CA GLU G 78 -51.98 14.66 7.90
C GLU G 78 -51.06 13.45 7.92
N GLU G 79 -50.92 12.82 9.09
CA GLU G 79 -50.08 11.64 9.23
C GLU G 79 -50.64 10.45 8.45
N ALA G 80 -51.97 10.42 8.29
CA ALA G 80 -52.62 9.36 7.55
C ALA G 80 -52.40 9.54 6.05
N LYS G 81 -52.55 10.77 5.57
CA LYS G 81 -52.33 11.10 4.16
C LYS G 81 -50.89 10.85 3.76
N GLU G 82 -49.97 11.03 4.70
CA GLU G 82 -48.56 10.80 4.46
C GLU G 82 -48.25 9.30 4.46
N PHE G 83 -48.93 8.56 5.33
CA PHE G 83 -48.72 7.13 5.45
C PHE G 83 -49.38 6.36 4.32
N CYS G 84 -50.62 6.74 3.99
CA CYS G 84 -51.38 6.07 2.94
C CYS G 84 -50.77 6.31 1.56
N LYS G 85 -50.13 7.46 1.40
CA LYS G 85 -49.48 7.79 0.13
C LYS G 85 -48.35 6.81 -0.17
N LEU G 86 -47.70 6.33 0.86
CA LEU G 86 -46.64 5.33 0.71
C LEU G 86 -47.22 3.95 0.43
N ILE G 87 -48.37 3.67 1.04
CA ILE G 87 -49.03 2.38 0.87
C ILE G 87 -49.67 2.27 -0.53
N ILE G 88 -50.32 3.34 -0.96
CA ILE G 88 -50.95 3.38 -2.27
C ILE G 88 -49.91 3.22 -3.39
N LYS G 89 -48.82 3.95 -3.26
CA LYS G 89 -47.72 3.85 -4.22
C LYS G 89 -47.11 2.44 -4.23
N CYS G 90 -47.12 1.80 -3.06
CA CYS G 90 -46.58 0.44 -2.93
C CYS G 90 -47.40 -0.56 -3.73
N GLN G 91 -48.71 -0.53 -3.54
CA GLN G 91 -49.61 -1.42 -4.27
C GLN G 91 -49.59 -1.12 -5.76
N GLU G 92 -49.38 0.15 -6.10
CA GLU G 92 -49.32 0.57 -7.50
C GLU G 92 -48.12 -0.06 -8.20
N HIS G 93 -47.01 -0.17 -7.49
CA HIS G 93 -45.82 -0.82 -8.02
C HIS G 93 -46.00 -2.34 -8.05
N LEU G 94 -46.72 -2.87 -7.08
CA LEU G 94 -47.00 -4.30 -7.02
C LEU G 94 -47.98 -4.70 -8.12
N ASN G 95 -48.86 -3.77 -8.50
CA ASN G 95 -49.81 -4.02 -9.57
C ASN G 95 -49.13 -4.08 -10.93
N LYS G 96 -48.10 -3.26 -11.12
CA LYS G 96 -47.32 -3.26 -12.36
C LYS G 96 -46.46 -4.52 -12.44
N ILE G 97 -46.14 -5.09 -11.29
CA ILE G 97 -45.40 -6.35 -11.24
C ILE G 97 -46.26 -7.48 -11.77
N LEU G 98 -47.52 -7.53 -11.31
CA LEU G 98 -48.46 -8.54 -11.73
C LEU G 98 -48.83 -8.39 -13.21
N ALA G 99 -48.65 -7.18 -13.73
CA ALA G 99 -48.97 -6.89 -15.13
C ALA G 99 -48.10 -7.70 -16.08
N ASN G 100 -46.93 -8.12 -15.61
CA ASN G 100 -46.02 -8.95 -16.41
C ASN G 100 -46.42 -10.41 -16.36
N PHE G 101 -47.54 -10.71 -15.71
CA PHE G 101 -48.00 -12.08 -15.56
C PHE G 101 -49.47 -12.25 -15.98
N GLY G 102 -49.88 -11.44 -16.95
CA GLY G 102 -51.21 -11.55 -17.51
C GLY G 102 -52.32 -11.01 -16.62
N PHE G 103 -52.02 -9.95 -15.89
CA PHE G 103 -53.03 -9.30 -15.04
C PHE G 103 -53.35 -7.90 -15.57
N GLU G 104 -54.43 -7.31 -15.04
CA GLU G 104 -54.86 -5.99 -15.48
C GLU G 104 -55.37 -5.17 -14.28
N PHE G 105 -55.06 -3.88 -14.30
CA PHE G 105 -55.47 -2.98 -13.23
C PHE G 105 -56.98 -2.95 -13.05
N SER H 38 -57.14 7.90 -3.99
CA SER H 38 -56.33 9.05 -3.58
C SER H 38 -56.02 9.01 -2.09
N TYR H 39 -54.82 9.46 -1.73
CA TYR H 39 -54.39 9.45 -0.34
C TYR H 39 -54.95 10.64 0.43
N LYS H 40 -55.45 11.64 -0.31
CA LYS H 40 -55.94 12.87 0.30
C LYS H 40 -57.23 12.66 1.09
N ASP H 41 -57.93 11.57 0.80
CA ASP H 41 -59.20 11.27 1.47
C ASP H 41 -58.99 10.40 2.71
N ALA H 42 -57.76 10.34 3.19
CA ALA H 42 -57.42 9.50 4.33
C ALA H 42 -57.92 10.10 5.65
N LYS H 43 -58.67 9.30 6.40
CA LYS H 43 -59.21 9.72 7.69
C LYS H 43 -58.32 9.20 8.83
N PRO H 44 -58.30 9.93 9.96
CA PRO H 44 -57.53 9.52 11.14
C PRO H 44 -57.91 8.13 11.64
N GLY H 45 -56.90 7.30 11.88
CA GLY H 45 -57.12 5.95 12.36
C GLY H 45 -55.88 5.32 12.96
N LYS H 46 -55.97 4.05 13.30
CA LYS H 46 -54.85 3.32 13.90
C LYS H 46 -54.26 2.30 12.93
N ILE H 47 -52.93 2.22 12.92
CA ILE H 47 -52.22 1.28 12.06
C ILE H 47 -52.18 -0.12 12.68
N ASP H 48 -52.60 -1.11 11.90
CA ASP H 48 -52.54 -2.50 12.34
C ASP H 48 -51.11 -3.01 12.18
N VAL H 49 -50.43 -3.16 13.31
CA VAL H 49 -49.03 -3.62 13.32
C VAL H 49 -48.92 -5.05 12.81
N ASN H 50 -49.83 -5.91 13.26
CA ASN H 50 -49.82 -7.31 12.85
C ASN H 50 -50.08 -7.48 11.35
N GLU H 51 -50.97 -6.65 10.81
CA GLU H 51 -51.31 -6.73 9.39
C GLU H 51 -50.19 -6.14 8.54
N PHE H 52 -49.45 -5.19 9.11
CA PHE H 52 -48.31 -4.60 8.42
C PHE H 52 -47.13 -5.56 8.44
N LYS H 53 -47.08 -6.39 9.49
CA LYS H 53 -46.02 -7.38 9.63
C LYS H 53 -46.23 -8.54 8.66
N LYS H 54 -47.49 -8.96 8.51
CA LYS H 54 -47.83 -10.04 7.58
C LYS H 54 -47.60 -9.63 6.14
N ALA H 55 -47.79 -8.35 5.86
CA ALA H 55 -47.63 -7.83 4.50
C ALA H 55 -46.16 -7.71 4.12
N ILE H 56 -45.33 -7.35 5.09
CA ILE H 56 -43.90 -7.18 4.84
C ILE H 56 -43.17 -8.52 4.90
N TYR H 57 -43.79 -9.51 5.56
CA TYR H 57 -43.24 -10.85 5.62
C TYR H 57 -43.36 -11.55 4.27
N LEU H 58 -44.49 -11.31 3.59
CA LEU H 58 -44.74 -11.92 2.30
C LEU H 58 -43.85 -11.35 1.21
N LEU H 59 -43.45 -10.09 1.38
CA LEU H 59 -42.59 -9.42 0.40
C LEU H 59 -41.14 -9.85 0.58
N ILE H 60 -40.82 -10.38 1.76
CA ILE H 60 -39.51 -10.94 2.04
C ILE H 60 -39.38 -12.31 1.40
N GLU H 61 -40.46 -13.10 1.51
CA GLU H 61 -40.49 -14.43 0.90
C GLU H 61 -40.49 -14.34 -0.62
N ALA H 62 -41.02 -13.25 -1.15
CA ALA H 62 -41.06 -13.02 -2.59
C ALA H 62 -39.72 -12.49 -3.08
N ASP H 63 -38.89 -12.03 -2.15
CA ASP H 63 -37.57 -11.50 -2.49
C ASP H 63 -36.61 -12.63 -2.87
N ASP H 64 -36.92 -13.85 -2.43
CA ASP H 64 -36.11 -15.01 -2.76
C ASP H 64 -36.14 -15.33 -4.25
N PHE H 65 -37.23 -14.97 -4.92
CA PHE H 65 -37.37 -15.20 -6.35
C PHE H 65 -36.40 -14.33 -7.14
N LEU H 66 -35.98 -13.22 -6.55
CA LEU H 66 -34.95 -12.38 -7.14
C LEU H 66 -33.61 -13.09 -7.06
N TYR H 67 -33.44 -13.88 -6.00
CA TYR H 67 -32.22 -14.67 -5.81
C TYR H 67 -32.25 -15.94 -6.63
N LYS H 68 -33.25 -16.78 -6.38
CA LYS H 68 -33.30 -18.12 -6.95
C LYS H 68 -33.55 -18.18 -8.46
N LYS H 69 -33.87 -17.03 -9.06
CA LYS H 69 -34.15 -17.00 -10.49
C LYS H 69 -33.30 -15.98 -11.23
N ALA H 70 -32.14 -15.66 -10.66
CA ALA H 70 -31.21 -14.72 -11.29
C ALA H 70 -30.57 -15.35 -12.53
N PRO H 71 -30.21 -14.52 -13.52
CA PRO H 71 -30.45 -13.08 -13.58
C PRO H 71 -31.65 -12.69 -14.45
N LYS H 72 -32.13 -13.63 -15.25
CA LYS H 72 -33.20 -13.34 -16.21
C LYS H 72 -34.55 -13.06 -15.54
N HIS H 73 -34.74 -13.63 -14.35
CA HIS H 73 -35.98 -13.46 -13.59
C HIS H 73 -37.22 -13.84 -14.39
N GLU H 74 -37.09 -14.86 -15.25
CA GLU H 74 -38.19 -15.31 -16.07
C GLU H 74 -38.84 -16.55 -15.46
N LEU H 75 -40.07 -16.39 -14.99
CA LEU H 75 -40.79 -17.48 -14.33
C LEU H 75 -41.65 -18.24 -15.32
N ASN H 76 -41.84 -19.54 -15.09
CA ASN H 76 -42.77 -20.32 -15.87
C ASN H 76 -44.19 -20.12 -15.32
N GLU H 77 -45.13 -20.98 -15.73
CA GLU H 77 -46.50 -20.84 -15.26
C GLU H 77 -46.62 -21.22 -13.79
N GLU H 78 -45.83 -22.20 -13.37
CA GLU H 78 -45.89 -22.70 -12.00
C GLU H 78 -45.23 -21.72 -11.03
N GLU H 79 -44.08 -21.18 -11.42
CA GLU H 79 -43.36 -20.23 -10.60
C GLU H 79 -44.11 -18.90 -10.51
N ALA H 80 -44.79 -18.52 -11.59
CA ALA H 80 -45.57 -17.29 -11.61
C ALA H 80 -46.76 -17.38 -10.67
N LYS H 81 -47.29 -18.58 -10.50
CA LYS H 81 -48.42 -18.79 -9.59
C LYS H 81 -47.98 -18.68 -8.14
N GLU H 82 -46.87 -19.34 -7.81
CA GLU H 82 -46.33 -19.30 -6.46
C GLU H 82 -45.92 -17.89 -6.07
N PHE H 83 -45.31 -17.17 -7.00
CA PHE H 83 -44.86 -15.81 -6.75
C PHE H 83 -46.02 -14.84 -6.59
N CYS H 84 -46.96 -14.87 -7.54
CA CYS H 84 -48.10 -13.96 -7.52
C CYS H 84 -49.05 -14.23 -6.36
N LYS H 85 -48.95 -15.43 -5.78
CA LYS H 85 -49.75 -15.77 -4.61
C LYS H 85 -49.27 -14.94 -3.42
N LEU H 86 -47.97 -14.68 -3.38
CA LEU H 86 -47.38 -13.87 -2.33
C LEU H 86 -47.74 -12.40 -2.52
N ILE H 87 -47.81 -11.97 -3.77
CA ILE H 87 -48.11 -10.58 -4.09
C ILE H 87 -49.57 -10.24 -3.84
N ILE H 88 -50.46 -11.16 -4.21
CA ILE H 88 -51.90 -10.96 -3.98
C ILE H 88 -52.21 -10.91 -2.49
N LYS H 89 -51.68 -11.87 -1.75
CA LYS H 89 -51.86 -11.91 -0.29
C LYS H 89 -51.28 -10.66 0.35
N CYS H 90 -50.18 -10.15 -0.22
CA CYS H 90 -49.56 -8.93 0.28
C CYS H 90 -50.50 -7.74 0.15
N GLN H 91 -51.18 -7.66 -0.99
CA GLN H 91 -52.10 -6.56 -1.25
C GLN H 91 -53.37 -6.69 -0.41
N GLU H 92 -53.73 -7.91 -0.03
CA GLU H 92 -54.90 -8.15 0.80
C GLU H 92 -54.67 -7.61 2.22
N HIS H 93 -53.46 -7.77 2.72
CA HIS H 93 -53.12 -7.26 4.04
C HIS H 93 -53.00 -5.74 4.04
N LEU H 94 -52.51 -5.19 2.93
CA LEU H 94 -52.38 -3.74 2.79
C LEU H 94 -53.75 -3.07 2.68
N ASN H 95 -54.70 -3.77 2.08
CA ASN H 95 -56.07 -3.27 1.96
C ASN H 95 -56.76 -3.18 3.31
N LYS H 96 -56.40 -4.09 4.21
CA LYS H 96 -56.97 -4.10 5.56
C LYS H 96 -56.38 -2.97 6.40
N ILE H 97 -55.16 -2.57 6.07
CA ILE H 97 -54.50 -1.45 6.74
C ILE H 97 -55.19 -0.14 6.37
N LEU H 98 -55.48 0.02 5.10
CA LEU H 98 -56.13 1.23 4.60
C LEU H 98 -57.61 1.28 5.00
N ALA H 99 -58.14 0.15 5.45
CA ALA H 99 -59.54 0.07 5.84
C ALA H 99 -59.82 0.87 7.10
N ASN H 100 -58.80 1.10 7.90
CA ASN H 100 -58.94 1.86 9.15
C ASN H 100 -58.75 3.36 8.94
N PHE H 101 -58.51 3.75 7.69
CA PHE H 101 -58.30 5.16 7.37
C PHE H 101 -59.39 5.72 6.47
N GLY H 102 -60.50 4.99 6.36
CA GLY H 102 -61.64 5.44 5.59
C GLY H 102 -61.60 5.01 4.14
N PHE H 103 -61.06 3.82 3.88
CA PHE H 103 -61.02 3.27 2.53
C PHE H 103 -61.73 1.92 2.45
N GLU H 104 -62.80 1.86 1.68
CA GLU H 104 -63.59 0.64 1.55
C GLU H 104 -63.22 -0.12 0.28
N PHE H 105 -63.32 -1.45 0.35
CA PHE H 105 -63.01 -2.29 -0.81
C PHE H 105 -64.05 -3.41 -0.96
#